data_5XFL
#
_entry.id   5XFL
#
_cell.length_a   131.728
_cell.length_b   52.206
_cell.length_c   154.310
_cell.angle_alpha   90.00
_cell.angle_beta   95.05
_cell.angle_gamma   90.00
#
_symmetry.space_group_name_H-M   'P 1 21 1'
#
loop_
_entity.id
_entity.type
_entity.pdbx_description
1 polymer 'Catenin alpha-2'
2 water water
#
_entity_poly.entity_id   1
_entity_poly.type   'polypeptide(L)'
_entity_poly.pdbx_seq_one_letter_code
;GPATSPTDEAKGHTGIGELAAALNEFDNKIILDPMTFSEARFRPSLEERLESIISGAALMADSSCTRDDRRERIVAECNA
VRQALQDLLSEYMNNTGRKEKGDPLNIAIDKMTKKTRDLRRQLRKAVMDHISDSFLETNVPLLVLIEAAKSGNEKEVKEY
AQVFREHANKLVEVANLACSISNNEEGVKLVRMAATQIDSLCPQVINAALTLAARPQSKVAQDNMDVFKDQWEKQVRVLT
EAVDDITSVDDFLSVSENHILEDVNKCVIALQEGDVDTLDRTAGAIRGRAARVIHIINAEMENYEAGVYTEKVLEATKLL
SETVMPRFAEQVEVAIEALSANVPQPFEENEFIDASRLVYDGVRDIRKAVLMIRT
;
_entity_poly.pdbx_strand_id   A,B,C,D
#
# COMPACT_ATOMS: atom_id res chain seq x y z
N THR A 14 -24.74 15.55 8.82
CA THR A 14 -25.70 16.65 9.10
C THR A 14 -24.92 17.93 9.32
N GLY A 15 -25.34 18.99 8.63
CA GLY A 15 -24.67 20.26 8.76
C GLY A 15 -23.75 20.54 7.60
N ILE A 16 -23.63 21.82 7.27
CA ILE A 16 -22.59 22.26 6.36
C ILE A 16 -21.47 22.90 7.15
N GLY A 17 -20.49 23.47 6.47
CA GLY A 17 -19.36 24.12 7.14
C GLY A 17 -19.84 25.27 8.03
N GLU A 18 -19.18 25.45 9.18
CA GLU A 18 -19.61 26.44 10.19
C GLU A 18 -19.41 27.84 9.64
N LEU A 19 -18.33 28.02 8.92
CA LEU A 19 -18.08 29.31 8.37
C LEU A 19 -19.02 29.61 7.21
N ALA A 20 -19.18 28.63 6.31
CA ALA A 20 -20.21 28.69 5.26
C ALA A 20 -21.60 29.05 5.78
N ALA A 21 -22.01 28.37 6.84
CA ALA A 21 -23.36 28.51 7.36
C ALA A 21 -23.53 29.91 7.96
N ALA A 22 -22.55 30.34 8.74
CA ALA A 22 -22.49 31.71 9.26
C ALA A 22 -22.66 32.79 8.17
N LEU A 23 -21.87 32.68 7.10
CA LEU A 23 -21.99 33.56 5.93
C LEU A 23 -23.38 33.48 5.29
N ASN A 24 -23.92 32.26 5.19
CA ASN A 24 -25.22 32.14 4.55
C ASN A 24 -26.30 32.80 5.39
N GLU A 25 -26.26 32.59 6.71
CA GLU A 25 -27.25 33.15 7.61
C GLU A 25 -27.12 34.66 7.56
N PHE A 26 -25.88 35.13 7.55
CA PHE A 26 -25.63 36.57 7.59
C PHE A 26 -26.32 37.22 6.38
N ASP A 27 -26.32 36.52 5.25
CA ASP A 27 -26.90 37.07 4.03
C ASP A 27 -28.41 37.16 4.17
N ASN A 28 -28.98 36.22 4.91
CA ASN A 28 -30.42 36.19 5.18
C ASN A 28 -30.81 37.22 6.22
N LYS A 29 -30.03 37.29 7.28
CA LYS A 29 -30.35 38.11 8.44
C LYS A 29 -30.26 39.61 8.14
N ILE A 30 -29.61 39.97 7.04
CA ILE A 30 -29.48 41.39 6.70
C ILE A 30 -30.72 41.94 6.03
N ILE A 31 -31.68 41.07 5.76
CA ILE A 31 -32.90 41.45 5.07
C ILE A 31 -34.01 41.63 6.12
N LEU A 32 -34.45 42.88 6.24
CA LEU A 32 -35.26 43.31 7.35
C LEU A 32 -36.46 44.11 6.82
N ASP A 33 -37.56 44.10 7.57
CA ASP A 33 -38.70 44.95 7.28
C ASP A 33 -38.27 46.39 7.57
N PRO A 34 -38.27 47.25 6.54
CA PRO A 34 -37.73 48.60 6.63
C PRO A 34 -38.48 49.44 7.66
N MET A 35 -39.72 49.08 7.94
CA MET A 35 -40.60 49.96 8.71
C MET A 35 -40.38 49.77 10.18
N THR A 36 -40.32 48.50 10.58
CA THR A 36 -40.16 48.14 11.96
C THR A 36 -38.67 48.17 12.42
N PHE A 37 -37.79 48.72 11.57
CA PHE A 37 -36.35 48.72 11.88
C PHE A 37 -35.87 49.72 12.95
N SER A 38 -35.03 49.23 13.85
CA SER A 38 -34.28 50.15 14.72
C SER A 38 -32.87 49.63 14.89
N GLU A 39 -31.89 50.55 14.91
CA GLU A 39 -30.50 50.14 15.10
C GLU A 39 -30.29 49.41 16.42
N ALA A 40 -30.97 49.89 17.45
CA ALA A 40 -30.83 49.32 18.77
C ALA A 40 -31.11 47.82 18.72
N ARG A 41 -32.07 47.44 17.89
CA ARG A 41 -32.58 46.07 17.85
C ARG A 41 -31.70 45.13 17.00
N PHE A 42 -31.03 45.65 15.98
CA PHE A 42 -30.41 44.74 15.02
C PHE A 42 -28.91 44.88 14.90
N ARG A 43 -28.42 46.08 15.12
CA ARG A 43 -27.01 46.37 15.01
C ARG A 43 -26.12 45.36 15.76
N PRO A 44 -26.43 45.10 17.04
CA PRO A 44 -25.59 44.22 17.88
C PRO A 44 -25.43 42.82 17.31
N SER A 45 -26.49 42.24 16.77
CA SER A 45 -26.41 40.84 16.37
C SER A 45 -25.81 40.75 14.98
N LEU A 46 -26.16 41.70 14.14
CA LEU A 46 -25.58 41.82 12.83
C LEU A 46 -24.07 42.05 12.91
N GLU A 47 -23.67 42.97 13.76
CA GLU A 47 -22.26 43.24 13.96
C GLU A 47 -21.55 42.01 14.50
N GLU A 48 -22.21 41.29 15.40
CA GLU A 48 -21.55 40.17 16.04
C GLU A 48 -21.33 39.01 15.07
N ARG A 49 -22.36 38.71 14.27
CA ARG A 49 -22.26 37.68 13.25
C ARG A 49 -21.09 37.98 12.35
N LEU A 50 -21.00 39.22 11.90
CA LEU A 50 -20.00 39.56 10.91
C LEU A 50 -18.57 39.45 11.47
N GLU A 51 -18.37 39.93 12.69
CA GLU A 51 -17.07 39.84 13.36
C GLU A 51 -16.65 38.39 13.58
N SER A 52 -17.61 37.56 13.93
CA SER A 52 -17.36 36.15 14.08
C SER A 52 -16.91 35.54 12.75
N ILE A 53 -17.58 35.92 11.66
CA ILE A 53 -17.11 35.55 10.34
C ILE A 53 -15.69 36.07 10.10
N ILE A 54 -15.43 37.28 10.58
CA ILE A 54 -14.14 37.87 10.29
C ILE A 54 -13.02 37.19 11.05
N SER A 55 -13.29 36.74 12.28
CA SER A 55 -12.33 35.93 13.02
C SER A 55 -11.98 34.67 12.28
N GLY A 56 -12.98 34.01 11.69
CA GLY A 56 -12.73 32.79 10.94
C GLY A 56 -11.87 33.09 9.73
N ALA A 57 -12.19 34.19 9.03
CA ALA A 57 -11.48 34.55 7.82
C ALA A 57 -10.02 34.87 8.15
N ALA A 58 -9.81 35.46 9.33
CA ALA A 58 -8.47 35.92 9.75
C ALA A 58 -7.59 34.77 10.18
N LEU A 59 -8.15 33.87 10.99
CA LEU A 59 -7.52 32.58 11.21
C LEU A 59 -7.05 31.97 9.87
N MET A 60 -7.97 31.92 8.92
CA MET A 60 -7.69 31.30 7.62
C MET A 60 -6.51 32.02 7.00
N ALA A 61 -6.51 33.35 7.11
CA ALA A 61 -5.55 34.17 6.40
C ALA A 61 -4.16 34.06 7.04
N ASP A 62 -4.11 33.75 8.32
CA ASP A 62 -2.85 33.68 9.05
C ASP A 62 -2.30 32.27 8.98
N SER A 63 -3.05 31.39 8.32
CA SER A 63 -2.73 29.97 8.36
C SER A 63 -1.54 29.65 7.46
N SER A 64 -0.75 28.68 7.87
CA SER A 64 0.59 28.40 7.30
C SER A 64 0.74 28.47 5.77
N CYS A 65 -0.23 27.95 5.02
CA CYS A 65 -0.09 27.86 3.57
C CYS A 65 -0.64 29.07 2.79
N THR A 66 -1.50 29.86 3.43
CA THR A 66 -2.05 31.05 2.77
C THR A 66 -0.89 31.88 2.24
N ARG A 67 -0.86 32.11 0.93
CA ARG A 67 0.18 32.97 0.37
C ARG A 67 -0.03 34.42 0.82
N ASP A 68 1.04 35.20 0.73
CA ASP A 68 1.02 36.61 1.16
C ASP A 68 -0.08 37.40 0.45
N ASP A 69 -0.10 37.28 -0.88
CA ASP A 69 -1.04 38.05 -1.68
C ASP A 69 -2.43 37.72 -1.17
N ARG A 70 -2.66 36.44 -0.86
CA ARG A 70 -3.97 35.99 -0.49
C ARG A 70 -4.37 36.50 0.88
N ARG A 71 -3.42 36.60 1.79
CA ARG A 71 -3.71 37.08 3.13
C ARG A 71 -4.08 38.52 2.98
N GLU A 72 -3.38 39.21 2.10
CA GLU A 72 -3.67 40.62 1.83
C GLU A 72 -5.08 40.83 1.30
N ARG A 73 -5.49 40.02 0.33
CA ARG A 73 -6.81 40.19 -0.28
C ARG A 73 -7.94 39.84 0.71
N ILE A 74 -7.78 38.74 1.43
CA ILE A 74 -8.71 38.40 2.50
C ILE A 74 -8.84 39.55 3.49
N VAL A 75 -7.71 40.06 3.98
CA VAL A 75 -7.74 41.20 4.88
C VAL A 75 -8.50 42.38 4.29
N ALA A 76 -8.26 42.67 3.01
CA ALA A 76 -8.97 43.77 2.38
C ALA A 76 -10.49 43.49 2.30
N GLU A 77 -10.87 42.23 2.06
CA GLU A 77 -12.30 41.87 2.02
C GLU A 77 -12.98 41.93 3.39
N CYS A 78 -12.25 41.60 4.45
CA CYS A 78 -12.78 41.73 5.82
C CYS A 78 -13.07 43.22 6.21
N ASN A 79 -12.16 44.13 5.87
CA ASN A 79 -12.43 45.55 6.07
C ASN A 79 -13.60 46.05 5.19
N ALA A 80 -13.76 45.47 4.00
CA ALA A 80 -14.83 45.90 3.11
C ALA A 80 -16.24 45.41 3.49
N VAL A 81 -16.36 44.18 3.99
CA VAL A 81 -17.67 43.72 4.48
C VAL A 81 -18.07 44.56 5.70
N ARG A 82 -17.11 44.76 6.58
CA ARG A 82 -17.36 45.47 7.83
C ARG A 82 -17.87 46.86 7.51
N GLN A 83 -17.26 47.51 6.53
CA GLN A 83 -17.68 48.85 6.14
C GLN A 83 -18.98 48.76 5.36
N ALA A 84 -19.18 47.66 4.64
CA ALA A 84 -20.45 47.47 3.94
C ALA A 84 -21.66 47.35 4.88
N LEU A 85 -21.51 46.61 5.96
CA LEU A 85 -22.55 46.55 7.00
C LEU A 85 -22.81 47.90 7.62
N GLN A 86 -21.75 48.62 7.99
CA GLN A 86 -21.94 49.98 8.47
C GLN A 86 -22.80 50.78 7.49
N ASP A 87 -22.48 50.71 6.20
CA ASP A 87 -23.23 51.42 5.17
C ASP A 87 -24.68 50.97 5.10
N LEU A 88 -24.89 49.66 5.20
CA LEU A 88 -26.23 49.09 5.16
C LEU A 88 -27.07 49.54 6.37
N LEU A 89 -26.50 49.40 7.56
CA LEU A 89 -27.18 49.86 8.75
C LEU A 89 -27.53 51.33 8.68
N SER A 90 -26.65 52.14 8.13
CA SER A 90 -26.97 53.56 7.94
C SER A 90 -28.22 53.74 7.10
N GLU A 91 -28.30 52.98 6.02
CA GLU A 91 -29.39 53.07 5.08
C GLU A 91 -30.73 52.53 5.61
N TYR A 92 -30.67 51.49 6.42
CA TYR A 92 -31.83 51.08 7.21
C TYR A 92 -32.34 52.16 8.17
N MET A 93 -31.42 52.96 8.72
CA MET A 93 -31.76 54.00 9.68
C MET A 93 -32.55 55.17 9.06
N ASN A 94 -32.04 55.74 7.95
CA ASN A 94 -32.96 56.29 6.95
C ASN A 94 -33.90 55.18 6.52
N ASN A 95 -34.92 55.47 5.74
CA ASN A 95 -35.79 54.38 5.32
C ASN A 95 -36.61 53.74 6.47
N THR A 96 -36.42 54.20 7.70
CA THR A 96 -37.20 53.69 8.82
C THR A 96 -38.63 54.26 8.83
N GLY A 97 -39.62 53.40 9.12
CA GLY A 97 -41.01 53.84 9.16
C GLY A 97 -41.66 54.03 7.79
N ARG A 98 -41.02 53.54 6.73
CA ARG A 98 -41.68 53.40 5.44
C ARG A 98 -41.92 51.92 5.14
N LYS A 99 -42.89 51.64 4.27
CA LYS A 99 -43.30 50.26 3.96
C LYS A 99 -42.31 49.58 3.00
N GLU A 100 -41.85 50.34 2.00
CA GLU A 100 -41.09 49.77 0.89
C GLU A 100 -39.61 50.12 1.04
N LYS A 101 -38.74 49.18 0.68
CA LYS A 101 -37.31 49.49 0.61
C LYS A 101 -37.04 50.47 -0.54
N GLY A 102 -36.48 51.62 -0.21
CA GLY A 102 -36.08 52.61 -1.22
C GLY A 102 -34.76 52.30 -1.91
N ASP A 103 -34.40 53.12 -2.89
CA ASP A 103 -33.27 52.78 -3.74
C ASP A 103 -31.92 52.68 -3.03
N PRO A 104 -31.58 53.68 -2.20
CA PRO A 104 -30.27 53.63 -1.54
C PRO A 104 -30.12 52.38 -0.67
N LEU A 105 -31.24 51.94 -0.08
CA LEU A 105 -31.19 50.78 0.81
C LEU A 105 -31.00 49.50 -0.02
N ASN A 106 -31.68 49.44 -1.17
CA ASN A 106 -31.60 48.26 -2.02
C ASN A 106 -30.18 48.04 -2.53
N ILE A 107 -29.60 49.09 -3.11
CA ILE A 107 -28.28 48.93 -3.71
C ILE A 107 -27.29 48.58 -2.60
N ALA A 108 -27.52 49.15 -1.41
CA ALA A 108 -26.70 48.86 -0.23
C ALA A 108 -26.77 47.39 0.18
N ILE A 109 -27.97 46.80 0.05
CA ILE A 109 -28.13 45.37 0.27
C ILE A 109 -27.38 44.51 -0.75
N ASP A 110 -27.52 44.85 -2.04
CA ASP A 110 -26.72 44.22 -3.10
C ASP A 110 -25.22 44.32 -2.85
N LYS A 111 -24.76 45.51 -2.50
CA LYS A 111 -23.38 45.72 -2.10
C LYS A 111 -22.95 44.77 -0.97
N MET A 112 -23.69 44.78 0.14
CA MET A 112 -23.39 43.87 1.24
C MET A 112 -23.25 42.42 0.79
N THR A 113 -24.16 42.00 -0.07
CA THR A 113 -24.15 40.63 -0.58
C THR A 113 -22.99 40.33 -1.56
N LYS A 114 -22.68 41.28 -2.45
CA LYS A 114 -21.53 41.13 -3.33
C LYS A 114 -20.23 40.95 -2.54
N LYS A 115 -20.00 41.83 -1.57
CA LYS A 115 -18.77 41.80 -0.77
C LYS A 115 -18.66 40.51 0.00
N THR A 116 -19.80 39.95 0.35
CA THR A 116 -19.81 38.72 1.09
C THR A 116 -19.50 37.54 0.17
N ARG A 117 -19.92 37.66 -1.09
CA ARG A 117 -19.51 36.73 -2.15
C ARG A 117 -17.99 36.82 -2.36
N ASP A 118 -17.48 38.04 -2.47
CA ASP A 118 -16.05 38.26 -2.68
C ASP A 118 -15.24 37.67 -1.54
N LEU A 119 -15.70 37.85 -0.31
CA LEU A 119 -15.01 37.24 0.80
C LEU A 119 -14.94 35.71 0.63
N ARG A 120 -16.09 35.09 0.30
CA ARG A 120 -16.17 33.65 0.09
C ARG A 120 -15.09 33.18 -0.89
N ARG A 121 -14.99 33.89 -2.00
CA ARG A 121 -14.06 33.55 -3.06
C ARG A 121 -12.63 33.48 -2.51
N GLN A 122 -12.20 34.50 -1.76
CA GLN A 122 -10.81 34.52 -1.34
C GLN A 122 -10.61 33.43 -0.32
N LEU A 123 -11.64 33.12 0.43
CA LEU A 123 -11.49 32.07 1.41
C LEU A 123 -11.29 30.73 0.70
N ARG A 124 -12.12 30.46 -0.29
CA ARG A 124 -11.98 29.26 -1.11
C ARG A 124 -10.56 29.17 -1.69
N LYS A 125 -10.02 30.31 -2.13
CA LYS A 125 -8.70 30.40 -2.70
C LYS A 125 -7.65 30.07 -1.60
N ALA A 126 -7.82 30.61 -0.40
CA ALA A 126 -6.87 30.37 0.66
C ALA A 126 -6.89 28.90 1.07
N VAL A 127 -8.07 28.29 1.05
CA VAL A 127 -8.14 26.87 1.28
C VAL A 127 -7.43 26.01 0.19
N MET A 128 -7.52 26.40 -1.07
CA MET A 128 -6.68 25.77 -2.10
C MET A 128 -5.17 25.89 -1.87
N ASP A 129 -4.73 26.99 -1.25
CA ASP A 129 -3.31 27.15 -1.01
C ASP A 129 -2.88 25.95 -0.18
N HIS A 130 -3.64 25.66 0.86
CA HIS A 130 -3.34 24.54 1.71
C HIS A 130 -3.44 23.20 0.98
N ILE A 131 -4.54 23.01 0.25
CA ILE A 131 -4.77 21.76 -0.47
C ILE A 131 -3.64 21.50 -1.46
N SER A 132 -3.35 22.50 -2.28
CA SER A 132 -2.23 22.44 -3.19
C SER A 132 -0.95 21.94 -2.52
N ASP A 133 -0.58 22.49 -1.36
CA ASP A 133 0.73 22.21 -0.75
C ASP A 133 0.66 20.86 -0.05
N SER A 134 -0.45 20.63 0.66
CA SER A 134 -0.54 19.59 1.65
C SER A 134 -0.74 18.22 1.06
N PHE A 135 -1.33 18.14 -0.11
CA PHE A 135 -1.63 16.83 -0.67
C PHE A 135 -0.66 16.50 -1.76
N LEU A 136 0.61 16.79 -1.50
CA LEU A 136 1.73 16.39 -2.34
C LEU A 136 2.60 15.42 -1.56
N GLU A 137 3.14 14.42 -2.26
CA GLU A 137 4.09 13.52 -1.64
C GLU A 137 3.51 13.11 -0.29
N THR A 138 2.25 12.73 -0.31
CA THR A 138 1.52 12.47 0.91
C THR A 138 2.05 11.25 1.66
N ASN A 139 2.93 10.50 1.00
CA ASN A 139 3.42 9.24 1.52
C ASN A 139 4.77 9.35 2.24
N VAL A 140 5.52 10.39 1.91
CA VAL A 140 6.90 10.45 2.34
C VAL A 140 7.14 10.16 3.83
N PRO A 141 6.42 10.82 4.73
CA PRO A 141 6.59 10.60 6.17
C PRO A 141 6.49 9.14 6.60
N LEU A 142 5.43 8.44 6.18
CA LEU A 142 5.35 7.02 6.42
C LEU A 142 6.65 6.34 5.97
N LEU A 143 7.06 6.60 4.73
CA LEU A 143 8.14 5.84 4.15
C LEU A 143 9.36 6.02 5.02
N VAL A 144 9.58 7.28 5.41
CA VAL A 144 10.68 7.62 6.30
C VAL A 144 10.57 6.91 7.65
N LEU A 145 9.37 6.88 8.22
CA LEU A 145 9.17 6.28 9.54
C LEU A 145 9.36 4.75 9.49
N ILE A 146 9.12 4.17 8.32
CA ILE A 146 9.30 2.74 8.17
C ILE A 146 10.78 2.41 8.01
N GLU A 147 11.49 3.25 7.28
CA GLU A 147 12.92 3.04 7.09
C GLU A 147 13.63 3.04 8.44
N ALA A 148 13.32 4.04 9.26
CA ALA A 148 13.83 4.11 10.62
C ALA A 148 13.49 2.88 11.46
N ALA A 149 12.26 2.40 11.34
CA ALA A 149 11.82 1.24 12.10
C ALA A 149 12.62 0.02 11.66
N LYS A 150 12.79 -0.10 10.35
CA LYS A 150 13.61 -1.13 9.75
C LYS A 150 15.08 -1.05 10.16
N SER A 151 15.43 -0.06 10.99
CA SER A 151 16.81 0.15 11.40
C SER A 151 17.06 -0.15 12.89
N GLY A 152 15.99 -0.14 13.68
CA GLY A 152 16.11 -0.46 15.11
C GLY A 152 16.14 0.71 16.06
N ASN A 153 16.83 1.79 15.67
CA ASN A 153 17.03 2.93 16.58
C ASN A 153 15.70 3.47 17.11
N GLU A 154 15.37 3.06 18.33
CA GLU A 154 14.13 3.47 18.96
C GLU A 154 14.09 4.95 19.33
N LYS A 155 15.25 5.55 19.56
CA LYS A 155 15.31 7.01 19.71
C LYS A 155 14.81 7.70 18.43
N GLU A 156 15.31 7.24 17.30
CA GLU A 156 15.07 7.92 16.03
C GLU A 156 13.65 7.64 15.57
N VAL A 157 13.19 6.43 15.82
CA VAL A 157 11.83 6.07 15.47
C VAL A 157 10.81 6.90 16.25
N LYS A 158 11.19 7.30 17.45
CA LYS A 158 10.30 8.13 18.27
C LYS A 158 10.09 9.51 17.64
N GLU A 159 11.19 10.11 17.19
CA GLU A 159 11.11 11.46 16.62
C GLU A 159 10.46 11.49 15.24
N TYR A 160 10.76 10.51 14.39
CA TYR A 160 10.14 10.50 13.08
C TYR A 160 8.68 10.19 13.21
N ALA A 161 8.32 9.47 14.29
CA ALA A 161 6.91 9.17 14.57
C ALA A 161 6.12 10.44 14.88
N GLN A 162 6.73 11.32 15.68
CA GLN A 162 6.22 12.66 15.90
C GLN A 162 6.07 13.45 14.62
N VAL A 163 7.02 13.33 13.70
CA VAL A 163 6.92 14.04 12.44
C VAL A 163 5.75 13.51 11.61
N PHE A 164 5.55 12.19 11.66
CA PHE A 164 4.44 11.54 10.99
C PHE A 164 3.09 11.96 11.56
N ARG A 165 3.01 12.05 12.88
CA ARG A 165 1.79 12.54 13.52
C ARG A 165 1.47 13.98 13.05
N GLU A 166 2.47 14.84 13.05
CA GLU A 166 2.24 16.23 12.69
C GLU A 166 1.70 16.32 11.26
N HIS A 167 2.17 15.44 10.41
CA HIS A 167 1.79 15.47 9.02
C HIS A 167 0.38 14.93 8.92
N ALA A 168 0.12 13.86 9.66
CA ALA A 168 -1.22 13.31 9.77
C ALA A 168 -2.20 14.40 10.17
N ASN A 169 -1.93 15.12 11.25
CA ASN A 169 -2.81 16.22 11.68
C ASN A 169 -2.97 17.36 10.66
N LYS A 170 -1.90 17.66 9.92
CA LYS A 170 -1.96 18.73 8.93
C LYS A 170 -2.96 18.36 7.85
N LEU A 171 -2.87 17.13 7.37
CA LEU A 171 -3.88 16.66 6.46
C LEU A 171 -5.30 16.84 6.99
N VAL A 172 -5.55 16.39 8.22
CA VAL A 172 -6.88 16.51 8.80
C VAL A 172 -7.23 17.97 9.01
N GLU A 173 -6.26 18.77 9.42
CA GLU A 173 -6.43 20.24 9.51
C GLU A 173 -6.96 20.87 8.21
N VAL A 174 -6.34 20.51 7.08
CA VAL A 174 -6.74 20.98 5.76
C VAL A 174 -8.13 20.46 5.34
N ALA A 175 -8.38 19.20 5.61
CA ALA A 175 -9.72 18.63 5.40
C ALA A 175 -10.77 19.47 6.13
N ASN A 176 -10.48 19.76 7.39
CA ASN A 176 -11.39 20.54 8.16
C ASN A 176 -11.58 21.92 7.55
N LEU A 177 -10.49 22.53 7.09
CA LEU A 177 -10.58 23.85 6.47
C LEU A 177 -11.50 23.81 5.27
N ALA A 178 -11.39 22.77 4.46
CA ALA A 178 -12.23 22.65 3.27
C ALA A 178 -13.69 22.45 3.65
N CYS A 179 -13.92 21.72 4.73
CA CYS A 179 -15.27 21.50 5.17
C CYS A 179 -15.93 22.80 5.52
N SER A 180 -15.22 23.66 6.25
CA SER A 180 -15.90 24.76 6.93
C SER A 180 -16.36 25.83 5.94
N ILE A 181 -15.89 25.76 4.70
CA ILE A 181 -16.38 26.69 3.73
C ILE A 181 -17.25 25.99 2.69
N SER A 182 -17.52 24.72 2.90
CA SER A 182 -18.33 23.97 1.96
C SER A 182 -19.83 24.05 2.24
N ASN A 183 -20.63 24.24 1.18
CA ASN A 183 -22.11 24.16 1.24
C ASN A 183 -22.67 22.77 0.86
N ASN A 184 -21.80 21.77 0.74
CA ASN A 184 -22.21 20.42 0.35
C ASN A 184 -22.35 19.50 1.56
N GLU A 185 -23.57 19.32 2.04
CA GLU A 185 -23.77 18.56 3.27
C GLU A 185 -23.22 17.12 3.18
N GLU A 186 -23.56 16.40 2.13
CA GLU A 186 -23.03 15.05 2.00
C GLU A 186 -21.51 15.02 1.80
N GLY A 187 -20.99 15.95 1.02
CA GLY A 187 -19.55 16.01 0.80
C GLY A 187 -18.81 16.20 2.11
N VAL A 188 -19.28 17.16 2.92
CA VAL A 188 -18.70 17.46 4.22
C VAL A 188 -18.73 16.22 5.10
N LYS A 189 -19.87 15.56 5.16
CA LYS A 189 -19.95 14.35 5.94
C LYS A 189 -18.88 13.35 5.50
N LEU A 190 -18.69 13.25 4.20
CA LEU A 190 -17.85 12.20 3.62
C LEU A 190 -16.40 12.49 4.02
N VAL A 191 -16.01 13.76 4.00
CA VAL A 191 -14.66 14.08 4.46
C VAL A 191 -14.38 13.94 5.95
N ARG A 192 -15.33 14.34 6.77
CA ARG A 192 -15.15 14.18 8.20
C ARG A 192 -14.97 12.72 8.59
N MET A 193 -15.73 11.82 7.97
CA MET A 193 -15.58 10.40 8.25
C MET A 193 -14.17 9.99 7.89
N ALA A 194 -13.73 10.40 6.71
CA ALA A 194 -12.45 10.04 6.23
C ALA A 194 -11.40 10.59 7.21
N ALA A 195 -11.58 11.83 7.67
CA ALA A 195 -10.63 12.40 8.61
C ALA A 195 -10.67 11.67 9.92
N THR A 196 -11.85 11.25 10.35
CA THR A 196 -11.90 10.40 11.53
C THR A 196 -11.04 9.15 11.39
N GLN A 197 -11.20 8.44 10.28
CA GLN A 197 -10.44 7.22 10.03
C GLN A 197 -8.94 7.51 10.04
N ILE A 198 -8.54 8.68 9.59
CA ILE A 198 -7.13 9.01 9.62
C ILE A 198 -6.63 9.19 11.07
N ASP A 199 -7.44 9.86 11.88
CA ASP A 199 -7.23 9.95 13.33
C ASP A 199 -7.05 8.60 14.04
N SER A 200 -8.00 7.68 13.93
CA SER A 200 -7.80 6.42 14.65
C SER A 200 -6.62 5.64 14.04
N LEU A 201 -6.41 5.80 12.75
CA LEU A 201 -5.46 4.98 12.04
C LEU A 201 -4.03 5.40 12.32
N CYS A 202 -3.83 6.69 12.53
CA CYS A 202 -2.53 7.25 12.86
C CYS A 202 -1.77 6.57 14.02
N PRO A 203 -2.37 6.54 15.22
CA PRO A 203 -1.62 5.89 16.29
C PRO A 203 -1.34 4.42 15.99
N GLN A 204 -2.23 3.77 15.24
CA GLN A 204 -2.08 2.32 15.07
C GLN A 204 -0.88 2.07 14.16
N VAL A 205 -0.67 2.98 13.21
CA VAL A 205 0.47 2.95 12.31
C VAL A 205 1.74 3.21 13.09
N ILE A 206 1.64 4.13 14.04
CA ILE A 206 2.75 4.40 14.93
C ILE A 206 3.15 3.17 15.75
N ASN A 207 2.16 2.50 16.35
CA ASN A 207 2.42 1.25 17.10
C ASN A 207 3.19 0.24 16.26
N ALA A 208 2.69 -0.03 15.06
CA ALA A 208 3.28 -1.04 14.19
C ALA A 208 4.73 -0.69 13.92
N ALA A 209 4.98 0.57 13.61
CA ALA A 209 6.34 1.08 13.50
C ALA A 209 7.20 0.86 14.76
N LEU A 210 6.63 1.17 15.93
CA LEU A 210 7.34 0.97 17.20
C LEU A 210 7.61 -0.50 17.45
N THR A 211 6.61 -1.35 17.25
CA THR A 211 6.79 -2.76 17.55
C THR A 211 7.86 -3.30 16.61
N LEU A 212 7.87 -2.78 15.38
CA LEU A 212 8.79 -3.26 14.35
C LEU A 212 10.22 -2.89 14.71
N ALA A 213 10.42 -1.63 15.07
CA ALA A 213 11.73 -1.11 15.49
C ALA A 213 12.25 -1.81 16.74
N ALA A 214 11.33 -2.32 17.57
CA ALA A 214 11.72 -3.10 18.73
C ALA A 214 12.37 -4.38 18.27
N ARG A 215 11.74 -5.07 17.32
CA ARG A 215 12.29 -6.31 16.81
C ARG A 215 12.25 -6.33 15.29
N PRO A 216 13.27 -5.73 14.64
CA PRO A 216 13.26 -5.49 13.20
C PRO A 216 13.41 -6.78 12.40
N GLN A 217 13.85 -7.85 13.05
CA GLN A 217 13.99 -9.16 12.39
C GLN A 217 12.70 -9.99 12.37
N SER A 218 11.67 -9.51 13.07
CA SER A 218 10.43 -10.29 13.22
C SER A 218 9.54 -10.22 11.99
N LYS A 219 9.32 -11.38 11.37
CA LYS A 219 8.48 -11.43 10.18
C LYS A 219 7.06 -11.02 10.48
N VAL A 220 6.59 -11.24 11.70
CA VAL A 220 5.24 -10.81 12.06
C VAL A 220 5.16 -9.29 12.06
N ALA A 221 6.03 -8.68 12.86
CA ALA A 221 6.18 -7.24 12.92
C ALA A 221 6.27 -6.59 11.53
N GLN A 222 7.01 -7.23 10.62
CA GLN A 222 7.16 -6.73 9.24
C GLN A 222 5.84 -6.80 8.44
N ASP A 223 5.18 -7.96 8.49
CA ASP A 223 3.92 -8.14 7.79
C ASP A 223 2.92 -7.16 8.36
N ASN A 224 2.96 -7.02 9.68
CA ASN A 224 2.07 -6.10 10.34
C ASN A 224 2.34 -4.64 9.91
N MET A 225 3.60 -4.26 9.77
CA MET A 225 3.86 -2.92 9.24
C MET A 225 3.25 -2.78 7.86
N ASP A 226 3.39 -3.84 7.07
CA ASP A 226 2.94 -3.79 5.68
C ASP A 226 1.43 -3.58 5.61
N VAL A 227 0.72 -4.18 6.55
CA VAL A 227 -0.73 -4.10 6.56
C VAL A 227 -1.16 -2.70 6.92
N PHE A 228 -0.47 -2.09 7.87
CA PHE A 228 -0.74 -0.71 8.21
C PHE A 228 -0.26 0.28 7.14
N LYS A 229 0.92 0.05 6.57
CA LYS A 229 1.34 0.88 5.43
C LYS A 229 0.24 0.92 4.36
N ASP A 230 -0.16 -0.26 3.89
CA ASP A 230 -1.19 -0.36 2.85
C ASP A 230 -2.52 0.32 3.25
N GLN A 231 -2.98 0.12 4.49
CA GLN A 231 -4.24 0.72 4.95
C GLN A 231 -4.16 2.26 4.92
N TRP A 232 -3.05 2.78 5.42
CA TRP A 232 -2.86 4.20 5.61
C TRP A 232 -2.85 4.90 4.26
N GLU A 233 -2.09 4.34 3.32
CA GLU A 233 -1.99 4.87 1.96
C GLU A 233 -3.37 4.87 1.31
N LYS A 234 -4.13 3.79 1.52
CA LYS A 234 -5.50 3.73 1.04
C LYS A 234 -6.35 4.86 1.63
N GLN A 235 -6.34 4.98 2.94
CA GLN A 235 -7.19 5.94 3.60
C GLN A 235 -6.80 7.41 3.28
N VAL A 236 -5.53 7.67 3.06
CA VAL A 236 -5.13 8.98 2.63
C VAL A 236 -5.74 9.30 1.28
N ARG A 237 -5.79 8.29 0.42
CA ARG A 237 -6.38 8.48 -0.88
C ARG A 237 -7.86 8.76 -0.77
N VAL A 238 -8.54 8.11 0.17
CA VAL A 238 -9.98 8.38 0.43
C VAL A 238 -10.18 9.84 0.94
N LEU A 239 -9.36 10.25 1.91
CA LEU A 239 -9.40 11.61 2.40
C LEU A 239 -9.10 12.61 1.29
N THR A 240 -8.06 12.35 0.50
CA THR A 240 -7.71 13.21 -0.64
C THR A 240 -8.89 13.39 -1.58
N GLU A 241 -9.50 12.26 -1.95
CA GLU A 241 -10.57 12.31 -2.91
C GLU A 241 -11.78 13.06 -2.36
N ALA A 242 -12.15 12.75 -1.11
CA ALA A 242 -13.27 13.41 -0.48
C ALA A 242 -13.02 14.93 -0.46
N VAL A 243 -11.81 15.34 -0.10
CA VAL A 243 -11.52 16.77 -0.11
C VAL A 243 -11.63 17.33 -1.53
N ASP A 244 -11.08 16.61 -2.50
CA ASP A 244 -11.21 17.03 -3.89
C ASP A 244 -12.68 17.26 -4.24
N ASP A 245 -13.56 16.43 -3.68
CA ASP A 245 -14.97 16.38 -4.07
C ASP A 245 -15.77 17.57 -3.55
N ILE A 246 -15.27 18.23 -2.51
CA ILE A 246 -15.93 19.47 -2.09
C ILE A 246 -15.18 20.73 -2.46
N THR A 247 -14.27 20.62 -3.42
CA THR A 247 -13.43 21.73 -3.83
C THR A 247 -13.72 22.06 -5.28
N SER A 248 -14.03 23.31 -5.59
CA SER A 248 -14.33 23.67 -6.98
C SER A 248 -13.08 23.59 -7.86
N VAL A 249 -13.21 23.02 -9.05
CA VAL A 249 -12.04 22.82 -9.90
C VAL A 249 -11.55 24.16 -10.45
N ASP A 250 -12.46 25.11 -10.48
CA ASP A 250 -12.18 26.51 -10.71
C ASP A 250 -11.05 27.07 -9.83
N ASP A 251 -11.30 27.08 -8.54
CA ASP A 251 -10.31 27.43 -7.56
C ASP A 251 -9.09 26.51 -7.63
N PHE A 252 -9.31 25.22 -7.87
CA PHE A 252 -8.17 24.31 -7.95
C PHE A 252 -7.23 24.71 -9.07
N LEU A 253 -7.79 25.01 -10.24
CA LEU A 253 -6.98 25.40 -11.38
C LEU A 253 -6.24 26.73 -11.08
N SER A 254 -6.97 27.74 -10.62
CA SER A 254 -6.40 29.07 -10.57
C SER A 254 -5.25 29.05 -9.57
N VAL A 255 -5.45 28.36 -8.45
CA VAL A 255 -4.39 28.32 -7.43
C VAL A 255 -3.20 27.46 -7.88
N SER A 256 -3.46 26.39 -8.63
CA SER A 256 -2.37 25.55 -9.10
C SER A 256 -1.54 26.30 -10.10
N GLU A 257 -2.20 27.11 -10.93
CA GLU A 257 -1.49 28.02 -11.82
C GLU A 257 -0.61 29.02 -11.04
N ASN A 258 -1.13 29.63 -9.99
CA ASN A 258 -0.36 30.58 -9.18
C ASN A 258 0.87 29.88 -8.61
N HIS A 259 0.66 28.72 -7.97
CA HIS A 259 1.76 27.98 -7.32
C HIS A 259 2.83 27.50 -8.30
N ILE A 260 2.41 27.00 -9.45
CA ILE A 260 3.36 26.53 -10.43
C ILE A 260 4.28 27.69 -10.85
N LEU A 261 3.70 28.86 -11.08
CA LEU A 261 4.51 30.01 -11.41
C LEU A 261 5.46 30.41 -10.28
N GLU A 262 5.01 30.32 -9.04
CA GLU A 262 5.92 30.50 -7.92
C GLU A 262 7.04 29.46 -7.96
N ASP A 263 6.71 28.18 -8.15
CA ASP A 263 7.71 27.14 -8.16
C ASP A 263 8.75 27.37 -9.28
N VAL A 264 8.26 27.73 -10.45
CA VAL A 264 9.14 28.08 -11.53
C VAL A 264 10.15 29.16 -11.13
N ASN A 265 9.71 30.24 -10.50
CA ASN A 265 10.64 31.27 -10.06
C ASN A 265 11.75 30.71 -9.16
N LYS A 266 11.37 29.77 -8.30
CA LYS A 266 12.30 29.19 -7.32
C LYS A 266 13.36 28.35 -8.03
N CYS A 267 12.92 27.51 -8.95
CA CYS A 267 13.83 26.78 -9.83
C CYS A 267 14.80 27.74 -10.52
N VAL A 268 14.28 28.79 -11.10
CA VAL A 268 15.14 29.70 -11.81
C VAL A 268 16.20 30.23 -10.87
N ILE A 269 15.79 30.65 -9.68
CA ILE A 269 16.77 31.03 -8.66
C ILE A 269 17.79 29.93 -8.35
N ALA A 270 17.27 28.74 -8.05
CA ALA A 270 18.14 27.57 -7.78
C ALA A 270 19.19 27.36 -8.87
N LEU A 271 18.74 27.45 -10.11
CA LEU A 271 19.61 27.43 -11.27
C LEU A 271 20.70 28.52 -11.21
N GLN A 272 20.30 29.76 -10.91
CA GLN A 272 21.24 30.88 -10.78
C GLN A 272 22.30 30.60 -9.72
N GLU A 273 21.92 29.80 -8.72
CA GLU A 273 22.72 29.56 -7.54
C GLU A 273 23.42 28.19 -7.64
N GLY A 274 23.27 27.52 -8.78
CA GLY A 274 23.84 26.19 -8.97
C GLY A 274 23.38 25.22 -7.89
N ASP A 275 22.13 25.36 -7.44
CA ASP A 275 21.66 24.68 -6.26
C ASP A 275 20.76 23.48 -6.62
N VAL A 276 21.35 22.29 -6.63
CA VAL A 276 20.68 21.09 -7.08
C VAL A 276 19.63 20.60 -6.10
N ASP A 277 19.95 20.53 -4.80
CA ASP A 277 18.92 20.17 -3.80
C ASP A 277 17.60 20.92 -4.03
N THR A 278 17.67 22.26 -4.07
CA THR A 278 16.45 23.07 -4.16
C THR A 278 15.79 22.90 -5.51
N LEU A 279 16.60 22.78 -6.54
CA LEU A 279 16.07 22.60 -7.88
C LEU A 279 15.31 21.26 -7.91
N ASP A 280 15.85 20.24 -7.27
CA ASP A 280 15.29 18.93 -7.40
C ASP A 280 13.99 18.85 -6.60
N ARG A 281 14.05 19.36 -5.37
CA ARG A 281 12.85 19.40 -4.54
C ARG A 281 11.74 20.24 -5.19
N THR A 282 12.11 21.40 -5.75
CA THR A 282 11.08 22.30 -6.29
C THR A 282 10.45 21.82 -7.60
N ALA A 283 11.25 21.25 -8.48
CA ALA A 283 10.76 20.70 -9.73
C ALA A 283 9.88 19.49 -9.46
N GLY A 284 10.18 18.77 -8.38
CA GLY A 284 9.27 17.72 -7.89
C GLY A 284 7.87 18.22 -7.57
N ALA A 285 7.79 19.36 -6.90
CA ALA A 285 6.49 19.94 -6.55
C ALA A 285 5.74 20.34 -7.80
N ILE A 286 6.44 21.01 -8.73
CA ILE A 286 5.83 21.34 -9.99
C ILE A 286 5.22 20.10 -10.66
N ARG A 287 5.91 18.95 -10.61
CA ARG A 287 5.34 17.76 -11.24
C ARG A 287 4.16 17.24 -10.44
N GLY A 288 4.28 17.24 -9.12
CA GLY A 288 3.18 16.83 -8.25
C GLY A 288 1.94 17.68 -8.49
N ARG A 289 2.13 19.00 -8.56
CA ARG A 289 0.99 19.89 -8.70
C ARG A 289 0.30 19.60 -10.01
N ALA A 290 1.09 19.51 -11.09
CA ALA A 290 0.57 19.09 -12.38
C ALA A 290 -0.20 17.75 -12.27
N ALA A 291 0.38 16.77 -11.60
CA ALA A 291 -0.27 15.47 -11.55
C ALA A 291 -1.63 15.59 -10.85
N ARG A 292 -1.68 16.52 -9.88
CA ARG A 292 -2.88 16.72 -9.08
C ARG A 292 -3.95 17.46 -9.87
N VAL A 293 -3.58 18.37 -10.77
CA VAL A 293 -4.65 18.90 -11.61
C VAL A 293 -5.25 17.84 -12.50
N ILE A 294 -4.40 17.01 -13.08
CA ILE A 294 -4.89 16.01 -14.01
C ILE A 294 -5.76 15.04 -13.22
N HIS A 295 -5.29 14.63 -12.06
CA HIS A 295 -6.13 13.86 -11.17
C HIS A 295 -7.49 14.50 -10.97
N ILE A 296 -7.54 15.74 -10.48
CA ILE A 296 -8.83 16.29 -10.07
C ILE A 296 -9.73 16.51 -11.27
N ILE A 297 -9.13 16.83 -12.41
CA ILE A 297 -9.87 17.13 -13.61
C ILE A 297 -10.37 15.87 -14.31
N ASN A 298 -9.56 14.82 -14.33
CA ASN A 298 -10.08 13.55 -14.80
C ASN A 298 -11.30 13.17 -14.03
N ALA A 299 -11.23 13.26 -12.70
CA ALA A 299 -12.34 12.89 -11.83
C ALA A 299 -13.59 13.74 -12.11
N GLU A 300 -13.39 15.04 -12.29
CA GLU A 300 -14.49 15.94 -12.58
C GLU A 300 -15.20 15.55 -13.87
N MET A 301 -14.43 15.19 -14.89
CA MET A 301 -15.00 14.79 -16.18
C MET A 301 -15.95 13.58 -16.12
N GLU A 302 -15.86 12.79 -15.05
CA GLU A 302 -16.84 11.73 -14.80
C GLU A 302 -18.22 12.28 -14.47
N ASN A 303 -18.32 13.59 -14.25
CA ASN A 303 -19.65 14.14 -13.96
C ASN A 303 -20.29 14.65 -15.24
N TYR A 304 -19.69 14.30 -16.36
CA TYR A 304 -20.21 14.73 -17.65
C TYR A 304 -20.28 13.55 -18.60
N GLU A 305 -21.29 13.55 -19.45
CA GLU A 305 -21.35 12.54 -20.49
C GLU A 305 -20.30 12.84 -21.56
N ALA A 306 -19.74 11.79 -22.15
CA ALA A 306 -18.77 11.94 -23.21
C ALA A 306 -19.30 12.81 -24.35
N GLY A 307 -18.45 13.68 -24.87
CA GLY A 307 -18.83 14.54 -25.97
C GLY A 307 -17.74 15.55 -26.23
N VAL A 308 -18.12 16.65 -26.88
CA VAL A 308 -17.19 17.68 -27.27
C VAL A 308 -16.46 18.28 -26.09
N TYR A 309 -17.23 18.70 -25.09
CA TYR A 309 -16.65 19.26 -23.88
C TYR A 309 -15.62 18.33 -23.21
N THR A 310 -15.94 17.06 -22.96
CA THR A 310 -14.98 16.19 -22.26
C THR A 310 -13.80 15.85 -23.19
N GLU A 311 -14.09 15.74 -24.47
CA GLU A 311 -13.05 15.48 -25.43
C GLU A 311 -11.94 16.54 -25.38
N LYS A 312 -12.29 17.82 -25.42
CA LYS A 312 -11.26 18.88 -25.47
C LYS A 312 -10.43 18.79 -24.19
N VAL A 313 -11.11 18.54 -23.07
CA VAL A 313 -10.47 18.55 -21.74
C VAL A 313 -9.49 17.40 -21.63
N LEU A 314 -9.94 16.22 -22.05
CA LEU A 314 -9.10 15.05 -21.96
C LEU A 314 -7.95 15.09 -22.95
N GLU A 315 -8.12 15.72 -24.10
CA GLU A 315 -6.97 15.87 -25.01
C GLU A 315 -5.92 16.80 -24.41
N ALA A 316 -6.36 17.73 -23.58
CA ALA A 316 -5.44 18.72 -23.01
C ALA A 316 -4.78 18.14 -21.75
N THR A 317 -5.50 17.27 -21.10
CA THR A 317 -4.97 16.57 -19.96
C THR A 317 -3.94 15.50 -20.36
N LYS A 318 -4.23 14.78 -21.44
CA LYS A 318 -3.32 13.77 -21.98
C LYS A 318 -2.04 14.38 -22.58
N LEU A 319 -2.16 15.52 -23.26
CA LEU A 319 -0.99 16.19 -23.79
C LEU A 319 -0.05 16.62 -22.68
N LEU A 320 -0.60 17.15 -21.60
CA LEU A 320 0.23 17.56 -20.48
C LEU A 320 0.91 16.32 -19.91
N SER A 321 0.12 15.28 -19.76
CA SER A 321 0.57 14.03 -19.17
C SER A 321 1.63 13.36 -20.01
N GLU A 322 1.36 13.20 -21.30
CA GLU A 322 2.14 12.33 -22.19
C GLU A 322 3.43 12.99 -22.67
N THR A 323 3.38 14.29 -22.92
CA THR A 323 4.40 14.91 -23.72
C THR A 323 5.15 15.91 -22.90
N VAL A 324 4.40 16.80 -22.25
CA VAL A 324 4.94 18.00 -21.65
C VAL A 324 5.66 17.76 -20.33
N MET A 325 5.01 17.06 -19.41
CA MET A 325 5.70 16.63 -18.21
C MET A 325 6.98 15.84 -18.37
N PRO A 326 6.95 14.75 -19.15
CA PRO A 326 8.22 14.06 -19.29
C PRO A 326 9.30 14.99 -19.85
N ARG A 327 8.91 15.86 -20.78
CA ARG A 327 9.87 16.77 -21.40
C ARG A 327 10.39 17.74 -20.35
N PHE A 328 9.60 17.98 -19.31
CA PHE A 328 10.03 18.84 -18.21
C PHE A 328 10.96 18.12 -17.26
N ALA A 329 10.59 16.90 -16.87
CA ALA A 329 11.47 16.07 -16.04
C ALA A 329 12.86 15.87 -16.67
N GLU A 330 12.88 15.57 -17.96
CA GLU A 330 14.13 15.33 -18.68
C GLU A 330 15.02 16.59 -18.60
N GLN A 331 14.42 17.74 -18.88
CA GLN A 331 15.14 18.99 -18.87
C GLN A 331 15.72 19.30 -17.49
N VAL A 332 15.01 18.91 -16.45
CA VAL A 332 15.51 19.05 -15.08
C VAL A 332 16.75 18.21 -14.87
N GLU A 333 16.72 17.00 -15.42
CA GLU A 333 17.81 16.07 -15.30
C GLU A 333 19.05 16.60 -16.00
N VAL A 334 18.83 17.24 -17.13
CA VAL A 334 19.95 17.81 -17.85
C VAL A 334 20.63 18.82 -16.92
N ALA A 335 19.87 19.82 -16.48
CA ALA A 335 20.38 20.79 -15.54
C ALA A 335 21.08 20.15 -14.33
N ILE A 336 20.44 19.19 -13.68
CA ILE A 336 21.06 18.60 -12.51
C ILE A 336 22.34 17.88 -12.85
N GLU A 337 22.40 17.31 -14.06
CA GLU A 337 23.62 16.64 -14.50
C GLU A 337 24.74 17.64 -14.76
N ALA A 338 24.40 18.76 -15.41
CA ALA A 338 25.40 19.78 -15.76
C ALA A 338 25.92 20.50 -14.53
N LEU A 339 25.03 20.82 -13.59
CA LEU A 339 25.42 21.40 -12.32
C LEU A 339 26.15 20.44 -11.41
N SER A 340 25.89 19.14 -11.54
CA SER A 340 26.54 18.16 -10.66
C SER A 340 27.95 17.77 -11.08
N ALA A 341 28.35 18.14 -12.29
CA ALA A 341 29.49 17.47 -12.93
C ALA A 341 30.82 17.73 -12.21
N PHE A 347 25.98 26.98 -19.13
CA PHE A 347 25.08 26.26 -20.04
C PHE A 347 23.68 26.90 -20.14
N GLU A 348 23.00 26.63 -21.25
CA GLU A 348 21.74 27.31 -21.61
C GLU A 348 20.53 26.91 -20.80
N GLU A 349 19.91 27.94 -20.23
CA GLU A 349 18.85 27.82 -19.28
C GLU A 349 17.54 27.91 -20.08
N ASN A 350 17.69 28.21 -21.37
CA ASN A 350 16.57 28.49 -22.25
C ASN A 350 15.64 27.29 -22.23
N GLU A 351 16.25 26.13 -22.28
CA GLU A 351 15.55 24.86 -22.36
C GLU A 351 14.74 24.61 -21.10
N PHE A 352 15.28 24.99 -19.95
CA PHE A 352 14.49 24.86 -18.73
C PHE A 352 13.36 25.88 -18.68
N ILE A 353 13.63 27.13 -19.07
CA ILE A 353 12.58 28.15 -19.17
C ILE A 353 11.47 27.65 -20.07
N ASP A 354 11.84 27.24 -21.29
CA ASP A 354 10.85 26.86 -22.30
C ASP A 354 9.93 25.72 -21.86
N ALA A 355 10.51 24.70 -21.24
CA ALA A 355 9.78 23.57 -20.73
C ALA A 355 8.88 23.95 -19.54
N SER A 356 9.35 24.88 -18.69
CA SER A 356 8.51 25.28 -17.56
C SER A 356 7.32 26.04 -18.10
N ARG A 357 7.60 26.94 -19.02
CA ARG A 357 6.50 27.64 -19.66
C ARG A 357 5.46 26.68 -20.27
N LEU A 358 5.92 25.58 -20.87
CA LEU A 358 4.98 24.63 -21.48
C LEU A 358 4.17 23.85 -20.45
N VAL A 359 4.72 23.66 -19.26
CA VAL A 359 3.96 23.01 -18.21
C VAL A 359 2.85 23.94 -17.74
N TYR A 360 3.24 25.15 -17.39
CA TYR A 360 2.27 26.18 -17.07
C TYR A 360 1.23 26.30 -18.16
N ASP A 361 1.68 26.46 -19.39
CA ASP A 361 0.75 26.67 -20.49
C ASP A 361 -0.19 25.47 -20.64
N GLY A 362 0.35 24.26 -20.44
CA GLY A 362 -0.44 23.05 -20.57
C GLY A 362 -1.55 23.10 -19.54
N VAL A 363 -1.22 23.62 -18.36
CA VAL A 363 -2.20 23.75 -17.32
C VAL A 363 -3.22 24.83 -17.69
N ARG A 364 -2.78 25.86 -18.42
CA ARG A 364 -3.73 26.89 -18.83
C ARG A 364 -4.72 26.30 -19.82
N ASP A 365 -4.23 25.44 -20.73
CA ASP A 365 -5.12 24.87 -21.74
C ASP A 365 -6.16 23.93 -21.08
N ILE A 366 -5.74 23.18 -20.08
CA ILE A 366 -6.69 22.34 -19.39
C ILE A 366 -7.81 23.21 -18.84
N ARG A 367 -7.39 24.24 -18.09
CA ARG A 367 -8.30 25.16 -17.46
C ARG A 367 -9.18 25.88 -18.49
N LYS A 368 -8.59 26.28 -19.60
CA LYS A 368 -9.45 26.89 -20.60
C LYS A 368 -10.56 25.94 -21.06
N ALA A 369 -10.21 24.67 -21.24
CA ALA A 369 -11.14 23.70 -21.79
C ALA A 369 -12.21 23.42 -20.75
N VAL A 370 -11.82 23.29 -19.50
CA VAL A 370 -12.75 22.99 -18.42
C VAL A 370 -13.76 24.12 -18.28
N LEU A 371 -13.29 25.33 -18.46
CA LEU A 371 -14.11 26.51 -18.21
C LEU A 371 -14.93 26.90 -19.42
N MET A 372 -14.80 26.17 -20.53
CA MET A 372 -15.53 26.48 -21.76
C MET A 372 -16.97 26.93 -21.50
N THR B 14 -32.95 -12.32 -12.96
CA THR B 14 -33.98 -13.40 -13.04
C THR B 14 -33.34 -14.78 -13.21
N GLY B 15 -34.00 -15.81 -12.71
CA GLY B 15 -33.40 -17.14 -12.64
C GLY B 15 -32.68 -17.39 -11.32
N ILE B 16 -32.79 -18.63 -10.84
CA ILE B 16 -31.96 -19.14 -9.76
C ILE B 16 -30.90 -20.10 -10.31
N GLY B 17 -30.08 -20.69 -9.45
CA GLY B 17 -29.04 -21.60 -9.94
C GLY B 17 -29.67 -22.74 -10.73
N GLU B 18 -29.03 -23.14 -11.81
CA GLU B 18 -29.57 -24.17 -12.71
C GLU B 18 -29.67 -25.49 -11.97
N LEU B 19 -28.69 -25.77 -11.12
CA LEU B 19 -28.64 -27.03 -10.42
C LEU B 19 -29.66 -27.02 -9.30
N ALA B 20 -29.71 -25.92 -8.57
CA ALA B 20 -30.78 -25.65 -7.61
C ALA B 20 -32.18 -25.89 -8.21
N ALA B 21 -32.47 -25.27 -9.35
CA ALA B 21 -33.82 -25.35 -9.92
C ALA B 21 -34.15 -26.81 -10.27
N ALA B 22 -33.17 -27.52 -10.80
CA ALA B 22 -33.34 -28.89 -11.21
C ALA B 22 -33.71 -29.75 -10.00
N LEU B 23 -33.07 -29.50 -8.87
CA LEU B 23 -33.28 -30.31 -7.71
C LEU B 23 -34.69 -29.99 -7.21
N ASN B 24 -35.03 -28.72 -7.23
CA ASN B 24 -36.37 -28.32 -6.84
C ASN B 24 -37.42 -29.00 -7.71
N GLU B 25 -37.20 -28.95 -9.03
CA GLU B 25 -38.10 -29.57 -10.01
C GLU B 25 -38.27 -31.03 -9.68
N PHE B 26 -37.15 -31.71 -9.50
CA PHE B 26 -37.20 -33.13 -9.23
C PHE B 26 -38.11 -33.45 -8.03
N ASP B 27 -38.00 -32.68 -6.94
CA ASP B 27 -38.72 -32.93 -5.68
C ASP B 27 -40.21 -32.82 -5.90
N ASN B 28 -40.61 -31.94 -6.81
CA ASN B 28 -42.03 -31.77 -7.12
C ASN B 28 -42.53 -32.87 -8.03
N LYS B 29 -41.70 -33.27 -8.97
CA LYS B 29 -42.16 -34.15 -9.99
C LYS B 29 -42.23 -35.59 -9.54
N ILE B 30 -41.78 -35.89 -8.32
CA ILE B 30 -41.83 -37.27 -7.86
C ILE B 30 -43.13 -37.57 -7.21
N ILE B 31 -44.03 -36.59 -7.14
CA ILE B 31 -45.34 -36.76 -6.51
C ILE B 31 -46.39 -37.01 -7.60
N LEU B 32 -46.93 -38.22 -7.66
CA LEU B 32 -47.84 -38.60 -8.73
C LEU B 32 -49.11 -39.27 -8.22
N ASP B 33 -50.16 -39.17 -9.01
CA ASP B 33 -51.34 -39.97 -8.80
C ASP B 33 -51.01 -41.42 -9.17
N PRO B 34 -51.07 -42.32 -8.19
CA PRO B 34 -50.58 -43.68 -8.38
C PRO B 34 -51.39 -44.45 -9.43
N MET B 35 -52.68 -44.16 -9.53
CA MET B 35 -53.53 -44.79 -10.56
C MET B 35 -53.08 -44.41 -11.96
N THR B 36 -52.34 -43.33 -12.04
CA THR B 36 -52.09 -42.62 -13.28
C THR B 36 -50.68 -43.03 -13.72
N PHE B 37 -50.01 -43.75 -12.84
CA PHE B 37 -48.62 -44.09 -13.02
C PHE B 37 -48.41 -45.21 -14.04
N SER B 38 -47.38 -45.07 -14.88
CA SER B 38 -46.82 -46.22 -15.58
C SER B 38 -45.32 -46.04 -15.69
N GLU B 39 -44.60 -47.14 -15.67
CA GLU B 39 -43.16 -47.10 -15.98
C GLU B 39 -42.85 -46.28 -17.23
N ALA B 40 -43.52 -46.60 -18.32
CA ALA B 40 -43.23 -46.03 -19.63
C ALA B 40 -43.35 -44.50 -19.60
N ARG B 41 -44.17 -44.00 -18.69
CA ARG B 41 -44.58 -42.60 -18.75
C ARG B 41 -43.73 -41.74 -17.84
N PHE B 42 -43.22 -42.31 -16.75
CA PHE B 42 -42.50 -41.56 -15.73
C PHE B 42 -41.09 -42.06 -15.48
N ARG B 43 -40.83 -43.33 -15.73
CA ARG B 43 -39.50 -43.87 -15.44
C ARG B 43 -38.39 -43.16 -16.24
N PRO B 44 -38.49 -43.13 -17.57
CA PRO B 44 -37.45 -42.40 -18.31
C PRO B 44 -37.31 -40.94 -17.85
N SER B 45 -38.43 -40.27 -17.61
CA SER B 45 -38.37 -38.85 -17.34
C SER B 45 -37.73 -38.57 -15.97
N LEU B 46 -38.14 -39.32 -14.97
CA LEU B 46 -37.64 -39.16 -13.62
C LEU B 46 -36.16 -39.52 -13.52
N GLU B 47 -35.78 -40.59 -14.20
CA GLU B 47 -34.38 -41.02 -14.20
C GLU B 47 -33.50 -40.01 -14.91
N GLU B 48 -34.00 -39.47 -16.02
CA GLU B 48 -33.20 -38.56 -16.78
C GLU B 48 -32.93 -37.31 -15.97
N ARG B 49 -33.99 -36.78 -15.34
CA ARG B 49 -33.91 -35.62 -14.48
C ARG B 49 -32.85 -35.83 -13.40
N LEU B 50 -32.94 -36.97 -12.72
CA LEU B 50 -32.02 -37.29 -11.63
C LEU B 50 -30.58 -37.50 -12.14
N GLU B 51 -30.40 -38.26 -13.21
CA GLU B 51 -29.04 -38.45 -13.74
C GLU B 51 -28.42 -37.13 -14.17
N SER B 52 -29.26 -36.17 -14.53
CA SER B 52 -28.74 -34.88 -14.95
C SER B 52 -28.27 -34.06 -13.72
N ILE B 53 -29.10 -33.98 -12.70
CA ILE B 53 -28.63 -33.53 -11.40
C ILE B 53 -27.33 -34.22 -10.99
N ILE B 54 -27.31 -35.54 -11.04
CA ILE B 54 -26.12 -36.30 -10.67
C ILE B 54 -24.85 -35.91 -11.44
N SER B 55 -25.00 -35.67 -12.74
CA SER B 55 -23.90 -35.20 -13.55
C SER B 55 -23.36 -33.89 -12.98
N GLY B 56 -24.27 -32.99 -12.63
CA GLY B 56 -23.87 -31.71 -12.07
C GLY B 56 -23.12 -31.90 -10.77
N ALA B 57 -23.59 -32.82 -9.93
CA ALA B 57 -22.97 -33.10 -8.63
C ALA B 57 -21.57 -33.69 -8.78
N ALA B 58 -21.42 -34.61 -9.73
CA ALA B 58 -20.15 -35.23 -10.02
C ALA B 58 -19.14 -34.21 -10.54
N LEU B 59 -19.55 -33.35 -11.46
CA LEU B 59 -18.66 -32.25 -11.87
C LEU B 59 -18.15 -31.56 -10.60
N MET B 60 -19.08 -31.21 -9.74
CA MET B 60 -18.75 -30.45 -8.54
C MET B 60 -17.78 -31.30 -7.74
N ALA B 61 -18.01 -32.61 -7.69
CA ALA B 61 -17.22 -33.50 -6.89
C ALA B 61 -15.79 -33.51 -7.38
N ASP B 62 -15.61 -33.22 -8.67
CA ASP B 62 -14.29 -33.30 -9.30
C ASP B 62 -13.61 -31.95 -9.41
N SER B 63 -14.31 -30.89 -8.99
CA SER B 63 -13.75 -29.56 -9.11
C SER B 63 -12.51 -29.41 -8.26
N SER B 64 -11.67 -28.46 -8.62
CA SER B 64 -10.33 -28.33 -8.02
C SER B 64 -10.29 -28.26 -6.50
N CYS B 65 -11.17 -27.50 -5.87
CA CYS B 65 -11.06 -27.30 -4.42
C CYS B 65 -11.78 -28.35 -3.54
N THR B 66 -12.56 -29.23 -4.17
CA THR B 66 -13.41 -30.14 -3.41
C THR B 66 -12.50 -31.08 -2.65
N ARG B 67 -12.65 -31.15 -1.32
CA ARG B 67 -11.80 -32.03 -0.52
C ARG B 67 -12.16 -33.50 -0.69
N ASP B 68 -11.22 -34.36 -0.35
CA ASP B 68 -11.37 -35.79 -0.56
C ASP B 68 -12.68 -36.30 0.05
N ASP B 69 -12.89 -36.05 1.34
CA ASP B 69 -14.04 -36.59 2.03
C ASP B 69 -15.34 -36.05 1.40
N ARG B 70 -15.29 -34.81 0.93
CA ARG B 70 -16.43 -34.20 0.30
C ARG B 70 -16.78 -34.83 -1.06
N ARG B 71 -15.76 -35.22 -1.82
CA ARG B 71 -15.94 -35.88 -3.08
C ARG B 71 -16.58 -37.26 -2.87
N GLU B 72 -16.03 -38.03 -1.93
CA GLU B 72 -16.58 -39.33 -1.55
C GLU B 72 -17.98 -39.19 -1.02
N ARG B 73 -18.26 -38.11 -0.30
CA ARG B 73 -19.58 -37.92 0.26
C ARG B 73 -20.56 -37.59 -0.86
N ILE B 74 -20.16 -36.68 -1.74
CA ILE B 74 -21.03 -36.40 -2.87
C ILE B 74 -21.28 -37.68 -3.64
N VAL B 75 -20.22 -38.46 -3.93
CA VAL B 75 -20.41 -39.74 -4.67
C VAL B 75 -21.40 -40.64 -3.93
N ALA B 76 -21.23 -40.76 -2.63
CA ALA B 76 -22.12 -41.61 -1.86
C ALA B 76 -23.58 -41.15 -1.95
N GLU B 77 -23.82 -39.84 -1.84
CA GLU B 77 -25.19 -39.34 -1.88
C GLU B 77 -25.82 -39.48 -3.26
N CYS B 78 -25.02 -39.35 -4.31
CA CYS B 78 -25.47 -39.62 -5.68
C CYS B 78 -25.89 -41.08 -5.86
N ASN B 79 -25.13 -42.01 -5.31
CA ASN B 79 -25.55 -43.40 -5.37
C ASN B 79 -26.86 -43.61 -4.61
N ALA B 80 -27.01 -42.94 -3.49
CA ALA B 80 -28.17 -43.11 -2.64
C ALA B 80 -29.43 -42.52 -3.29
N VAL B 81 -29.31 -41.36 -3.96
CA VAL B 81 -30.48 -40.77 -4.61
C VAL B 81 -30.89 -41.65 -5.74
N ARG B 82 -29.91 -42.10 -6.51
CA ARG B 82 -30.17 -43.06 -7.57
C ARG B 82 -30.95 -44.23 -6.99
N GLN B 83 -30.44 -44.83 -5.92
CA GLN B 83 -31.10 -46.00 -5.37
C GLN B 83 -32.50 -45.64 -4.83
N ALA B 84 -32.62 -44.50 -4.16
CA ALA B 84 -33.91 -44.07 -3.66
C ALA B 84 -34.94 -43.85 -4.78
N LEU B 85 -34.50 -43.34 -5.93
CA LEU B 85 -35.42 -43.24 -7.06
C LEU B 85 -35.89 -44.59 -7.60
N GLN B 86 -34.98 -45.55 -7.70
CA GLN B 86 -35.37 -46.90 -8.13
C GLN B 86 -36.38 -47.50 -7.15
N ASP B 87 -36.12 -47.34 -5.86
CA ASP B 87 -37.05 -47.79 -4.84
C ASP B 87 -38.39 -47.09 -4.94
N LEU B 88 -38.36 -45.77 -5.13
CA LEU B 88 -39.60 -45.03 -5.41
C LEU B 88 -40.41 -45.66 -6.55
N LEU B 89 -39.79 -45.79 -7.72
CA LEU B 89 -40.48 -46.28 -8.89
C LEU B 89 -41.06 -47.65 -8.62
N SER B 90 -40.30 -48.45 -7.88
CA SER B 90 -40.74 -49.77 -7.47
C SER B 90 -42.02 -49.72 -6.62
N GLU B 91 -42.02 -48.84 -5.61
CA GLU B 91 -43.20 -48.62 -4.81
C GLU B 91 -44.43 -48.13 -5.62
N TYR B 92 -44.26 -47.15 -6.51
CA TYR B 92 -45.35 -46.74 -7.42
C TYR B 92 -45.94 -47.91 -8.22
N MET B 93 -45.04 -48.78 -8.68
CA MET B 93 -45.44 -49.92 -9.45
C MET B 93 -46.27 -50.90 -8.63
N ASN B 94 -46.25 -50.74 -7.30
CA ASN B 94 -47.05 -51.59 -6.41
C ASN B 94 -48.21 -50.86 -5.81
N ASN B 95 -48.47 -49.66 -6.32
CA ASN B 95 -49.54 -48.80 -5.81
C ASN B 95 -50.49 -48.37 -6.92
N THR B 96 -50.41 -49.04 -8.05
CA THR B 96 -51.19 -48.67 -9.21
C THR B 96 -52.72 -48.97 -9.13
N GLY B 97 -53.14 -49.69 -8.09
CA GLY B 97 -54.56 -50.00 -7.87
C GLY B 97 -55.48 -48.98 -7.22
N ARG B 98 -54.95 -48.03 -6.45
CA ARG B 98 -55.76 -46.97 -5.80
C ARG B 98 -55.05 -45.62 -5.95
N LYS B 99 -55.80 -44.52 -5.91
CA LYS B 99 -55.23 -43.17 -5.84
C LYS B 99 -54.56 -42.98 -4.48
N GLU B 100 -55.09 -43.63 -3.45
CA GLU B 100 -54.57 -43.41 -2.11
C GLU B 100 -53.21 -44.10 -1.94
N LYS B 101 -52.21 -43.30 -1.54
CA LYS B 101 -50.84 -43.78 -1.39
C LYS B 101 -50.66 -44.66 -0.16
N GLY B 102 -50.13 -45.86 -0.37
CA GLY B 102 -49.88 -46.77 0.73
C GLY B 102 -48.70 -46.26 1.56
N ASP B 103 -48.54 -46.83 2.74
CA ASP B 103 -47.40 -46.49 3.59
C ASP B 103 -46.06 -46.71 2.95
N PRO B 104 -45.86 -47.89 2.35
CA PRO B 104 -44.63 -48.15 1.62
C PRO B 104 -44.26 -47.04 0.65
N LEU B 105 -45.24 -46.48 -0.03
CA LEU B 105 -44.96 -45.52 -1.07
C LEU B 105 -44.64 -44.20 -0.37
N ASN B 106 -45.39 -43.87 0.66
CA ASN B 106 -45.15 -42.61 1.33
C ASN B 106 -43.78 -42.60 1.94
N ILE B 107 -43.36 -43.75 2.46
CA ILE B 107 -42.05 -43.89 3.08
C ILE B 107 -40.96 -43.71 2.03
N ALA B 108 -41.19 -44.19 0.81
CA ALA B 108 -40.18 -44.04 -0.23
C ALA B 108 -40.09 -42.60 -0.76
N ILE B 109 -41.22 -41.90 -0.82
CA ILE B 109 -41.21 -40.48 -1.16
C ILE B 109 -40.40 -39.66 -0.16
N ASP B 110 -40.71 -39.84 1.13
CA ASP B 110 -39.99 -39.15 2.19
C ASP B 110 -38.50 -39.42 2.10
N LYS B 111 -38.14 -40.67 1.81
CA LYS B 111 -36.75 -41.04 1.71
C LYS B 111 -36.13 -40.34 0.50
N MET B 112 -36.87 -40.29 -0.58
CA MET B 112 -36.32 -39.78 -1.81
C MET B 112 -36.03 -38.31 -1.54
N THR B 113 -36.94 -37.70 -0.81
CA THR B 113 -36.88 -36.29 -0.55
C THR B 113 -35.78 -36.00 0.49
N LYS B 114 -35.57 -36.93 1.41
CA LYS B 114 -34.49 -36.76 2.36
C LYS B 114 -33.11 -36.87 1.72
N LYS B 115 -32.91 -37.84 0.84
CA LYS B 115 -31.58 -38.00 0.22
C LYS B 115 -31.25 -36.86 -0.74
N THR B 116 -32.28 -36.19 -1.23
CA THR B 116 -32.12 -35.12 -2.18
C THR B 116 -31.72 -33.86 -1.40
N ARG B 117 -32.15 -33.81 -0.14
CA ARG B 117 -31.75 -32.78 0.79
C ARG B 117 -30.28 -32.99 1.21
N ASP B 118 -29.93 -34.23 1.53
CA ASP B 118 -28.57 -34.64 1.87
C ASP B 118 -27.58 -34.29 0.75
N LEU B 119 -27.97 -34.52 -0.49
CA LEU B 119 -27.14 -34.15 -1.63
C LEU B 119 -26.91 -32.64 -1.73
N ARG B 120 -27.96 -31.86 -1.58
CA ARG B 120 -27.83 -30.41 -1.61
C ARG B 120 -26.79 -30.00 -0.59
N ARG B 121 -26.81 -30.64 0.56
CA ARG B 121 -26.01 -30.18 1.67
C ARG B 121 -24.51 -30.39 1.32
N GLN B 122 -24.19 -31.58 0.81
CA GLN B 122 -22.83 -31.87 0.38
C GLN B 122 -22.46 -30.94 -0.74
N LEU B 123 -23.43 -30.63 -1.59
CA LEU B 123 -23.18 -29.68 -2.68
C LEU B 123 -22.82 -28.31 -2.12
N ARG B 124 -23.54 -27.87 -1.09
CA ARG B 124 -23.26 -26.58 -0.53
C ARG B 124 -21.85 -26.54 0.06
N LYS B 125 -21.48 -27.61 0.74
CA LYS B 125 -20.16 -27.71 1.35
C LYS B 125 -19.03 -27.68 0.31
N ALA B 126 -19.22 -28.38 -0.81
CA ALA B 126 -18.20 -28.38 -1.83
C ALA B 126 -17.97 -26.97 -2.39
N VAL B 127 -19.03 -26.18 -2.49
CA VAL B 127 -18.85 -24.84 -3.04
C VAL B 127 -18.01 -24.03 -2.02
N MET B 128 -18.31 -24.22 -0.74
CA MET B 128 -17.58 -23.56 0.32
C MET B 128 -16.11 -23.96 0.35
N ASP B 129 -15.80 -25.19 -0.08
CA ASP B 129 -14.42 -25.58 -0.31
C ASP B 129 -13.76 -24.61 -1.28
N HIS B 130 -14.47 -24.24 -2.33
CA HIS B 130 -13.89 -23.32 -3.29
C HIS B 130 -13.75 -21.91 -2.72
N ILE B 131 -14.85 -21.41 -2.15
CA ILE B 131 -14.91 -20.05 -1.60
C ILE B 131 -13.80 -19.88 -0.56
N SER B 132 -13.70 -20.85 0.34
CA SER B 132 -12.73 -20.82 1.44
C SER B 132 -11.32 -20.69 0.90
N ASP B 133 -10.97 -21.47 -0.12
CA ASP B 133 -9.62 -21.40 -0.69
C ASP B 133 -9.41 -20.17 -1.58
N SER B 134 -10.44 -19.72 -2.28
CA SER B 134 -10.19 -18.85 -3.40
C SER B 134 -10.28 -17.37 -3.02
N PHE B 135 -10.89 -17.08 -1.87
CA PHE B 135 -11.01 -15.70 -1.41
C PHE B 135 -9.96 -15.37 -0.36
N LEU B 136 -8.91 -16.17 -0.28
CA LEU B 136 -7.68 -15.77 0.42
C LEU B 136 -6.70 -15.11 -0.55
N GLU B 137 -5.91 -14.18 -0.03
CA GLU B 137 -4.84 -13.53 -0.80
C GLU B 137 -5.37 -12.99 -2.12
N THR B 138 -6.51 -12.32 -2.07
CA THR B 138 -7.20 -11.86 -3.27
C THR B 138 -6.49 -10.64 -3.88
N ASN B 139 -5.54 -10.11 -3.11
CA ASN B 139 -4.77 -8.93 -3.42
C ASN B 139 -3.39 -9.29 -4.02
N VAL B 140 -2.89 -10.48 -3.71
CA VAL B 140 -1.50 -10.80 -4.03
C VAL B 140 -1.16 -10.62 -5.51
N PRO B 141 -2.01 -11.09 -6.41
CA PRO B 141 -1.60 -11.01 -7.80
C PRO B 141 -1.57 -9.58 -8.39
N LEU B 142 -2.48 -8.70 -8.00
CA LEU B 142 -2.35 -7.27 -8.37
C LEU B 142 -1.02 -6.72 -7.87
N LEU B 143 -0.71 -6.98 -6.60
CA LEU B 143 0.51 -6.47 -5.99
C LEU B 143 1.75 -6.84 -6.80
N VAL B 144 1.88 -8.14 -7.10
CA VAL B 144 2.99 -8.61 -7.91
C VAL B 144 3.02 -7.90 -9.26
N LEU B 145 1.85 -7.73 -9.86
CA LEU B 145 1.75 -7.16 -11.18
C LEU B 145 2.32 -5.73 -11.13
N ILE B 146 1.93 -5.02 -10.09
CA ILE B 146 2.32 -3.64 -9.94
C ILE B 146 3.81 -3.51 -9.66
N GLU B 147 4.34 -4.43 -8.86
CA GLU B 147 5.79 -4.54 -8.64
C GLU B 147 6.58 -4.69 -9.92
N ALA B 148 6.14 -5.57 -10.81
CA ALA B 148 6.73 -5.68 -12.15
C ALA B 148 6.60 -4.35 -12.92
N ALA B 149 5.47 -3.67 -12.81
CA ALA B 149 5.31 -2.40 -13.51
C ALA B 149 6.33 -1.41 -12.98
N LYS B 150 6.38 -1.30 -11.65
CA LYS B 150 7.24 -0.33 -11.01
C LYS B 150 8.67 -0.55 -11.40
N SER B 151 9.03 -1.78 -11.70
CA SER B 151 10.41 -2.08 -12.09
C SER B 151 10.64 -1.66 -13.54
N GLY B 152 9.57 -1.27 -14.22
CA GLY B 152 9.63 -0.97 -15.64
C GLY B 152 10.00 -2.14 -16.56
N ASN B 153 9.94 -3.37 -16.07
CA ASN B 153 10.11 -4.56 -16.94
C ASN B 153 8.82 -4.91 -17.68
N GLU B 154 8.68 -4.47 -18.92
CA GLU B 154 7.47 -4.69 -19.72
C GLU B 154 7.24 -6.18 -20.09
N LYS B 155 8.31 -6.91 -20.38
CA LYS B 155 8.21 -8.35 -20.47
C LYS B 155 7.48 -8.91 -19.26
N GLU B 156 8.04 -8.72 -18.07
CA GLU B 156 7.55 -9.41 -16.89
C GLU B 156 6.11 -8.98 -16.58
N VAL B 157 5.78 -7.74 -16.92
CA VAL B 157 4.42 -7.28 -16.78
C VAL B 157 3.48 -8.09 -17.64
N LYS B 158 3.92 -8.48 -18.84
CA LYS B 158 3.08 -9.31 -19.70
C LYS B 158 2.80 -10.68 -19.10
N GLU B 159 3.81 -11.31 -18.52
CA GLU B 159 3.58 -12.63 -17.93
C GLU B 159 2.72 -12.58 -16.67
N TYR B 160 3.04 -11.67 -15.76
CA TYR B 160 2.24 -11.54 -14.53
C TYR B 160 0.86 -10.96 -14.79
N ALA B 161 0.62 -10.44 -15.99
CA ALA B 161 -0.73 -10.11 -16.41
C ALA B 161 -1.56 -11.36 -16.74
N GLN B 162 -0.94 -12.35 -17.36
CA GLN B 162 -1.61 -13.60 -17.61
C GLN B 162 -2.10 -14.15 -16.27
N VAL B 163 -1.17 -14.26 -15.33
CA VAL B 163 -1.46 -14.81 -14.02
C VAL B 163 -2.58 -14.03 -13.36
N PHE B 164 -2.52 -12.71 -13.51
CA PHE B 164 -3.57 -11.83 -13.01
C PHE B 164 -4.94 -12.17 -13.55
N ARG B 165 -5.07 -12.27 -14.88
CA ARG B 165 -6.31 -12.74 -15.52
C ARG B 165 -6.73 -14.09 -14.96
N GLU B 166 -5.79 -15.03 -14.89
CA GLU B 166 -6.17 -16.36 -14.45
C GLU B 166 -6.85 -16.25 -13.09
N HIS B 167 -6.26 -15.44 -12.23
CA HIS B 167 -6.77 -15.34 -10.89
C HIS B 167 -8.14 -14.68 -10.92
N ALA B 168 -8.30 -13.67 -11.78
CA ALA B 168 -9.60 -13.05 -11.90
C ALA B 168 -10.63 -14.05 -12.40
N ASN B 169 -10.30 -14.79 -13.47
CA ASN B 169 -11.14 -15.87 -13.96
C ASN B 169 -11.57 -16.85 -12.85
N LYS B 170 -10.65 -17.15 -11.93
CA LYS B 170 -10.91 -18.12 -10.88
C LYS B 170 -11.96 -17.59 -9.92
N LEU B 171 -11.86 -16.30 -9.61
CA LEU B 171 -12.84 -15.66 -8.78
C LEU B 171 -14.23 -15.74 -9.41
N VAL B 172 -14.30 -15.45 -10.70
CA VAL B 172 -15.59 -15.44 -11.37
C VAL B 172 -16.13 -16.88 -11.40
N GLU B 173 -15.27 -17.83 -11.73
CA GLU B 173 -15.66 -19.23 -11.70
C GLU B 173 -16.29 -19.64 -10.37
N VAL B 174 -15.67 -19.24 -9.27
CA VAL B 174 -16.14 -19.73 -8.01
C VAL B 174 -17.46 -19.05 -7.67
N ALA B 175 -17.62 -17.80 -8.10
CA ALA B 175 -18.83 -17.04 -7.89
C ALA B 175 -19.99 -17.71 -8.60
N ASN B 176 -19.75 -18.10 -9.84
CA ASN B 176 -20.67 -18.91 -10.61
C ASN B 176 -21.05 -20.27 -10.00
N LEU B 177 -20.12 -20.94 -9.32
CA LEU B 177 -20.44 -22.21 -8.65
C LEU B 177 -21.48 -21.92 -7.59
N ALA B 178 -21.25 -20.87 -6.81
CA ALA B 178 -22.17 -20.53 -5.75
C ALA B 178 -23.52 -20.14 -6.31
N CYS B 179 -23.55 -19.54 -7.50
CA CYS B 179 -24.82 -19.20 -8.13
C CYS B 179 -25.59 -20.46 -8.47
N SER B 180 -24.89 -21.47 -8.96
CA SER B 180 -25.56 -22.59 -9.58
C SER B 180 -26.43 -23.38 -8.56
N ILE B 181 -26.11 -23.25 -7.28
CA ILE B 181 -26.83 -24.00 -6.26
C ILE B 181 -27.67 -23.10 -5.39
N SER B 182 -27.71 -21.81 -5.72
CA SER B 182 -28.46 -20.88 -4.91
C SER B 182 -29.95 -20.82 -5.32
N ASN B 183 -30.85 -20.80 -4.34
CA ASN B 183 -32.25 -20.53 -4.55
C ASN B 183 -32.63 -19.06 -4.45
N ASN B 184 -31.63 -18.19 -4.36
CA ASN B 184 -31.88 -16.78 -4.18
C ASN B 184 -31.70 -16.00 -5.47
N GLU B 185 -32.81 -15.73 -6.16
CA GLU B 185 -32.81 -15.02 -7.45
C GLU B 185 -32.03 -13.70 -7.41
N GLU B 186 -32.49 -12.77 -6.56
CA GLU B 186 -31.85 -11.49 -6.31
C GLU B 186 -30.37 -11.66 -5.99
N GLY B 187 -30.08 -12.58 -5.09
CA GLY B 187 -28.70 -12.83 -4.70
C GLY B 187 -27.87 -13.14 -5.92
N VAL B 188 -28.41 -14.02 -6.76
CA VAL B 188 -27.70 -14.50 -7.95
C VAL B 188 -27.48 -13.36 -8.96
N LYS B 189 -28.50 -12.55 -9.18
CA LYS B 189 -28.38 -11.42 -10.09
C LYS B 189 -27.22 -10.54 -9.65
N LEU B 190 -27.13 -10.34 -8.35
CA LEU B 190 -26.14 -9.42 -7.84
C LEU B 190 -24.75 -10.00 -8.02
N VAL B 191 -24.54 -11.28 -7.72
CA VAL B 191 -23.19 -11.81 -7.89
C VAL B 191 -22.82 -11.87 -9.36
N ARG B 192 -23.81 -12.03 -10.23
CA ARG B 192 -23.53 -11.99 -11.66
C ARG B 192 -23.16 -10.59 -12.19
N MET B 193 -23.79 -9.56 -11.65
CA MET B 193 -23.43 -8.19 -11.99
C MET B 193 -22.01 -7.91 -11.49
N ALA B 194 -21.71 -8.38 -10.28
CA ALA B 194 -20.40 -8.11 -9.76
C ALA B 194 -19.35 -8.79 -10.63
N ALA B 195 -19.66 -9.98 -11.14
CA ALA B 195 -18.65 -10.72 -11.89
C ALA B 195 -18.41 -10.00 -13.20
N THR B 196 -19.48 -9.48 -13.78
CA THR B 196 -19.38 -8.74 -15.03
C THR B 196 -18.49 -7.53 -14.82
N GLN B 197 -18.65 -6.87 -13.67
CA GLN B 197 -17.79 -5.73 -13.34
C GLN B 197 -16.33 -6.16 -13.23
N ILE B 198 -16.10 -7.36 -12.70
CA ILE B 198 -14.75 -7.84 -12.56
C ILE B 198 -14.18 -8.10 -13.95
N ASP B 199 -14.99 -8.67 -14.82
CA ASP B 199 -14.50 -8.99 -16.17
C ASP B 199 -14.06 -7.75 -16.92
N SER B 200 -14.84 -6.68 -16.86
CA SER B 200 -14.55 -5.53 -17.71
C SER B 200 -13.45 -4.68 -17.12
N LEU B 201 -13.26 -4.78 -15.81
CA LEU B 201 -12.26 -3.98 -15.14
C LEU B 201 -10.84 -4.55 -15.32
N CYS B 202 -10.75 -5.87 -15.31
CA CYS B 202 -9.49 -6.59 -15.46
C CYS B 202 -8.60 -6.05 -16.57
N PRO B 203 -9.12 -6.02 -17.80
CA PRO B 203 -8.22 -5.50 -18.84
C PRO B 203 -7.75 -4.09 -18.52
N GLN B 204 -8.52 -3.37 -17.71
CA GLN B 204 -8.20 -1.96 -17.44
C GLN B 204 -7.09 -1.80 -16.40
N VAL B 205 -7.07 -2.69 -15.43
CA VAL B 205 -6.03 -2.65 -14.42
C VAL B 205 -4.74 -3.03 -15.14
N ILE B 206 -4.87 -3.95 -16.09
CA ILE B 206 -3.72 -4.38 -16.85
C ILE B 206 -3.18 -3.22 -17.68
N ASN B 207 -4.07 -2.52 -18.38
CA ASN B 207 -3.68 -1.38 -19.18
C ASN B 207 -2.91 -0.39 -18.34
N ALA B 208 -3.41 -0.13 -17.13
CA ALA B 208 -2.76 0.81 -16.21
C ALA B 208 -1.39 0.35 -15.74
N ALA B 209 -1.22 -0.95 -15.57
CA ALA B 209 0.08 -1.48 -15.23
C ALA B 209 1.03 -1.29 -16.40
N LEU B 210 0.55 -1.53 -17.62
CA LEU B 210 1.38 -1.33 -18.82
C LEU B 210 1.86 0.11 -18.93
N THR B 211 0.96 1.07 -18.80
CA THR B 211 1.38 2.43 -19.07
C THR B 211 2.36 2.87 -17.98
N LEU B 212 2.20 2.29 -16.80
CA LEU B 212 3.15 2.51 -15.70
C LEU B 212 4.50 1.91 -16.06
N ALA B 213 4.51 0.65 -16.48
CA ALA B 213 5.77 -0.01 -16.81
C ALA B 213 6.56 0.75 -17.87
N ALA B 214 5.85 1.38 -18.79
CA ALA B 214 6.47 2.17 -19.85
C ALA B 214 7.02 3.46 -19.31
N ARG B 215 6.47 3.95 -18.22
CA ARG B 215 6.94 5.21 -17.65
C ARG B 215 6.87 5.11 -16.15
N PRO B 216 7.79 4.34 -15.55
CA PRO B 216 7.65 4.08 -14.13
C PRO B 216 7.87 5.34 -13.28
N GLN B 217 8.53 6.36 -13.85
CA GLN B 217 8.82 7.57 -13.08
C GLN B 217 7.72 8.63 -13.16
N SER B 218 6.77 8.45 -14.07
CA SER B 218 5.68 9.44 -14.27
C SER B 218 4.75 9.46 -13.08
N LYS B 219 4.57 10.67 -12.52
CA LYS B 219 3.65 10.85 -11.41
C LYS B 219 2.20 10.62 -11.85
N VAL B 220 1.86 11.01 -13.07
CA VAL B 220 0.55 10.68 -13.58
C VAL B 220 0.28 9.21 -13.65
N ALA B 221 1.27 8.42 -14.07
CA ALA B 221 1.02 6.98 -14.26
C ALA B 221 0.99 6.24 -12.94
N GLN B 222 1.81 6.69 -11.99
CA GLN B 222 1.79 6.19 -10.64
C GLN B 222 0.43 6.41 -9.99
N ASP B 223 -0.07 7.64 -10.09
CA ASP B 223 -1.33 7.98 -9.48
C ASP B 223 -2.46 7.17 -10.13
N ASN B 224 -2.34 6.94 -11.44
CA ASN B 224 -3.33 6.20 -12.23
C ASN B 224 -3.35 4.73 -11.87
N MET B 225 -2.18 4.14 -11.70
CA MET B 225 -2.09 2.78 -11.20
C MET B 225 -2.87 2.65 -9.89
N ASP B 226 -2.73 3.66 -9.02
CA ASP B 226 -3.27 3.57 -7.67
C ASP B 226 -4.78 3.64 -7.70
N VAL B 227 -5.31 4.46 -8.62
CA VAL B 227 -6.75 4.58 -8.79
C VAL B 227 -7.35 3.24 -9.17
N PHE B 228 -6.70 2.56 -10.11
CA PHE B 228 -7.21 1.29 -10.63
C PHE B 228 -6.98 0.20 -9.63
N LYS B 229 -5.89 0.29 -8.90
CA LYS B 229 -5.69 -0.59 -7.78
C LYS B 229 -6.81 -0.50 -6.76
N ASP B 230 -7.19 0.72 -6.36
CA ASP B 230 -8.25 0.84 -5.37
C ASP B 230 -9.56 0.33 -5.96
N GLN B 231 -9.77 0.63 -7.24
CA GLN B 231 -10.99 0.26 -7.93
C GLN B 231 -11.09 -1.26 -7.96
N TRP B 232 -9.96 -1.92 -8.18
CA TRP B 232 -9.94 -3.35 -8.33
C TRP B 232 -10.25 -4.01 -7.00
N GLU B 233 -9.53 -3.56 -5.96
CA GLU B 233 -9.73 -4.09 -4.62
C GLU B 233 -11.16 -3.83 -4.16
N LYS B 234 -11.72 -2.72 -4.60
CA LYS B 234 -13.11 -2.41 -4.27
C LYS B 234 -14.06 -3.44 -4.89
N GLN B 235 -13.81 -3.81 -6.12
CA GLN B 235 -14.75 -4.58 -6.93
C GLN B 235 -14.66 -6.05 -6.57
N VAL B 236 -13.49 -6.49 -6.13
CA VAL B 236 -13.33 -7.80 -5.58
C VAL B 236 -14.15 -7.93 -4.29
N ARG B 237 -14.14 -6.89 -3.45
CA ARG B 237 -14.91 -6.90 -2.22
C ARG B 237 -16.39 -7.05 -2.57
N VAL B 238 -16.85 -6.26 -3.53
CA VAL B 238 -18.25 -6.30 -3.95
C VAL B 238 -18.63 -7.71 -4.35
N LEU B 239 -17.80 -8.35 -5.17
CA LEU B 239 -18.10 -9.69 -5.64
C LEU B 239 -17.98 -10.71 -4.52
N THR B 240 -17.03 -10.48 -3.63
CA THR B 240 -16.85 -11.39 -2.49
C THR B 240 -18.08 -11.31 -1.58
N GLU B 241 -18.55 -10.09 -1.35
CA GLU B 241 -19.65 -9.88 -0.44
C GLU B 241 -20.91 -10.41 -1.07
N ALA B 242 -21.02 -10.28 -2.39
CA ALA B 242 -22.22 -10.74 -3.05
C ALA B 242 -22.28 -12.25 -2.92
N VAL B 243 -21.13 -12.90 -3.03
CA VAL B 243 -21.06 -14.35 -2.91
C VAL B 243 -21.35 -14.81 -1.48
N ASP B 244 -20.80 -14.11 -0.50
CA ASP B 244 -21.13 -14.39 0.88
C ASP B 244 -22.64 -14.31 1.09
N ASP B 245 -23.30 -13.39 0.38
CA ASP B 245 -24.74 -13.19 0.56
C ASP B 245 -25.64 -14.36 0.17
N ILE B 246 -25.19 -15.19 -0.76
CA ILE B 246 -25.97 -16.35 -1.14
C ILE B 246 -25.33 -17.62 -0.62
N THR B 247 -24.57 -17.47 0.46
CA THR B 247 -23.87 -18.59 1.09
C THR B 247 -24.36 -18.63 2.53
N SER B 248 -24.60 -19.84 3.03
CA SER B 248 -25.09 -19.95 4.37
C SER B 248 -23.91 -19.90 5.35
N VAL B 249 -24.05 -19.13 6.44
CA VAL B 249 -22.93 -18.97 7.37
C VAL B 249 -22.64 -20.31 8.03
N ASP B 250 -23.69 -21.08 8.27
CA ASP B 250 -23.62 -22.47 8.71
C ASP B 250 -22.54 -23.24 7.93
N ASP B 251 -22.68 -23.23 6.60
CA ASP B 251 -21.70 -23.88 5.73
C ASP B 251 -20.33 -23.21 5.75
N PHE B 252 -20.30 -21.89 5.84
CA PHE B 252 -19.03 -21.19 6.01
C PHE B 252 -18.27 -21.67 7.24
N LEU B 253 -18.95 -21.75 8.36
CA LEU B 253 -18.28 -22.17 9.58
C LEU B 253 -17.83 -23.62 9.48
N SER B 254 -18.70 -24.49 9.00
CA SER B 254 -18.42 -25.90 9.12
C SER B 254 -17.22 -26.25 8.23
N VAL B 255 -17.20 -25.74 7.01
CA VAL B 255 -16.04 -25.91 6.14
C VAL B 255 -14.77 -25.16 6.60
N SER B 256 -14.92 -23.95 7.12
CA SER B 256 -13.74 -23.28 7.68
C SER B 256 -13.12 -24.11 8.80
N GLU B 257 -13.95 -24.73 9.62
CA GLU B 257 -13.46 -25.59 10.65
C GLU B 257 -12.69 -26.77 10.08
N ASN B 258 -13.27 -27.46 9.10
CA ASN B 258 -12.59 -28.56 8.42
C ASN B 258 -11.23 -28.13 7.92
N HIS B 259 -11.18 -26.96 7.30
CA HIS B 259 -10.01 -26.58 6.54
C HIS B 259 -8.92 -26.19 7.50
N ILE B 260 -9.31 -25.59 8.62
CA ILE B 260 -8.32 -25.19 9.59
C ILE B 260 -7.63 -26.42 10.21
N LEU B 261 -8.38 -27.47 10.51
CA LEU B 261 -7.81 -28.76 10.95
C LEU B 261 -6.90 -29.41 9.92
N GLU B 262 -7.30 -29.38 8.64
CA GLU B 262 -6.43 -29.82 7.54
C GLU B 262 -5.12 -29.02 7.50
N ASP B 263 -5.22 -27.71 7.64
CA ASP B 263 -4.05 -26.85 7.65
C ASP B 263 -3.13 -27.22 8.81
N VAL B 264 -3.73 -27.37 9.99
CA VAL B 264 -2.94 -27.66 11.17
C VAL B 264 -2.11 -28.93 10.95
N ASN B 265 -2.76 -30.02 10.58
CA ASN B 265 -2.05 -31.23 10.24
C ASN B 265 -0.92 -30.96 9.26
N LYS B 266 -1.15 -30.07 8.30
CA LYS B 266 -0.14 -29.83 7.29
C LYS B 266 1.04 -29.11 7.92
N CYS B 267 0.77 -28.28 8.91
CA CYS B 267 1.80 -27.54 9.63
C CYS B 267 2.64 -28.52 10.46
N VAL B 268 1.92 -29.38 11.17
CA VAL B 268 2.55 -30.29 12.07
C VAL B 268 3.52 -31.16 11.28
N ILE B 269 3.06 -31.72 10.16
CA ILE B 269 3.94 -32.43 9.27
C ILE B 269 5.17 -31.57 8.94
N ALA B 270 4.95 -30.34 8.51
CA ALA B 270 6.02 -29.42 8.12
C ALA B 270 7.08 -29.28 9.21
N LEU B 271 6.60 -29.29 10.45
CA LEU B 271 7.43 -29.33 11.62
C LEU B 271 8.25 -30.63 11.75
N GLN B 272 7.63 -31.79 11.53
CA GLN B 272 8.41 -33.03 11.52
C GLN B 272 9.55 -32.90 10.51
N GLU B 273 9.28 -32.16 9.43
CA GLU B 273 10.15 -32.16 8.28
C GLU B 273 11.20 -31.04 8.37
N GLY B 274 11.08 -30.17 9.36
CA GLY B 274 11.93 -28.99 9.38
C GLY B 274 11.73 -28.14 8.12
N ASP B 275 10.49 -28.08 7.64
CA ASP B 275 10.20 -27.41 6.37
C ASP B 275 9.61 -26.02 6.60
N VAL B 276 10.43 -24.97 6.50
CA VAL B 276 9.99 -23.62 6.84
C VAL B 276 9.04 -23.02 5.83
N ASP B 277 9.25 -23.30 4.55
CA ASP B 277 8.39 -22.73 3.51
C ASP B 277 6.94 -23.21 3.60
N THR B 278 6.73 -24.52 3.61
CA THR B 278 5.43 -25.09 3.84
C THR B 278 4.86 -24.56 5.14
N LEU B 279 5.66 -24.46 6.20
CA LEU B 279 5.06 -24.05 7.46
C LEU B 279 4.55 -22.61 7.34
N ASP B 280 5.34 -21.77 6.67
CA ASP B 280 5.00 -20.38 6.54
C ASP B 280 3.74 -20.20 5.69
N ARG B 281 3.76 -20.77 4.49
CA ARG B 281 2.57 -20.73 3.64
C ARG B 281 1.32 -21.18 4.41
N THR B 282 1.43 -22.32 5.08
CA THR B 282 0.26 -22.95 5.66
C THR B 282 -0.28 -22.21 6.88
N ALA B 283 0.60 -21.76 7.77
CA ALA B 283 0.16 -20.86 8.81
C ALA B 283 -0.44 -19.59 8.22
N GLY B 284 0.17 -19.06 7.17
CA GLY B 284 -0.42 -17.98 6.39
C GLY B 284 -1.87 -18.25 6.04
N ALA B 285 -2.15 -19.44 5.56
CA ALA B 285 -3.52 -19.77 5.17
C ALA B 285 -4.42 -19.84 6.41
N ILE B 286 -3.92 -20.40 7.51
CA ILE B 286 -4.73 -20.47 8.72
C ILE B 286 -5.17 -19.05 9.16
N ARG B 287 -4.22 -18.11 9.14
CA ARG B 287 -4.53 -16.74 9.51
C ARG B 287 -5.51 -16.09 8.55
N GLY B 288 -5.39 -16.43 7.26
CA GLY B 288 -6.29 -15.90 6.25
C GLY B 288 -7.72 -16.38 6.43
N ARG B 289 -7.89 -17.67 6.68
CA ARG B 289 -9.21 -18.24 6.94
C ARG B 289 -9.79 -17.65 8.21
N ALA B 290 -8.98 -17.60 9.26
CA ALA B 290 -9.46 -17.07 10.50
C ALA B 290 -9.87 -15.61 10.25
N ALA B 291 -9.08 -14.88 9.48
CA ALA B 291 -9.41 -13.46 9.25
C ALA B 291 -10.72 -13.37 8.48
N ARG B 292 -11.00 -14.38 7.65
CA ARG B 292 -12.22 -14.33 6.89
C ARG B 292 -13.42 -14.67 7.75
N VAL B 293 -13.33 -15.65 8.65
CA VAL B 293 -14.46 -15.93 9.51
C VAL B 293 -14.86 -14.74 10.37
N ILE B 294 -13.86 -14.02 10.84
CA ILE B 294 -14.13 -12.84 11.62
C ILE B 294 -14.91 -11.77 10.86
N HIS B 295 -14.43 -11.42 9.68
CA HIS B 295 -15.02 -10.35 8.88
C HIS B 295 -16.42 -10.74 8.41
N ILE B 296 -16.60 -12.00 8.05
CA ILE B 296 -17.89 -12.42 7.57
C ILE B 296 -18.91 -12.59 8.69
N ILE B 297 -18.47 -13.08 9.85
CA ILE B 297 -19.39 -13.21 10.96
C ILE B 297 -19.69 -11.84 11.54
N ASN B 298 -18.69 -10.97 11.58
CA ASN B 298 -18.94 -9.61 12.07
C ASN B 298 -20.00 -8.95 11.22
N ALA B 299 -19.90 -9.12 9.90
CA ALA B 299 -20.84 -8.48 8.99
C ALA B 299 -22.21 -9.11 9.14
N GLU B 300 -22.25 -10.40 9.42
CA GLU B 300 -23.52 -11.11 9.49
C GLU B 300 -24.31 -10.69 10.72
N MET B 301 -23.61 -10.24 11.76
CA MET B 301 -24.30 -9.77 12.96
C MET B 301 -24.91 -8.40 12.71
N GLU B 302 -24.45 -7.75 11.65
CA GLU B 302 -24.96 -6.42 11.36
C GLU B 302 -26.38 -6.54 10.86
N ASN B 303 -26.82 -7.79 10.70
CA ASN B 303 -28.15 -8.06 10.20
C ASN B 303 -29.13 -8.35 11.31
N TYR B 304 -28.66 -8.30 12.55
CA TYR B 304 -29.57 -8.35 13.69
C TYR B 304 -29.40 -7.11 14.55
N GLU B 305 -30.47 -6.74 15.26
CA GLU B 305 -30.39 -5.72 16.32
C GLU B 305 -29.60 -6.24 17.52
N ALA B 306 -28.89 -5.35 18.19
CA ALA B 306 -27.93 -5.73 19.21
C ALA B 306 -28.58 -6.43 20.40
N GLY B 307 -28.05 -7.57 20.81
CA GLY B 307 -28.50 -8.23 22.03
C GLY B 307 -27.71 -9.45 22.42
N VAL B 308 -28.30 -10.29 23.27
CA VAL B 308 -27.66 -11.49 23.77
C VAL B 308 -26.98 -12.29 22.64
N TYR B 309 -27.64 -12.36 21.49
CA TYR B 309 -27.14 -13.19 20.40
C TYR B 309 -25.89 -12.57 19.83
N THR B 310 -25.99 -11.29 19.44
CA THR B 310 -24.85 -10.61 18.84
C THR B 310 -23.69 -10.49 19.82
N GLU B 311 -24.00 -10.20 21.08
CA GLU B 311 -22.99 -10.07 22.10
C GLU B 311 -22.10 -11.30 22.22
N LYS B 312 -22.70 -12.48 22.35
CA LYS B 312 -21.89 -13.71 22.46
C LYS B 312 -20.96 -13.74 21.26
N VAL B 313 -21.56 -13.65 20.07
CA VAL B 313 -20.83 -13.79 18.82
C VAL B 313 -19.67 -12.79 18.72
N LEU B 314 -19.95 -11.52 18.94
CA LEU B 314 -18.93 -10.48 18.83
C LEU B 314 -17.84 -10.67 19.89
N GLU B 315 -18.21 -11.24 21.02
CA GLU B 315 -17.22 -11.49 22.04
C GLU B 315 -16.26 -12.57 21.54
N ALA B 316 -16.85 -13.61 20.96
CA ALA B 316 -16.04 -14.72 20.48
C ALA B 316 -15.16 -14.22 19.36
N THR B 317 -15.74 -13.43 18.46
CA THR B 317 -15.00 -12.92 17.34
C THR B 317 -13.87 -12.03 17.82
N LYS B 318 -14.09 -11.31 18.90
CA LYS B 318 -13.10 -10.40 19.43
C LYS B 318 -11.92 -11.15 20.08
N LEU B 319 -12.24 -12.15 20.90
CA LEU B 319 -11.24 -13.08 21.39
C LEU B 319 -10.37 -13.64 20.25
N LEU B 320 -10.99 -14.29 19.27
CA LEU B 320 -10.21 -14.92 18.22
C LEU B 320 -9.25 -13.89 17.59
N SER B 321 -9.75 -12.70 17.34
CA SER B 321 -8.98 -11.75 16.58
C SER B 321 -7.91 -11.08 17.43
N GLU B 322 -8.21 -10.84 18.70
CA GLU B 322 -7.43 -9.90 19.49
C GLU B 322 -6.38 -10.69 20.29
N THR B 323 -6.67 -11.96 20.56
CA THR B 323 -5.85 -12.74 21.47
C THR B 323 -5.29 -13.99 20.80
N VAL B 324 -6.17 -14.78 20.22
CA VAL B 324 -5.81 -16.09 19.70
C VAL B 324 -4.92 -16.00 18.47
N MET B 325 -5.38 -15.31 17.45
CA MET B 325 -4.60 -15.28 16.22
C MET B 325 -3.20 -14.70 16.43
N PRO B 326 -3.10 -13.57 17.14
CA PRO B 326 -1.69 -13.13 17.34
C PRO B 326 -0.86 -14.08 18.24
N ARG B 327 -1.46 -14.68 19.25
CA ARG B 327 -0.76 -15.72 19.99
C ARG B 327 -0.31 -16.85 19.05
N PHE B 328 -1.13 -17.16 18.06
CA PHE B 328 -0.80 -18.18 17.09
C PHE B 328 0.41 -17.76 16.24
N ALA B 329 0.35 -16.55 15.70
CA ALA B 329 1.35 -16.05 14.77
C ALA B 329 2.71 -16.05 15.45
N GLU B 330 2.77 -15.60 16.70
CA GLU B 330 4.00 -15.52 17.44
C GLU B 330 4.62 -16.92 17.57
N GLN B 331 3.76 -17.89 17.88
CA GLN B 331 4.21 -19.25 18.09
C GLN B 331 4.77 -19.84 16.80
N VAL B 332 4.15 -19.50 15.67
CA VAL B 332 4.70 -19.92 14.39
C VAL B 332 6.05 -19.22 14.17
N GLU B 333 6.20 -17.99 14.62
CA GLU B 333 7.48 -17.33 14.51
C GLU B 333 8.55 -18.08 15.31
N VAL B 334 8.20 -18.50 16.52
CA VAL B 334 9.15 -19.18 17.40
C VAL B 334 9.70 -20.41 16.67
N ALA B 335 8.80 -21.17 16.05
CA ALA B 335 9.17 -22.35 15.31
C ALA B 335 9.96 -22.05 14.05
N ILE B 336 9.54 -21.07 13.26
CA ILE B 336 10.30 -20.79 12.06
C ILE B 336 11.71 -20.41 12.43
N GLU B 337 11.86 -19.52 13.41
CA GLU B 337 13.21 -19.04 13.78
C GLU B 337 14.07 -20.18 14.34
N ALA B 338 13.45 -21.06 15.13
CA ALA B 338 14.16 -22.22 15.67
C ALA B 338 14.69 -23.07 14.52
N LEU B 339 13.85 -23.28 13.51
CA LEU B 339 14.19 -24.17 12.41
C LEU B 339 15.20 -23.55 11.44
N SER B 340 15.16 -22.22 11.30
CA SER B 340 16.02 -21.51 10.35
C SER B 340 17.42 -21.28 10.91
N ALA B 341 17.61 -21.60 12.19
CA ALA B 341 18.87 -21.29 12.88
C ALA B 341 20.05 -22.00 12.24
N ASN B 342 21.24 -21.41 12.43
CA ASN B 342 22.50 -22.02 12.03
C ASN B 342 22.61 -23.51 12.45
N VAL B 343 22.76 -23.74 13.75
CA VAL B 343 22.51 -25.08 14.32
C VAL B 343 21.17 -25.15 15.07
N PRO B 344 20.07 -25.47 14.34
CA PRO B 344 18.74 -25.48 14.96
C PRO B 344 18.70 -26.29 16.25
N GLU B 349 7.42 -27.89 20.50
CA GLU B 349 6.29 -28.41 19.70
C GLU B 349 4.93 -28.28 20.40
N ASN B 350 4.92 -28.47 21.72
CA ASN B 350 3.68 -28.48 22.47
C ASN B 350 2.97 -27.12 22.36
N GLU B 351 3.76 -26.06 22.43
CA GLU B 351 3.34 -24.70 22.21
C GLU B 351 2.60 -24.52 20.89
N PHE B 352 3.17 -25.02 19.82
CA PHE B 352 2.50 -24.93 18.53
C PHE B 352 1.16 -25.68 18.51
N ILE B 353 1.16 -26.89 19.07
CA ILE B 353 -0.05 -27.70 19.08
C ILE B 353 -1.12 -26.96 19.87
N ASP B 354 -0.74 -26.40 21.02
CA ASP B 354 -1.71 -25.74 21.88
C ASP B 354 -2.23 -24.48 21.19
N ALA B 355 -1.33 -23.72 20.59
CA ALA B 355 -1.76 -22.51 19.91
C ALA B 355 -2.74 -22.88 18.78
N SER B 356 -2.38 -23.91 18.02
CA SER B 356 -3.20 -24.39 16.93
C SER B 356 -4.55 -24.81 17.46
N ARG B 357 -4.56 -25.45 18.63
CA ARG B 357 -5.83 -25.96 19.11
C ARG B 357 -6.71 -24.79 19.51
N LEU B 358 -6.08 -23.71 19.98
CA LEU B 358 -6.83 -22.56 20.41
C LEU B 358 -7.54 -21.86 19.25
N VAL B 359 -6.84 -21.71 18.12
CA VAL B 359 -7.46 -21.14 16.91
C VAL B 359 -8.69 -21.91 16.52
N TYR B 360 -8.56 -23.22 16.42
CA TYR B 360 -9.69 -24.04 16.04
C TYR B 360 -10.81 -23.99 17.09
N ASP B 361 -10.44 -24.00 18.35
CA ASP B 361 -11.46 -23.92 19.41
C ASP B 361 -12.11 -22.53 19.44
N GLY B 362 -11.35 -21.52 19.07
CA GLY B 362 -11.86 -20.18 19.06
C GLY B 362 -12.87 -20.07 17.94
N VAL B 363 -12.53 -20.67 16.80
CA VAL B 363 -13.51 -20.80 15.75
C VAL B 363 -14.77 -21.58 16.18
N ARG B 364 -14.61 -22.64 16.93
CA ARG B 364 -15.77 -23.47 17.28
C ARG B 364 -16.66 -22.66 18.20
N ASP B 365 -16.04 -21.80 19.03
CA ASP B 365 -16.81 -20.92 19.93
C ASP B 365 -17.69 -19.94 19.16
N ILE B 366 -17.07 -19.19 18.23
CA ILE B 366 -17.81 -18.37 17.27
C ILE B 366 -18.97 -19.14 16.63
N ARG B 367 -18.67 -20.32 16.10
CA ARG B 367 -19.74 -21.11 15.50
C ARG B 367 -20.84 -21.45 16.50
N LYS B 368 -20.46 -22.00 17.65
CA LYS B 368 -21.46 -22.37 18.63
C LYS B 368 -22.34 -21.16 18.95
N ALA B 369 -21.73 -19.96 18.89
CA ALA B 369 -22.47 -18.77 19.26
C ALA B 369 -23.45 -18.48 18.13
N VAL B 370 -22.94 -18.55 16.91
CA VAL B 370 -23.72 -18.13 15.78
C VAL B 370 -24.94 -19.03 15.63
N LEU B 371 -24.81 -20.25 16.12
CA LEU B 371 -25.80 -21.29 15.92
C LEU B 371 -26.84 -21.38 17.03
N MET B 372 -26.59 -20.71 18.15
CA MET B 372 -27.61 -20.52 19.19
C MET B 372 -29.06 -20.27 18.67
N ILE B 373 -29.23 -19.20 17.89
CA ILE B 373 -30.55 -18.76 17.42
C ILE B 373 -30.49 -17.27 17.06
N THR C 14 39.00 56.42 6.35
CA THR C 14 37.55 56.40 5.96
C THR C 14 36.83 55.14 6.45
N GLY C 15 37.34 53.97 6.06
CA GLY C 15 36.73 52.71 6.46
C GLY C 15 35.73 52.18 5.43
N ILE C 16 35.69 50.86 5.30
CA ILE C 16 34.71 50.18 4.46
C ILE C 16 33.49 49.77 5.30
N GLY C 17 32.58 49.01 4.71
CA GLY C 17 31.43 48.49 5.46
C GLY C 17 31.76 47.78 6.78
N GLU C 18 31.00 48.11 7.82
CA GLU C 18 31.14 47.51 9.14
C GLU C 18 31.05 45.99 9.00
N LEU C 19 30.01 45.53 8.33
CA LEU C 19 29.79 44.09 8.14
C LEU C 19 30.82 43.44 7.20
N ALA C 20 31.16 44.13 6.11
CA ALA C 20 32.16 43.62 5.17
C ALA C 20 33.50 43.41 5.90
N ALA C 21 33.86 44.38 6.73
CA ALA C 21 35.13 44.36 7.46
C ALA C 21 35.12 43.23 8.48
N ALA C 22 34.00 43.06 9.17
CA ALA C 22 33.85 41.94 10.10
C ALA C 22 34.09 40.60 9.41
N LEU C 23 33.52 40.45 8.22
CA LEU C 23 33.71 39.25 7.39
C LEU C 23 35.18 39.05 6.97
N ASN C 24 35.82 40.13 6.51
CA ASN C 24 37.21 40.07 6.13
C ASN C 24 38.13 39.67 7.29
N GLU C 25 37.94 40.37 8.42
CA GLU C 25 38.67 40.10 9.62
C GLU C 25 38.50 38.64 10.05
N PHE C 26 37.27 38.14 10.01
CA PHE C 26 37.03 36.77 10.43
C PHE C 26 37.86 35.85 9.55
N ASP C 27 37.86 36.10 8.24
CA ASP C 27 38.56 35.24 7.30
C ASP C 27 40.05 35.11 7.60
N ASN C 28 40.65 36.19 8.11
CA ASN C 28 42.05 36.16 8.46
C ASN C 28 42.29 35.52 9.82
N LYS C 29 41.38 35.77 10.75
CA LYS C 29 41.59 35.36 12.11
C LYS C 29 41.42 33.86 12.31
N ILE C 30 40.80 33.19 11.34
CA ILE C 30 40.77 31.74 11.37
C ILE C 30 42.08 31.05 10.95
N ILE C 31 43.02 31.80 10.37
CA ILE C 31 44.29 31.21 9.93
C ILE C 31 45.29 31.36 11.07
N LEU C 32 45.67 30.24 11.69
CA LEU C 32 46.58 30.26 12.85
C LEU C 32 47.64 29.16 12.74
N ASP C 33 48.81 29.40 13.31
CA ASP C 33 49.76 28.34 13.55
C ASP C 33 49.14 27.30 14.47
N PRO C 34 48.82 26.12 13.93
CA PRO C 34 48.17 25.08 14.72
C PRO C 34 49.02 24.66 15.91
N MET C 35 50.32 24.88 15.84
CA MET C 35 51.21 24.52 16.95
C MET C 35 50.90 25.39 18.16
N THR C 36 50.29 26.56 17.91
CA THR C 36 49.94 27.53 18.96
C THR C 36 48.48 27.36 19.39
N PHE C 37 47.70 26.64 18.60
CA PHE C 37 46.27 26.57 18.86
C PHE C 37 45.97 25.95 20.21
N SER C 38 45.11 26.62 20.97
CA SER C 38 44.39 25.95 22.05
C SER C 38 42.97 26.45 22.07
N GLU C 39 42.03 25.55 22.36
CA GLU C 39 40.64 25.93 22.50
C GLU C 39 40.52 27.18 23.36
N ALA C 40 41.06 27.12 24.57
CA ALA C 40 40.90 28.22 25.52
C ALA C 40 41.23 29.59 24.92
N ARG C 41 42.11 29.61 23.93
CA ARG C 41 42.59 30.87 23.39
C ARG C 41 41.77 31.37 22.21
N PHE C 42 41.26 30.45 21.39
CA PHE C 42 40.72 30.82 20.08
C PHE C 42 39.23 30.55 19.92
N ARG C 43 38.71 29.58 20.65
CA ARG C 43 37.32 29.17 20.49
C ARG C 43 36.36 30.28 20.85
N PRO C 44 36.44 30.81 22.08
CA PRO C 44 35.47 31.84 22.42
C PRO C 44 35.54 32.98 21.42
N SER C 45 36.76 33.41 21.12
CA SER C 45 36.96 34.62 20.34
C SER C 45 36.45 34.43 18.91
N LEU C 46 36.65 33.24 18.34
CA LEU C 46 36.26 32.99 16.97
C LEU C 46 34.78 32.84 16.88
N GLU C 47 34.22 32.12 17.85
CA GLU C 47 32.80 31.86 17.92
C GLU C 47 32.04 33.16 18.03
N GLU C 48 32.58 34.06 18.85
CA GLU C 48 31.98 35.37 19.08
C GLU C 48 32.04 36.29 17.87
N ARG C 49 33.18 36.35 17.19
CA ARG C 49 33.23 37.08 15.95
C ARG C 49 32.12 36.58 15.03
N LEU C 50 32.00 35.26 14.88
CA LEU C 50 31.04 34.73 13.92
C LEU C 50 29.58 35.10 14.28
N GLU C 51 29.25 34.97 15.57
CA GLU C 51 27.90 35.26 15.98
C GLU C 51 27.57 36.72 15.71
N SER C 52 28.56 37.60 15.89
CA SER C 52 28.36 39.01 15.61
C SER C 52 28.13 39.20 14.12
N ILE C 53 28.90 38.49 13.31
CA ILE C 53 28.58 38.50 11.88
C ILE C 53 27.17 38.04 11.61
N ILE C 54 26.76 36.96 12.28
CA ILE C 54 25.49 36.31 11.98
C ILE C 54 24.33 37.19 12.38
N SER C 55 24.41 37.82 13.54
CA SER C 55 23.29 38.64 13.97
C SER C 55 23.15 39.88 13.08
N GLY C 56 24.25 40.30 12.48
CA GLY C 56 24.23 41.29 11.42
C GLY C 56 23.59 40.75 10.16
N ALA C 57 23.89 39.50 9.80
CA ALA C 57 23.28 38.93 8.61
C ALA C 57 21.78 38.71 8.82
N ALA C 58 21.40 38.39 10.05
CA ALA C 58 20.00 38.17 10.38
C ALA C 58 19.15 39.42 10.20
N LEU C 59 19.50 40.51 10.89
CA LEU C 59 18.92 41.83 10.60
C LEU C 59 18.69 42.02 9.11
N MET C 60 19.71 41.73 8.31
CA MET C 60 19.62 41.87 6.87
C MET C 60 18.55 40.94 6.30
N ALA C 61 18.45 39.72 6.83
CA ALA C 61 17.48 38.77 6.31
C ALA C 61 16.06 39.23 6.62
N ASP C 62 15.92 39.99 7.70
CA ASP C 62 14.59 40.35 8.18
C ASP C 62 14.20 41.73 7.67
N SER C 63 15.14 42.37 6.97
CA SER C 63 14.93 43.73 6.50
C SER C 63 13.82 43.76 5.46
N SER C 64 13.17 44.91 5.34
CA SER C 64 11.87 45.02 4.67
C SER C 64 11.80 44.57 3.22
N CYS C 65 12.85 44.77 2.42
CA CYS C 65 12.80 44.33 1.01
C CYS C 65 13.33 42.91 0.71
N THR C 66 14.02 42.30 1.65
CA THR C 66 14.58 40.97 1.44
C THR C 66 13.45 40.01 1.05
N ARG C 67 13.52 39.45 -0.14
CA ARG C 67 12.53 38.43 -0.54
C ARG C 67 12.56 37.17 0.34
N ASP C 68 11.54 36.34 0.25
CA ASP C 68 11.44 35.18 1.10
C ASP C 68 12.60 34.22 0.81
N ASP C 69 12.82 33.91 -0.47
CA ASP C 69 13.84 32.94 -0.82
C ASP C 69 15.21 33.46 -0.34
N ARG C 70 15.34 34.78 -0.30
CA ARG C 70 16.63 35.35 0.00
C ARG C 70 16.89 35.26 1.46
N ARG C 71 15.85 35.49 2.27
CA ARG C 71 16.04 35.41 3.70
C ARG C 71 16.26 33.95 4.11
N GLU C 72 15.56 33.05 3.46
CA GLU C 72 15.76 31.65 3.69
C GLU C 72 17.19 31.28 3.38
N ARG C 73 17.72 31.83 2.29
CA ARG C 73 19.07 31.47 1.91
C ARG C 73 20.08 32.09 2.88
N ILE C 74 19.84 33.31 3.30
CA ILE C 74 20.70 33.89 4.30
C ILE C 74 20.73 33.06 5.60
N VAL C 75 19.57 32.61 6.07
CA VAL C 75 19.51 31.76 7.25
C VAL C 75 20.34 30.50 7.05
N ALA C 76 20.19 29.87 5.88
CA ALA C 76 20.85 28.59 5.66
C ALA C 76 22.36 28.77 5.69
N GLU C 77 22.83 29.89 5.12
CA GLU C 77 24.26 30.14 5.08
C GLU C 77 24.82 30.43 6.45
N CYS C 78 24.05 31.20 7.24
CA CYS C 78 24.38 31.42 8.62
C CYS C 78 24.57 30.10 9.36
N ASN C 79 23.57 29.22 9.30
CA ASN C 79 23.72 27.93 9.94
C ASN C 79 24.98 27.21 9.44
N ALA C 80 25.30 27.39 8.17
CA ALA C 80 26.34 26.58 7.57
C ALA C 80 27.72 27.13 7.89
N VAL C 81 27.85 28.46 8.03
CA VAL C 81 29.12 28.97 8.55
C VAL C 81 29.30 28.55 10.00
N ARG C 82 28.22 28.60 10.76
CA ARG C 82 28.31 28.33 12.17
C ARG C 82 28.91 26.93 12.32
N GLN C 83 28.34 25.98 11.60
CA GLN C 83 28.78 24.59 11.69
C GLN C 83 30.21 24.50 11.14
N ALA C 84 30.46 25.22 10.06
CA ALA C 84 31.72 25.08 9.37
C ALA C 84 32.85 25.54 10.31
N LEU C 85 32.52 26.46 11.21
CA LEU C 85 33.48 26.92 12.20
C LEU C 85 33.69 25.87 13.28
N GLN C 86 32.65 25.15 13.65
CA GLN C 86 32.79 24.10 14.66
C GLN C 86 33.68 23.00 14.09
N ASP C 87 33.49 22.72 12.81
CA ASP C 87 34.29 21.70 12.17
C ASP C 87 35.75 22.11 12.17
N LEU C 88 35.99 23.40 11.95
CA LEU C 88 37.34 23.91 11.81
C LEU C 88 38.08 23.83 13.13
N LEU C 89 37.39 24.20 14.20
CA LEU C 89 37.97 24.07 15.54
C LEU C 89 38.29 22.63 15.85
N SER C 90 37.39 21.74 15.48
CA SER C 90 37.67 20.31 15.56
C SER C 90 38.97 19.93 14.88
N GLU C 91 39.09 20.26 13.60
CA GLU C 91 40.32 20.04 12.87
C GLU C 91 41.54 20.69 13.52
N TYR C 92 41.40 21.92 14.00
CA TYR C 92 42.51 22.51 14.77
C TYR C 92 42.83 21.58 15.96
N MET C 93 41.81 21.00 16.56
CA MET C 93 41.97 20.15 17.74
C MET C 93 42.71 18.84 17.44
N ASN C 94 42.40 18.24 16.29
CA ASN C 94 42.97 16.92 15.96
C ASN C 94 44.28 17.08 15.20
N ASN C 95 44.60 18.30 14.83
CA ASN C 95 45.86 18.60 14.20
C ASN C 95 47.02 18.54 15.20
N THR C 96 48.15 17.98 14.78
CA THR C 96 49.29 17.80 15.69
C THR C 96 50.27 18.98 15.69
N GLY C 97 49.93 20.03 14.94
CA GLY C 97 50.71 21.27 14.97
C GLY C 97 51.52 21.60 13.73
N ARG C 98 51.15 21.00 12.60
CA ARG C 98 51.69 21.40 11.30
C ARG C 98 50.64 21.19 10.23
N LYS C 99 50.84 21.88 9.11
CA LYS C 99 49.83 21.96 8.08
C LYS C 99 50.51 21.78 6.73
N GLU C 100 49.95 20.89 5.89
CA GLU C 100 50.42 20.70 4.52
C GLU C 100 49.28 20.67 3.51
N LYS C 101 49.60 20.88 2.24
CA LYS C 101 48.57 20.94 1.19
C LYS C 101 47.60 19.76 1.26
N GLY C 102 46.31 20.07 1.32
CA GLY C 102 45.27 19.05 1.16
C GLY C 102 44.95 18.24 2.40
N ASP C 103 45.62 18.53 3.52
CA ASP C 103 45.31 17.87 4.78
C ASP C 103 43.99 18.35 5.35
N PRO C 104 43.43 17.59 6.31
CA PRO C 104 42.13 17.85 6.91
C PRO C 104 41.96 19.27 7.38
N LEU C 105 43.00 19.83 7.97
CA LEU C 105 42.94 21.19 8.44
C LEU C 105 42.77 22.17 7.28
N ASN C 106 43.54 21.98 6.22
CA ASN C 106 43.43 22.87 5.07
C ASN C 106 42.08 22.76 4.39
N ILE C 107 41.53 21.54 4.30
CA ILE C 107 40.25 21.40 3.66
C ILE C 107 39.14 22.12 4.43
N ALA C 108 39.22 22.08 5.76
CA ALA C 108 38.23 22.75 6.59
C ALA C 108 38.27 24.28 6.50
N ILE C 109 39.46 24.86 6.49
CA ILE C 109 39.66 26.28 6.23
C ILE C 109 39.04 26.73 4.90
N ASP C 110 39.31 25.96 3.84
CA ASP C 110 38.74 26.26 2.54
C ASP C 110 37.23 26.24 2.59
N LYS C 111 36.68 25.34 3.40
CA LYS C 111 35.25 25.18 3.44
C LYS C 111 34.68 26.37 4.21
N MET C 112 35.41 26.78 5.24
CA MET C 112 34.96 27.86 6.10
C MET C 112 34.95 29.13 5.23
N THR C 113 35.95 29.24 4.38
CA THR C 113 36.16 30.40 3.55
C THR C 113 35.14 30.41 2.42
N LYS C 114 34.78 29.23 1.98
CA LYS C 114 33.92 29.11 0.83
C LYS C 114 32.54 29.55 1.33
N LYS C 115 32.21 29.13 2.55
CA LYS C 115 30.88 29.40 3.06
C LYS C 115 30.72 30.84 3.42
N THR C 116 31.76 31.43 3.98
CA THR C 116 31.72 32.84 4.27
C THR C 116 31.55 33.62 2.98
N ARG C 117 32.09 33.08 1.90
CA ARG C 117 31.94 33.69 0.59
C ARG C 117 30.48 33.58 0.18
N ASP C 118 29.89 32.42 0.40
CA ASP C 118 28.50 32.15 0.03
C ASP C 118 27.56 33.02 0.83
N LEU C 119 27.94 33.31 2.07
CA LEU C 119 27.17 34.24 2.86
C LEU C 119 27.28 35.64 2.26
N ARG C 120 28.47 36.01 1.81
CA ARG C 120 28.60 37.34 1.23
C ARG C 120 27.61 37.45 0.07
N ARG C 121 27.54 36.42 -0.75
CA ARG C 121 26.81 36.47 -2.01
C ARG C 121 25.31 36.73 -1.75
N GLN C 122 24.72 35.98 -0.83
CA GLN C 122 23.35 36.22 -0.47
C GLN C 122 23.16 37.60 0.15
N LEU C 123 24.10 38.02 0.97
CA LEU C 123 23.99 39.32 1.58
C LEU C 123 23.88 40.41 0.51
N ARG C 124 24.67 40.27 -0.56
CA ARG C 124 24.66 41.24 -1.66
C ARG C 124 23.34 41.21 -2.44
N LYS C 125 22.78 40.02 -2.59
CA LYS C 125 21.51 39.84 -3.28
C LYS C 125 20.43 40.55 -2.48
N ALA C 126 20.46 40.39 -1.16
CA ALA C 126 19.51 41.02 -0.27
C ALA C 126 19.57 42.54 -0.34
N VAL C 127 20.76 43.09 -0.45
CA VAL C 127 20.87 44.52 -0.66
C VAL C 127 20.25 44.91 -2.00
N MET C 128 20.53 44.15 -3.04
CA MET C 128 19.91 44.44 -4.34
C MET C 128 18.37 44.37 -4.27
N ASP C 129 17.84 43.60 -3.33
CA ASP C 129 16.39 43.52 -3.20
C ASP C 129 15.92 44.93 -2.90
N HIS C 130 16.61 45.59 -1.99
CA HIS C 130 16.23 46.94 -1.58
C HIS C 130 16.46 47.94 -2.71
N ILE C 131 17.66 47.91 -3.30
CA ILE C 131 17.98 48.85 -4.37
C ILE C 131 16.96 48.74 -5.50
N SER C 132 16.73 47.53 -5.97
CA SER C 132 15.69 47.25 -6.98
C SER C 132 14.41 47.93 -6.62
N ASP C 133 13.94 47.82 -5.37
CA ASP C 133 12.63 48.38 -5.00
C ASP C 133 12.67 49.90 -4.74
N SER C 134 13.71 50.37 -4.06
CA SER C 134 13.68 51.71 -3.52
C SER C 134 14.14 52.81 -4.48
N PHE C 135 14.99 52.47 -5.45
CA PHE C 135 15.42 53.46 -6.44
C PHE C 135 14.57 53.32 -7.69
N LEU C 136 13.39 52.76 -7.51
CA LEU C 136 12.37 52.83 -8.52
C LEU C 136 11.80 54.21 -8.50
N GLU C 137 12.04 54.94 -9.59
CA GLU C 137 11.08 55.93 -10.08
C GLU C 137 10.87 56.95 -8.99
N THR C 138 11.99 57.52 -8.59
CA THR C 138 12.02 58.53 -7.55
C THR C 138 11.34 59.81 -8.05
N ASN C 139 11.48 60.87 -7.28
CA ASN C 139 10.32 61.45 -6.70
C ASN C 139 9.03 61.66 -7.48
N VAL C 140 8.14 60.70 -7.36
CA VAL C 140 6.71 60.93 -7.39
C VAL C 140 6.24 61.56 -6.07
N PRO C 141 6.90 61.22 -4.95
CA PRO C 141 6.57 61.87 -3.68
C PRO C 141 6.85 63.37 -3.64
N LEU C 142 7.93 63.82 -4.27
CA LEU C 142 8.09 65.25 -4.51
C LEU C 142 6.88 65.83 -5.24
N LEU C 143 6.53 65.24 -6.38
CA LEU C 143 5.50 65.79 -7.25
C LEU C 143 4.19 65.99 -6.48
N VAL C 144 3.83 64.95 -5.73
CA VAL C 144 2.63 64.94 -4.92
C VAL C 144 2.66 66.10 -3.94
N LEU C 145 3.75 66.22 -3.19
CA LEU C 145 3.92 67.33 -2.27
C LEU C 145 3.77 68.68 -2.99
N ILE C 146 4.34 68.80 -4.17
CA ILE C 146 4.22 70.04 -4.93
C ILE C 146 2.78 70.34 -5.27
N GLU C 147 2.03 69.31 -5.61
CA GLU C 147 0.61 69.46 -5.92
C GLU C 147 -0.16 70.05 -4.74
N ALA C 148 0.12 69.56 -3.54
CA ALA C 148 -0.57 70.04 -2.34
C ALA C 148 -0.17 71.48 -2.01
N ALA C 149 1.09 71.82 -2.25
CA ALA C 149 1.54 73.21 -2.14
C ALA C 149 0.69 74.09 -3.04
N LYS C 150 0.72 73.78 -4.33
CA LYS C 150 -0.03 74.53 -5.32
C LYS C 150 -1.51 74.66 -4.98
N SER C 151 -2.07 73.65 -4.32
CA SER C 151 -3.46 73.71 -3.86
C SER C 151 -3.62 74.76 -2.77
N GLY C 152 -2.52 75.20 -2.19
CA GLY C 152 -2.57 76.21 -1.13
C GLY C 152 -3.03 75.64 0.19
N ASN C 153 -3.04 74.31 0.28
CA ASN C 153 -3.63 73.63 1.42
C ASN C 153 -2.61 73.24 2.50
N GLU C 154 -2.58 74.02 3.57
CA GLU C 154 -1.45 74.06 4.50
C GLU C 154 -1.50 72.89 5.48
N LYS C 155 -2.68 72.29 5.64
CA LYS C 155 -2.77 71.03 6.35
C LYS C 155 -2.08 69.95 5.53
N GLU C 156 -2.55 69.76 4.29
CA GLU C 156 -2.20 68.58 3.49
C GLU C 156 -0.74 68.58 3.04
N VAL C 157 -0.20 69.78 2.87
CA VAL C 157 1.23 69.93 2.74
C VAL C 157 1.97 69.28 3.91
N LYS C 158 1.44 69.45 5.12
CA LYS C 158 2.09 68.90 6.31
C LYS C 158 2.22 67.37 6.28
N GLU C 159 1.15 66.67 5.93
CA GLU C 159 1.25 65.21 5.85
C GLU C 159 2.00 64.69 4.63
N TYR C 160 1.89 65.35 3.48
CA TYR C 160 2.55 64.86 2.28
C TYR C 160 4.02 65.17 2.31
N ALA C 161 4.40 66.11 3.17
CA ALA C 161 5.81 66.36 3.44
C ALA C 161 6.38 65.28 4.35
N GLN C 162 5.53 64.73 5.20
CA GLN C 162 5.87 63.55 5.99
C GLN C 162 6.27 62.37 5.09
N VAL C 163 5.39 62.00 4.16
CA VAL C 163 5.67 60.93 3.23
C VAL C 163 7.00 61.23 2.55
N PHE C 164 7.14 62.46 2.09
CA PHE C 164 8.36 62.87 1.42
C PHE C 164 9.59 62.57 2.27
N ARG C 165 9.52 62.92 3.55
CA ARG C 165 10.68 62.78 4.42
C ARG C 165 10.96 61.30 4.70
N GLU C 166 9.90 60.52 4.90
CA GLU C 166 10.08 59.07 5.11
C GLU C 166 10.72 58.40 3.91
N HIS C 167 10.30 58.81 2.71
CA HIS C 167 10.83 58.29 1.47
C HIS C 167 12.31 58.70 1.28
N ALA C 168 12.63 59.92 1.70
CA ALA C 168 14.02 60.35 1.79
C ALA C 168 14.83 59.47 2.75
N ASN C 169 14.26 59.19 3.92
CA ASN C 169 14.94 58.37 4.89
C ASN C 169 15.24 57.00 4.31
N LYS C 170 14.28 56.46 3.58
CA LYS C 170 14.40 55.14 2.98
C LYS C 170 15.59 55.07 2.03
N LEU C 171 15.64 56.01 1.09
CA LEU C 171 16.79 56.12 0.20
C LEU C 171 18.10 56.06 0.97
N VAL C 172 18.14 56.74 2.10
CA VAL C 172 19.37 56.87 2.86
C VAL C 172 19.67 55.55 3.59
N GLU C 173 18.65 54.93 4.17
CA GLU C 173 18.86 53.63 4.78
C GLU C 173 19.45 52.65 3.76
N VAL C 174 18.86 52.60 2.57
CA VAL C 174 19.28 51.62 1.58
C VAL C 174 20.71 51.91 1.13
N ALA C 175 20.99 53.19 0.93
CA ALA C 175 22.35 53.60 0.69
C ALA C 175 23.29 53.07 1.79
N ASN C 176 22.86 53.17 3.05
CA ASN C 176 23.71 52.73 4.15
C ASN C 176 23.88 51.22 4.14
N LEU C 177 22.83 50.50 3.74
CA LEU C 177 22.86 49.04 3.68
C LEU C 177 23.89 48.62 2.64
N ALA C 178 23.88 49.30 1.51
CA ALA C 178 24.81 49.00 0.43
C ALA C 178 26.27 49.27 0.85
N CYS C 179 26.49 50.31 1.65
CA CYS C 179 27.80 50.54 2.24
C CYS C 179 28.25 49.43 3.15
N SER C 180 27.34 48.90 3.96
CA SER C 180 27.70 48.11 5.11
C SER C 180 28.35 46.80 4.70
N ILE C 181 28.16 46.41 3.44
CA ILE C 181 28.78 45.19 2.91
C ILE C 181 29.80 45.44 1.79
N SER C 182 30.16 46.70 1.58
CA SER C 182 31.00 47.05 0.45
C SER C 182 32.49 46.99 0.86
N ASN C 183 33.34 46.48 -0.04
CA ASN C 183 34.79 46.53 0.24
C ASN C 183 35.46 47.73 -0.41
N ASN C 184 34.67 48.64 -0.98
CA ASN C 184 35.22 49.80 -1.66
C ASN C 184 35.19 51.06 -0.79
N GLU C 185 36.32 51.35 -0.15
CA GLU C 185 36.45 52.48 0.77
C GLU C 185 35.99 53.82 0.14
N GLU C 186 36.52 54.13 -1.04
CA GLU C 186 36.17 55.38 -1.72
C GLU C 186 34.69 55.36 -2.11
N GLY C 187 34.22 54.19 -2.55
CA GLY C 187 32.84 54.05 -2.96
C GLY C 187 31.93 54.44 -1.82
N VAL C 188 32.29 53.99 -0.64
CA VAL C 188 31.48 54.24 0.54
C VAL C 188 31.50 55.70 0.91
N LYS C 189 32.63 56.36 0.69
CA LYS C 189 32.77 57.71 1.16
C LYS C 189 31.90 58.59 0.28
N LEU C 190 31.93 58.34 -1.02
CA LEU C 190 31.04 59.03 -1.94
C LEU C 190 29.58 58.76 -1.63
N VAL C 191 29.21 57.50 -1.45
CA VAL C 191 27.84 57.21 -1.16
C VAL C 191 27.42 57.93 0.10
N ARG C 192 28.28 57.89 1.12
CA ARG C 192 28.03 58.55 2.40
C ARG C 192 27.85 60.08 2.29
N MET C 193 28.69 60.73 1.48
CA MET C 193 28.55 62.16 1.22
C MET C 193 27.26 62.47 0.45
N ALA C 194 26.87 61.58 -0.46
CA ALA C 194 25.68 61.86 -1.24
C ALA C 194 24.47 61.75 -0.35
N ALA C 195 24.46 60.68 0.45
CA ALA C 195 23.45 60.52 1.49
C ALA C 195 23.30 61.78 2.33
N THR C 196 24.41 62.30 2.79
CA THR C 196 24.42 63.44 3.69
C THR C 196 23.85 64.70 3.01
N GLN C 197 24.23 64.93 1.76
CA GLN C 197 23.65 66.03 0.97
C GLN C 197 22.14 65.86 0.89
N ILE C 198 21.70 64.61 0.72
CA ILE C 198 20.28 64.31 0.78
C ILE C 198 19.63 64.72 2.09
N ASP C 199 20.20 64.33 3.23
CA ASP C 199 19.62 64.69 4.52
C ASP C 199 19.48 66.21 4.77
N SER C 200 20.50 67.00 4.40
CA SER C 200 20.42 68.44 4.62
C SER C 200 19.57 69.17 3.59
N LEU C 201 19.38 68.56 2.42
CA LEU C 201 18.57 69.15 1.36
C LEU C 201 17.10 68.93 1.62
N CYS C 202 16.78 67.83 2.27
CA CYS C 202 15.41 67.42 2.47
C CYS C 202 14.54 68.47 3.18
N PRO C 203 15.00 68.98 4.33
CA PRO C 203 14.26 70.04 5.02
C PRO C 203 14.14 71.32 4.19
N GLN C 204 15.18 71.63 3.41
CA GLN C 204 15.12 72.81 2.54
C GLN C 204 14.05 72.63 1.48
N VAL C 205 13.88 71.42 0.98
CA VAL C 205 12.91 71.19 -0.09
C VAL C 205 11.52 71.32 0.46
N ILE C 206 11.28 70.67 1.60
CA ILE C 206 10.08 70.92 2.38
C ILE C 206 9.85 72.43 2.57
N ASN C 207 10.85 73.11 3.16
CA ASN C 207 10.65 74.50 3.50
C ASN C 207 10.08 75.25 2.31
N ALA C 208 10.55 74.89 1.12
CA ALA C 208 10.15 75.60 -0.08
C ALA C 208 8.69 75.33 -0.39
N ALA C 209 8.24 74.12 -0.10
CA ALA C 209 6.83 73.74 -0.29
C ALA C 209 5.91 74.55 0.62
N LEU C 210 6.32 74.67 1.87
CA LEU C 210 5.58 75.40 2.88
C LEU C 210 5.40 76.88 2.51
N THR C 211 6.35 77.43 1.76
CA THR C 211 6.22 78.83 1.37
C THR C 211 5.38 78.93 0.10
N LEU C 212 5.62 78.03 -0.84
CA LEU C 212 4.80 77.97 -2.05
C LEU C 212 3.33 77.72 -1.68
N ALA C 213 3.12 76.92 -0.64
CA ALA C 213 1.79 76.73 -0.09
C ALA C 213 1.26 78.01 0.54
N ALA C 214 2.15 78.75 1.20
CA ALA C 214 1.75 79.99 1.89
C ALA C 214 1.25 81.03 0.91
N ARG C 215 1.83 81.01 -0.29
CA ARG C 215 1.52 81.98 -1.31
C ARG C 215 1.57 81.31 -2.67
N PRO C 216 0.54 80.51 -2.99
CA PRO C 216 0.51 79.67 -4.18
C PRO C 216 0.73 80.42 -5.50
N GLN C 217 0.43 81.71 -5.54
CA GLN C 217 0.41 82.43 -6.81
C GLN C 217 1.58 83.40 -7.00
N SER C 218 2.50 83.41 -6.04
CA SER C 218 3.72 84.20 -6.17
C SER C 218 4.64 83.50 -7.15
N LYS C 219 5.14 84.28 -8.10
CA LYS C 219 5.99 83.76 -9.17
C LYS C 219 7.38 83.39 -8.61
N VAL C 220 7.84 84.18 -7.65
CA VAL C 220 9.04 83.87 -6.90
C VAL C 220 8.94 82.50 -6.19
N ALA C 221 7.87 82.30 -5.40
CA ALA C 221 7.72 81.02 -4.69
C ALA C 221 7.60 79.84 -5.66
N GLN C 222 6.96 80.05 -6.80
CA GLN C 222 6.84 79.03 -7.82
C GLN C 222 8.18 78.66 -8.41
N ASP C 223 8.94 79.65 -8.84
CA ASP C 223 10.18 79.33 -9.50
C ASP C 223 11.24 78.82 -8.50
N ASN C 224 11.05 79.16 -7.22
CA ASN C 224 11.83 78.61 -6.14
C ASN C 224 11.54 77.12 -5.97
N MET C 225 10.26 76.77 -5.94
CA MET C 225 9.90 75.38 -5.80
C MET C 225 10.58 74.58 -6.92
N ASP C 226 10.63 75.16 -8.12
CA ASP C 226 11.21 74.49 -9.27
C ASP C 226 12.70 74.35 -9.08
N VAL C 227 13.34 75.38 -8.55
CA VAL C 227 14.78 75.37 -8.31
C VAL C 227 15.14 74.18 -7.45
N PHE C 228 14.56 74.11 -6.25
CA PHE C 228 14.68 72.93 -5.38
C PHE C 228 14.17 71.60 -5.97
N LYS C 229 13.15 71.63 -6.80
CA LYS C 229 12.69 70.41 -7.46
C LYS C 229 13.85 69.86 -8.27
N ASP C 230 14.55 70.73 -8.99
CA ASP C 230 15.64 70.28 -9.85
C ASP C 230 16.88 69.88 -9.07
N GLN C 231 17.12 70.58 -7.95
CA GLN C 231 18.21 70.26 -7.03
C GLN C 231 17.97 68.89 -6.38
N TRP C 232 16.73 68.58 -6.04
CA TRP C 232 16.43 67.31 -5.42
C TRP C 232 16.73 66.18 -6.38
N GLU C 233 16.17 66.26 -7.58
CA GLU C 233 16.35 65.23 -8.59
C GLU C 233 17.81 65.00 -8.94
N LYS C 234 18.58 66.09 -9.07
CA LYS C 234 20.02 65.95 -9.30
C LYS C 234 20.66 65.16 -8.16
N GLN C 235 20.28 65.50 -6.95
CA GLN C 235 20.94 64.95 -5.78
C GLN C 235 20.55 63.50 -5.59
N VAL C 236 19.27 63.22 -5.78
CA VAL C 236 18.81 61.86 -5.82
C VAL C 236 19.58 61.07 -6.86
N ARG C 237 19.79 61.67 -8.05
CA ARG C 237 20.63 61.06 -9.07
C ARG C 237 22.06 60.82 -8.57
N VAL C 238 22.68 61.82 -7.94
CA VAL C 238 24.01 61.62 -7.39
C VAL C 238 24.05 60.42 -6.45
N LEU C 239 23.11 60.37 -5.50
CA LEU C 239 23.09 59.31 -4.50
C LEU C 239 22.92 57.96 -5.15
N THR C 240 21.96 57.92 -6.06
CA THR C 240 21.63 56.73 -6.79
C THR C 240 22.83 56.17 -7.52
N GLU C 241 23.57 57.01 -8.22
CA GLU C 241 24.66 56.50 -9.05
C GLU C 241 25.91 56.16 -8.23
N ALA C 242 26.02 56.76 -7.06
CA ALA C 242 27.10 56.42 -6.19
C ALA C 242 26.83 55.02 -5.61
N VAL C 243 25.57 54.74 -5.28
CA VAL C 243 25.20 53.40 -4.86
C VAL C 243 25.34 52.38 -6.00
N ASP C 244 25.08 52.79 -7.23
CA ASP C 244 25.34 51.91 -8.35
C ASP C 244 26.81 51.45 -8.47
N ASP C 245 27.74 52.36 -8.17
CA ASP C 245 29.18 52.07 -8.31
C ASP C 245 29.77 51.15 -7.25
N ILE C 246 29.06 50.93 -6.16
CA ILE C 246 29.51 49.93 -5.20
C ILE C 246 28.59 48.70 -5.21
N THR C 247 27.87 48.54 -6.32
CA THR C 247 26.98 47.41 -6.48
C THR C 247 27.40 46.69 -7.77
N SER C 248 27.42 45.36 -7.79
CA SER C 248 27.89 44.70 -9.00
C SER C 248 26.77 44.52 -10.00
N VAL C 249 27.07 44.67 -11.28
CA VAL C 249 26.06 44.47 -12.30
C VAL C 249 25.60 43.02 -12.33
N ASP C 250 26.51 42.15 -11.99
CA ASP C 250 26.17 40.75 -11.80
C ASP C 250 24.97 40.66 -10.87
N ASP C 251 25.07 41.24 -9.68
CA ASP C 251 24.01 41.11 -8.69
C ASP C 251 22.80 41.89 -9.13
N PHE C 252 23.05 43.05 -9.74
CA PHE C 252 21.99 43.90 -10.26
C PHE C 252 21.07 43.20 -11.26
N LEU C 253 21.68 42.55 -12.24
CA LEU C 253 20.92 41.84 -13.27
C LEU C 253 20.16 40.64 -12.68
N SER C 254 20.84 39.90 -11.82
CA SER C 254 20.29 38.65 -11.38
C SER C 254 19.05 38.90 -10.51
N VAL C 255 19.15 39.88 -9.61
CA VAL C 255 17.99 40.24 -8.79
C VAL C 255 16.88 40.94 -9.60
N SER C 256 17.23 41.72 -10.63
CA SER C 256 16.20 42.39 -11.43
C SER C 256 15.36 41.34 -12.19
N GLU C 257 16.04 40.34 -12.72
CA GLU C 257 15.38 39.19 -13.33
C GLU C 257 14.43 38.51 -12.36
N ASN C 258 14.91 38.26 -11.13
CA ASN C 258 14.03 37.77 -10.09
C ASN C 258 12.78 38.60 -9.93
N HIS C 259 12.94 39.91 -9.78
CA HIS C 259 11.83 40.76 -9.37
C HIS C 259 10.80 40.88 -10.47
N ILE C 260 11.28 40.94 -11.70
CA ILE C 260 10.43 40.96 -12.86
C ILE C 260 9.53 39.70 -12.88
N LEU C 261 10.09 38.53 -12.70
CA LEU C 261 9.24 37.34 -12.54
C LEU C 261 8.25 37.44 -11.39
N GLU C 262 8.65 38.00 -10.25
CA GLU C 262 7.68 38.10 -9.14
C GLU C 262 6.56 39.03 -9.58
N ASP C 263 6.93 40.13 -10.24
CA ASP C 263 5.99 41.15 -10.68
C ASP C 263 4.98 40.56 -11.66
N VAL C 264 5.50 39.84 -12.64
CA VAL C 264 4.67 39.21 -13.63
C VAL C 264 3.66 38.33 -12.93
N ASN C 265 4.12 37.45 -12.04
CA ASN C 265 3.19 36.58 -11.32
C ASN C 265 2.07 37.35 -10.63
N LYS C 266 2.40 38.54 -10.16
CA LYS C 266 1.48 39.36 -9.41
C LYS C 266 0.45 39.98 -10.35
N CYS C 267 0.90 40.41 -11.53
CA CYS C 267 0.00 40.84 -12.57
C CYS C 267 -1.00 39.74 -12.91
N VAL C 268 -0.48 38.53 -13.02
CA VAL C 268 -1.29 37.47 -13.53
C VAL C 268 -2.45 37.22 -12.56
N ILE C 269 -2.14 37.29 -11.27
CA ILE C 269 -3.18 37.22 -10.24
C ILE C 269 -4.17 38.36 -10.34
N ALA C 270 -3.63 39.57 -10.49
CA ALA C 270 -4.42 40.75 -10.68
C ALA C 270 -5.38 40.54 -11.83
N LEU C 271 -4.88 39.98 -12.93
CA LEU C 271 -5.77 39.62 -14.03
C LEU C 271 -6.88 38.68 -13.54
N GLN C 272 -6.52 37.60 -12.87
CA GLN C 272 -7.52 36.63 -12.36
C GLN C 272 -8.56 37.31 -11.50
N GLU C 273 -8.13 38.30 -10.73
CA GLU C 273 -8.99 38.94 -9.75
C GLU C 273 -9.76 40.10 -10.36
N GLY C 274 -9.51 40.39 -11.64
CA GLY C 274 -10.00 41.63 -12.23
C GLY C 274 -9.55 42.90 -11.53
N ASP C 275 -8.34 42.90 -10.99
CA ASP C 275 -7.88 43.99 -10.12
C ASP C 275 -7.03 45.02 -10.86
N VAL C 276 -7.68 46.01 -11.47
CA VAL C 276 -6.98 46.95 -12.35
C VAL C 276 -5.94 47.75 -11.57
N ASP C 277 -6.26 48.17 -10.35
CA ASP C 277 -5.33 48.93 -9.52
C ASP C 277 -3.99 48.22 -9.30
N THR C 278 -4.03 46.95 -8.89
CA THR C 278 -2.80 46.21 -8.64
C THR C 278 -2.05 45.97 -9.93
N LEU C 279 -2.77 45.56 -10.96
CA LEU C 279 -2.20 45.44 -12.31
C LEU C 279 -1.41 46.70 -12.73
N ASP C 280 -2.07 47.86 -12.65
CA ASP C 280 -1.47 49.14 -13.07
C ASP C 280 -0.21 49.42 -12.21
N ARG C 281 -0.34 49.26 -10.90
CA ARG C 281 0.76 49.55 -9.99
C ARG C 281 1.89 48.60 -10.30
N THR C 282 1.55 47.32 -10.40
CA THR C 282 2.54 46.30 -10.63
C THR C 282 3.21 46.37 -12.01
N ALA C 283 2.42 46.52 -13.06
CA ALA C 283 2.98 46.83 -14.38
C ALA C 283 3.90 48.06 -14.37
N GLY C 284 3.54 49.08 -13.59
CA GLY C 284 4.40 50.24 -13.37
C GLY C 284 5.77 49.90 -12.81
N ALA C 285 5.80 49.02 -11.83
CA ALA C 285 7.05 48.63 -11.23
C ALA C 285 7.90 47.83 -12.23
N ILE C 286 7.28 46.92 -12.95
CA ILE C 286 8.00 46.21 -13.99
C ILE C 286 8.68 47.20 -14.95
N ARG C 287 7.93 48.14 -15.50
CA ARG C 287 8.49 49.16 -16.40
C ARG C 287 9.64 49.98 -15.80
N GLY C 288 9.51 50.35 -14.53
CA GLY C 288 10.57 51.07 -13.87
C GLY C 288 11.83 50.23 -13.69
N ARG C 289 11.66 48.95 -13.38
CA ARG C 289 12.80 48.04 -13.25
C ARG C 289 13.55 47.90 -14.58
N ALA C 290 12.83 47.68 -15.68
CA ALA C 290 13.48 47.53 -16.97
C ALA C 290 14.16 48.85 -17.38
N ALA C 291 13.51 49.98 -17.14
CA ALA C 291 14.14 51.25 -17.46
C ALA C 291 15.45 51.36 -16.67
N ARG C 292 15.45 50.88 -15.42
CA ARG C 292 16.67 50.98 -14.61
C ARG C 292 17.80 50.12 -15.17
N VAL C 293 17.51 48.88 -15.57
CA VAL C 293 18.60 48.07 -16.16
C VAL C 293 19.09 48.66 -17.47
N ILE C 294 18.17 49.23 -18.24
CA ILE C 294 18.56 49.93 -19.45
C ILE C 294 19.55 51.07 -19.20
N HIS C 295 19.27 51.95 -18.23
CA HIS C 295 20.17 53.06 -17.92
C HIS C 295 21.48 52.52 -17.36
N ILE C 296 21.37 51.64 -16.38
CA ILE C 296 22.54 51.16 -15.67
C ILE C 296 23.48 50.40 -16.60
N ILE C 297 22.91 49.75 -17.61
CA ILE C 297 23.75 49.00 -18.50
C ILE C 297 24.31 49.89 -19.58
N ASN C 298 23.50 50.80 -20.11
CA ASN C 298 23.99 51.77 -21.09
C ASN C 298 25.13 52.60 -20.54
N ALA C 299 24.98 53.06 -19.29
CA ALA C 299 26.09 53.71 -18.60
C ALA C 299 27.31 52.79 -18.53
N GLU C 300 27.07 51.54 -18.17
CA GLU C 300 28.16 50.62 -17.92
C GLU C 300 29.05 50.45 -19.13
N MET C 301 28.47 50.54 -20.31
CA MET C 301 29.20 50.30 -21.56
C MET C 301 30.11 51.47 -21.97
N GLU C 302 29.95 52.60 -21.28
CA GLU C 302 30.75 53.78 -21.54
C GLU C 302 32.19 53.52 -21.09
N ASN C 303 32.35 52.61 -20.13
CA ASN C 303 33.67 52.23 -19.61
C ASN C 303 34.47 51.35 -20.53
N TYR C 304 33.84 50.85 -21.59
CA TYR C 304 34.53 49.94 -22.52
C TYR C 304 34.80 50.63 -23.83
N GLU C 305 35.88 50.23 -24.50
CA GLU C 305 36.13 50.72 -25.84
C GLU C 305 35.01 50.21 -26.75
N ALA C 306 34.44 51.12 -27.54
CA ALA C 306 33.32 50.79 -28.40
C ALA C 306 33.70 49.74 -29.45
N GLY C 307 33.12 48.55 -29.33
CA GLY C 307 33.38 47.46 -30.28
C GLY C 307 32.29 46.41 -30.33
N VAL C 308 32.69 45.19 -30.70
CA VAL C 308 31.73 44.11 -30.91
C VAL C 308 31.03 43.72 -29.61
N TYR C 309 31.76 43.87 -28.50
CA TYR C 309 31.20 43.61 -27.18
C TYR C 309 30.11 44.63 -26.80
N THR C 310 30.42 45.92 -26.83
CA THR C 310 29.44 46.97 -26.53
C THR C 310 28.32 47.04 -27.56
N GLU C 311 28.62 46.74 -28.81
CA GLU C 311 27.57 46.70 -29.82
C GLU C 311 26.46 45.70 -29.47
N LYS C 312 26.84 44.47 -29.11
CA LYS C 312 25.85 43.43 -28.86
C LYS C 312 24.99 43.79 -27.66
N VAL C 313 25.63 44.36 -26.64
CA VAL C 313 24.88 44.78 -25.47
C VAL C 313 23.87 45.87 -25.86
N LEU C 314 24.38 46.93 -26.47
CA LEU C 314 23.57 48.11 -26.76
C LEU C 314 22.45 47.83 -27.76
N GLU C 315 22.65 46.87 -28.65
CA GLU C 315 21.58 46.38 -29.48
C GLU C 315 20.49 45.73 -28.63
N ALA C 316 20.88 44.93 -27.64
CA ALA C 316 19.88 44.30 -26.78
C ALA C 316 19.15 45.36 -25.98
N THR C 317 19.88 46.39 -25.61
CA THR C 317 19.35 47.36 -24.72
C THR C 317 18.40 48.26 -25.51
N LYS C 318 18.72 48.49 -26.78
CA LYS C 318 17.84 49.26 -27.66
C LYS C 318 16.54 48.50 -27.95
N LEU C 319 16.63 47.17 -28.04
CA LEU C 319 15.48 46.34 -28.37
C LEU C 319 14.47 46.42 -27.26
N LEU C 320 14.94 46.26 -26.03
CA LEU C 320 14.09 46.36 -24.86
C LEU C 320 13.47 47.74 -24.81
N SER C 321 14.29 48.78 -24.97
CA SER C 321 13.81 50.13 -24.78
C SER C 321 12.82 50.58 -25.87
N GLU C 322 13.14 50.28 -27.13
CA GLU C 322 12.40 50.85 -28.23
C GLU C 322 11.22 49.98 -28.67
N THR C 323 11.22 48.71 -28.26
CA THR C 323 10.31 47.76 -28.84
C THR C 323 9.53 47.01 -27.77
N VAL C 324 10.22 46.25 -26.94
CA VAL C 324 9.55 45.34 -26.02
C VAL C 324 8.75 46.10 -24.95
N MET C 325 9.42 46.97 -24.19
CA MET C 325 8.72 47.81 -23.22
C MET C 325 7.49 48.54 -23.78
N PRO C 326 7.59 49.13 -24.98
CA PRO C 326 6.34 49.75 -25.43
C PRO C 326 5.24 48.74 -25.70
N ARG C 327 5.59 47.65 -26.35
CA ARG C 327 4.62 46.57 -26.59
C ARG C 327 3.97 46.11 -25.28
N PHE C 328 4.75 46.00 -24.23
CA PHE C 328 4.20 45.58 -22.95
C PHE C 328 3.25 46.62 -22.37
N ALA C 329 3.65 47.89 -22.39
CA ALA C 329 2.79 48.97 -21.87
C ALA C 329 1.43 48.98 -22.57
N GLU C 330 1.49 48.69 -23.85
CA GLU C 330 0.30 48.60 -24.70
C GLU C 330 -0.61 47.47 -24.23
N GLN C 331 -0.02 46.31 -23.96
CA GLN C 331 -0.82 45.13 -23.62
C GLN C 331 -1.50 45.34 -22.28
N VAL C 332 -0.84 46.07 -21.39
CA VAL C 332 -1.46 46.43 -20.12
C VAL C 332 -2.68 47.34 -20.31
N GLU C 333 -2.53 48.38 -21.11
CA GLU C 333 -3.64 49.27 -21.36
C GLU C 333 -4.83 48.42 -21.84
N VAL C 334 -4.56 47.48 -22.73
CA VAL C 334 -5.64 46.67 -23.27
C VAL C 334 -6.32 45.91 -22.14
N ALA C 335 -5.54 45.23 -21.32
CA ALA C 335 -6.08 44.50 -20.20
C ALA C 335 -6.91 45.43 -19.29
N ILE C 336 -6.33 46.54 -18.85
CA ILE C 336 -7.04 47.48 -18.00
C ILE C 336 -8.35 47.97 -18.61
N GLU C 337 -8.31 48.32 -19.89
CA GLU C 337 -9.52 48.72 -20.58
C GLU C 337 -10.59 47.62 -20.57
N ALA C 338 -10.20 46.39 -20.89
CA ALA C 338 -11.12 45.25 -20.85
C ALA C 338 -11.71 45.07 -19.46
N LEU C 339 -10.86 45.06 -18.43
CA LEU C 339 -11.35 44.91 -17.07
C LEU C 339 -12.17 46.10 -16.60
N SER C 340 -11.76 47.31 -17.01
CA SER C 340 -12.41 48.54 -16.55
C SER C 340 -13.79 48.80 -17.14
N ALA C 341 -14.20 48.00 -18.10
CA ALA C 341 -15.55 48.16 -18.66
C ALA C 341 -16.63 47.70 -17.69
N ASN C 342 -17.75 48.41 -17.69
CA ASN C 342 -18.98 47.94 -17.03
C ASN C 342 -19.52 46.65 -17.64
N VAL C 343 -18.70 45.95 -18.41
CA VAL C 343 -19.16 44.77 -19.14
C VAL C 343 -18.93 43.46 -18.39
N PRO C 344 -17.67 43.15 -18.02
CA PRO C 344 -16.42 43.51 -18.67
C PRO C 344 -16.12 42.69 -19.94
N GLN C 345 -15.26 43.23 -20.80
CA GLN C 345 -14.88 42.58 -22.05
C GLN C 345 -13.61 41.71 -21.88
N PRO C 346 -13.42 40.71 -22.78
CA PRO C 346 -12.31 39.73 -22.64
C PRO C 346 -10.92 40.31 -22.99
N PHE C 347 -10.01 40.25 -22.02
CA PHE C 347 -8.72 40.96 -22.08
C PHE C 347 -7.69 40.15 -22.83
N GLU C 348 -8.06 38.89 -23.12
CA GLU C 348 -7.18 37.90 -23.74
C GLU C 348 -5.78 37.75 -23.13
N GLU C 349 -5.68 36.82 -22.17
CA GLU C 349 -4.54 36.70 -21.29
C GLU C 349 -3.26 36.33 -22.02
N ASN C 350 -3.38 35.68 -23.18
CA ASN C 350 -2.22 35.20 -23.93
C ASN C 350 -1.30 36.37 -24.24
N GLU C 351 -1.89 37.48 -24.63
CA GLU C 351 -1.10 38.55 -25.22
C GLU C 351 -0.30 39.18 -24.09
N PHE C 352 -0.92 39.29 -22.93
CA PHE C 352 -0.22 39.78 -21.76
C PHE C 352 0.91 38.84 -21.36
N ILE C 353 0.61 37.54 -21.33
CA ILE C 353 1.63 36.59 -20.95
C ILE C 353 2.78 36.65 -21.94
N ASP C 354 2.48 36.67 -23.23
CA ASP C 354 3.53 36.69 -24.24
C ASP C 354 4.40 37.91 -24.06
N ALA C 355 3.78 39.07 -23.89
CA ALA C 355 4.53 40.33 -23.84
C ALA C 355 5.41 40.38 -22.61
N SER C 356 4.91 39.79 -21.53
CA SER C 356 5.62 39.78 -20.26
C SER C 356 6.84 38.89 -20.39
N ARG C 357 6.68 37.78 -21.07
CA ARG C 357 7.80 36.88 -21.24
C ARG C 357 8.86 37.61 -22.06
N LEU C 358 8.45 38.46 -22.98
CA LEU C 358 9.40 39.12 -23.85
C LEU C 358 10.21 40.15 -23.05
N VAL C 359 9.58 40.76 -22.06
CA VAL C 359 10.28 41.68 -21.16
C VAL C 359 11.35 40.91 -20.40
N TYR C 360 10.93 39.86 -19.74
CA TYR C 360 11.88 39.06 -19.02
C TYR C 360 12.98 38.59 -19.96
N ASP C 361 12.60 38.06 -21.11
CA ASP C 361 13.60 37.52 -22.02
C ASP C 361 14.50 38.65 -22.55
N GLY C 362 13.91 39.83 -22.77
CA GLY C 362 14.66 41.00 -23.13
C GLY C 362 15.78 41.31 -22.16
N VAL C 363 15.46 41.29 -20.88
CA VAL C 363 16.44 41.53 -19.84
C VAL C 363 17.50 40.43 -19.83
N ARG C 364 17.07 39.20 -20.06
CA ARG C 364 17.98 38.09 -20.08
C ARG C 364 18.96 38.28 -21.21
N ASP C 365 18.51 38.79 -22.34
CA ASP C 365 19.41 38.91 -23.47
C ASP C 365 20.47 39.95 -23.15
N ILE C 366 20.07 40.99 -22.41
CA ILE C 366 21.01 42.00 -22.01
C ILE C 366 22.09 41.43 -21.11
N ARG C 367 21.65 40.61 -20.15
CA ARG C 367 22.52 40.10 -19.13
C ARG C 367 23.47 39.14 -19.79
N LYS C 368 22.96 38.33 -20.70
CA LYS C 368 23.82 37.40 -21.39
C LYS C 368 24.88 38.16 -22.18
N ALA C 369 24.46 39.13 -22.97
CA ALA C 369 25.39 39.94 -23.74
C ALA C 369 26.45 40.54 -22.83
N VAL C 370 26.00 41.12 -21.71
CA VAL C 370 26.91 41.76 -20.77
C VAL C 370 27.97 40.81 -20.23
N LEU C 371 27.54 39.59 -19.92
CA LEU C 371 28.39 38.67 -19.20
C LEU C 371 29.21 37.80 -20.13
N MET C 372 29.21 38.10 -21.42
CA MET C 372 30.19 37.50 -22.33
C MET C 372 31.60 37.48 -21.73
N THR D 14 21.66 -63.50 -1.39
CA THR D 14 20.20 -63.31 -1.11
C THR D 14 19.72 -61.89 -1.43
N GLY D 15 20.56 -60.89 -1.17
CA GLY D 15 20.35 -59.54 -1.69
C GLY D 15 19.52 -58.65 -0.79
N ILE D 16 19.70 -57.34 -0.95
CA ILE D 16 18.81 -56.37 -0.33
C ILE D 16 17.70 -55.95 -1.30
N GLY D 17 17.07 -54.80 -1.02
CA GLY D 17 15.96 -54.29 -1.84
C GLY D 17 16.44 -53.64 -3.13
N GLU D 18 15.69 -53.86 -4.21
CA GLU D 18 16.13 -53.45 -5.54
C GLU D 18 16.31 -51.94 -5.61
N LEU D 19 15.39 -51.21 -5.01
CA LEU D 19 15.43 -49.75 -4.95
C LEU D 19 16.49 -49.22 -3.97
N ALA D 20 16.59 -49.85 -2.79
CA ALA D 20 17.70 -49.58 -1.86
C ALA D 20 19.06 -49.73 -2.56
N ALA D 21 19.25 -50.84 -3.25
CA ALA D 21 20.52 -51.18 -3.90
C ALA D 21 20.91 -50.15 -4.97
N ALA D 22 19.92 -49.71 -5.74
CA ALA D 22 20.14 -48.72 -6.78
C ALA D 22 20.65 -47.43 -6.14
N LEU D 23 19.98 -47.00 -5.08
CA LEU D 23 20.41 -45.85 -4.30
C LEU D 23 21.85 -45.99 -3.80
N ASN D 24 22.10 -46.99 -2.96
CA ASN D 24 23.43 -47.17 -2.37
C ASN D 24 24.53 -47.14 -3.42
N GLU D 25 24.32 -47.86 -4.51
CA GLU D 25 25.27 -47.89 -5.62
C GLU D 25 25.45 -46.49 -6.17
N PHE D 26 24.35 -45.81 -6.46
CA PHE D 26 24.44 -44.46 -6.99
C PHE D 26 25.34 -43.59 -6.11
N ASP D 27 25.19 -43.71 -4.80
CA ASP D 27 25.97 -42.93 -3.82
C ASP D 27 27.48 -43.22 -3.89
N ASN D 28 27.84 -44.50 -3.97
CA ASN D 28 29.24 -44.88 -4.10
C ASN D 28 29.78 -44.95 -5.53
N LYS D 29 28.91 -44.59 -6.49
CA LYS D 29 29.30 -44.58 -7.90
C LYS D 29 29.39 -43.16 -8.49
N ILE D 30 29.16 -42.16 -7.66
CA ILE D 30 29.47 -40.77 -8.03
C ILE D 30 30.83 -40.31 -7.52
N ILE D 31 31.48 -41.13 -6.69
CA ILE D 31 32.81 -40.79 -6.17
C ILE D 31 33.88 -41.24 -7.14
N LEU D 32 34.50 -40.29 -7.84
CA LEU D 32 35.27 -40.61 -9.03
C LEU D 32 36.66 -39.99 -9.03
N ASP D 33 37.40 -40.31 -10.10
CA ASP D 33 38.66 -39.65 -10.40
C ASP D 33 38.37 -38.45 -11.33
N PRO D 34 38.61 -37.23 -10.84
CA PRO D 34 38.39 -35.99 -11.60
C PRO D 34 39.42 -35.79 -12.71
N MET D 35 40.66 -36.23 -12.46
CA MET D 35 41.74 -36.16 -13.45
C MET D 35 41.40 -36.96 -14.71
N THR D 36 40.72 -38.08 -14.51
CA THR D 36 40.18 -38.86 -15.63
C THR D 36 38.65 -38.79 -15.66
N PHE D 37 38.15 -37.57 -15.83
CA PHE D 37 36.71 -37.38 -16.00
C PHE D 37 36.32 -37.49 -17.47
N SER D 38 35.16 -38.10 -17.70
CA SER D 38 34.72 -38.40 -19.05
C SER D 38 33.20 -38.20 -19.19
N GLU D 39 32.81 -37.02 -19.68
CA GLU D 39 31.40 -36.71 -19.86
C GLU D 39 30.72 -37.73 -20.77
N ALA D 40 31.43 -38.13 -21.82
CA ALA D 40 30.83 -38.88 -22.92
C ALA D 40 30.22 -40.21 -22.49
N ARG D 41 30.85 -40.89 -21.54
CA ARG D 41 30.38 -42.22 -21.12
C ARG D 41 30.08 -42.32 -19.62
N PHE D 42 30.29 -41.22 -18.90
CA PHE D 42 29.90 -41.13 -17.49
C PHE D 42 28.55 -40.43 -17.30
N ARG D 43 28.39 -39.28 -17.96
CA ARG D 43 27.14 -38.54 -17.89
C ARG D 43 25.96 -39.47 -18.15
N PRO D 44 25.81 -39.93 -19.41
CA PRO D 44 24.64 -40.74 -19.82
C PRO D 44 24.39 -41.97 -18.94
N SER D 45 25.46 -42.60 -18.45
CA SER D 45 25.35 -43.77 -17.59
C SER D 45 24.72 -43.40 -16.25
N LEU D 46 25.02 -42.20 -15.78
CA LEU D 46 24.70 -41.76 -14.42
C LEU D 46 23.31 -41.13 -14.38
N GLU D 47 23.01 -40.31 -15.39
CA GLU D 47 21.65 -39.86 -15.62
C GLU D 47 20.74 -41.08 -15.67
N GLU D 48 21.14 -42.06 -16.49
CA GLU D 48 20.47 -43.36 -16.55
C GLU D 48 20.18 -43.96 -15.17
N ARG D 49 21.20 -44.02 -14.31
CA ARG D 49 21.02 -44.52 -12.96
C ARG D 49 19.95 -43.73 -12.21
N LEU D 50 20.06 -42.41 -12.26
CA LEU D 50 19.18 -41.56 -11.48
C LEU D 50 17.73 -41.68 -11.94
N GLU D 51 17.51 -41.61 -13.25
CA GLU D 51 16.17 -41.72 -13.82
C GLU D 51 15.49 -43.03 -13.41
N SER D 52 16.24 -44.13 -13.49
CA SER D 52 15.74 -45.41 -12.96
C SER D 52 15.21 -45.21 -11.55
N ILE D 53 15.99 -44.50 -10.74
CA ILE D 53 15.70 -44.31 -9.34
C ILE D 53 14.47 -43.44 -9.18
N ILE D 54 14.46 -42.30 -9.86
CA ILE D 54 13.29 -41.46 -9.92
C ILE D 54 12.10 -42.31 -10.31
N SER D 55 12.19 -42.97 -11.46
CA SER D 55 11.10 -43.78 -11.97
C SER D 55 10.56 -44.75 -10.93
N GLY D 56 11.44 -45.30 -10.12
CA GLY D 56 11.02 -46.15 -9.02
C GLY D 56 10.39 -45.33 -7.93
N ALA D 57 10.99 -44.19 -7.61
CA ALA D 57 10.43 -43.30 -6.60
C ALA D 57 9.06 -42.79 -7.03
N ALA D 58 8.90 -42.51 -8.31
CA ALA D 58 7.61 -42.01 -8.80
C ALA D 58 6.50 -43.06 -8.70
N LEU D 59 6.84 -44.33 -8.88
CA LEU D 59 5.82 -45.39 -8.76
C LEU D 59 5.29 -45.38 -7.35
N MET D 60 6.20 -45.25 -6.40
CA MET D 60 5.88 -45.16 -4.99
C MET D 60 4.95 -44.01 -4.70
N ALA D 61 5.26 -42.86 -5.31
CA ALA D 61 4.53 -41.63 -5.05
C ALA D 61 3.07 -41.75 -5.49
N ASP D 62 2.85 -42.45 -6.60
CA ASP D 62 1.51 -42.58 -7.17
C ASP D 62 0.80 -43.87 -6.71
N SER D 63 1.49 -44.67 -5.90
CA SER D 63 0.88 -45.88 -5.35
C SER D 63 -0.27 -45.58 -4.38
N SER D 64 -1.12 -46.57 -4.16
CA SER D 64 -2.49 -46.33 -3.70
C SER D 64 -2.57 -45.67 -2.31
N CYS D 65 -1.68 -46.05 -1.39
CA CYS D 65 -1.81 -45.63 0.00
C CYS D 65 -1.10 -44.34 0.34
N THR D 66 -0.28 -43.85 -0.58
CA THR D 66 0.54 -42.66 -0.33
C THR D 66 -0.32 -41.42 -0.16
N ARG D 67 -0.18 -40.75 0.99
CA ARG D 67 -0.89 -39.49 1.25
C ARG D 67 -0.48 -38.35 0.31
N ASP D 68 -1.41 -37.46 0.00
CA ASP D 68 -1.14 -36.41 -0.97
C ASP D 68 0.15 -35.66 -0.60
N ASP D 69 0.30 -35.32 0.67
CA ASP D 69 1.48 -34.59 1.12
C ASP D 69 2.78 -35.36 0.80
N ARG D 70 2.73 -36.68 0.93
CA ARG D 70 3.92 -37.49 0.71
C ARG D 70 4.29 -37.68 -0.76
N ARG D 71 3.30 -37.82 -1.64
CA ARG D 71 3.54 -37.88 -3.06
C ARG D 71 4.24 -36.59 -3.45
N GLU D 72 3.74 -35.48 -2.94
CA GLU D 72 4.29 -34.18 -3.29
C GLU D 72 5.76 -34.07 -2.86
N ARG D 73 6.05 -34.44 -1.62
CA ARG D 73 7.42 -34.36 -1.12
C ARG D 73 8.35 -35.29 -1.89
N ILE D 74 7.84 -36.42 -2.33
CA ILE D 74 8.63 -37.32 -3.16
C ILE D 74 8.89 -36.67 -4.51
N VAL D 75 7.87 -36.06 -5.09
CA VAL D 75 8.06 -35.39 -6.37
C VAL D 75 9.11 -34.29 -6.26
N ALA D 76 8.99 -33.46 -5.23
CA ALA D 76 9.99 -32.42 -4.95
C ALA D 76 11.41 -32.97 -4.78
N GLU D 77 11.55 -34.03 -4.00
CA GLU D 77 12.85 -34.64 -3.81
C GLU D 77 13.38 -35.18 -5.12
N CYS D 78 12.50 -35.76 -5.92
CA CYS D 78 12.88 -36.16 -7.27
C CYS D 78 13.40 -34.99 -8.10
N ASN D 79 12.69 -33.87 -8.13
CA ASN D 79 13.16 -32.75 -8.93
C ASN D 79 14.53 -32.26 -8.44
N ALA D 80 14.75 -32.34 -7.13
CA ALA D 80 15.96 -31.81 -6.53
C ALA D 80 17.19 -32.67 -6.81
N VAL D 81 17.08 -33.98 -6.56
CA VAL D 81 18.18 -34.88 -6.89
C VAL D 81 18.58 -34.76 -8.36
N ARG D 82 17.61 -34.50 -9.23
CA ARG D 82 17.88 -34.37 -10.65
C ARG D 82 18.73 -33.14 -10.90
N GLN D 83 18.34 -32.02 -10.31
CA GLN D 83 19.13 -30.80 -10.40
C GLN D 83 20.46 -30.99 -9.68
N ALA D 84 20.44 -31.62 -8.52
CA ALA D 84 21.68 -31.93 -7.78
C ALA D 84 22.74 -32.62 -8.63
N LEU D 85 22.29 -33.45 -9.59
CA LEU D 85 23.21 -34.09 -10.53
C LEU D 85 23.75 -33.11 -11.56
N GLN D 86 22.89 -32.28 -12.12
CA GLN D 86 23.33 -31.21 -13.01
C GLN D 86 24.33 -30.24 -12.35
N ASP D 87 24.07 -29.90 -11.09
CA ASP D 87 25.04 -29.17 -10.29
C ASP D 87 26.35 -29.93 -10.27
N LEU D 88 26.24 -31.25 -10.08
CA LEU D 88 27.40 -32.10 -9.88
C LEU D 88 28.24 -32.29 -11.15
N LEU D 89 27.57 -32.64 -12.24
CA LEU D 89 28.21 -32.74 -13.53
C LEU D 89 28.93 -31.45 -13.91
N SER D 90 28.26 -30.32 -13.73
CA SER D 90 28.85 -28.99 -14.02
C SER D 90 30.09 -28.72 -13.16
N GLU D 91 30.33 -29.56 -12.16
CA GLU D 91 31.47 -29.39 -11.26
C GLU D 91 32.62 -30.30 -11.66
N TYR D 92 32.29 -31.51 -12.10
CA TYR D 92 33.27 -32.40 -12.71
C TYR D 92 33.72 -31.85 -14.06
N MET D 93 32.87 -31.02 -14.66
CA MET D 93 33.18 -30.32 -15.92
C MET D 93 34.27 -29.28 -15.68
N ASN D 94 34.00 -28.36 -14.76
CA ASN D 94 35.05 -27.63 -14.05
C ASN D 94 36.05 -28.60 -13.38
N ASN D 95 37.21 -28.09 -12.98
CA ASN D 95 38.17 -28.91 -12.24
C ASN D 95 38.57 -30.16 -13.01
N THR D 96 38.09 -30.29 -14.25
CA THR D 96 38.44 -31.40 -15.12
C THR D 96 39.83 -31.24 -15.74
N GLY D 97 40.60 -32.32 -15.73
CA GLY D 97 42.00 -32.27 -16.12
C GLY D 97 42.92 -32.11 -14.92
N ARG D 98 42.35 -31.64 -13.81
CA ARG D 98 43.06 -31.56 -12.54
C ARG D 98 43.15 -32.92 -11.86
N LYS D 99 44.14 -33.10 -11.00
CA LYS D 99 44.44 -34.41 -10.43
C LYS D 99 43.35 -34.84 -9.46
N GLU D 100 42.95 -33.93 -8.58
CA GLU D 100 42.35 -34.30 -7.29
C GLU D 100 41.04 -33.56 -7.02
N LYS D 101 40.20 -34.15 -6.17
CA LYS D 101 39.00 -33.47 -5.67
C LYS D 101 39.32 -32.10 -5.06
N GLY D 102 39.31 -31.07 -5.90
CA GLY D 102 39.46 -29.70 -5.43
C GLY D 102 38.13 -28.97 -5.32
N ASP D 103 37.67 -28.80 -4.08
CA ASP D 103 36.68 -27.77 -3.72
C ASP D 103 36.47 -26.79 -4.89
N PRO D 104 35.19 -26.51 -5.23
CA PRO D 104 34.01 -26.85 -4.46
C PRO D 104 33.31 -28.08 -5.05
N LEU D 105 34.09 -29.07 -5.47
CA LEU D 105 33.51 -30.29 -5.99
C LEU D 105 32.97 -31.16 -4.86
N ASN D 106 33.61 -31.09 -3.69
CA ASN D 106 33.18 -31.86 -2.52
C ASN D 106 31.79 -31.49 -2.01
N ILE D 107 31.46 -30.20 -2.08
CA ILE D 107 30.19 -29.71 -1.56
C ILE D 107 29.04 -29.98 -2.52
N ALA D 108 29.34 -30.05 -3.81
CA ALA D 108 28.34 -30.43 -4.81
C ALA D 108 28.04 -31.92 -4.74
N ILE D 109 29.01 -32.68 -4.25
CA ILE D 109 28.78 -34.09 -3.92
C ILE D 109 28.03 -34.23 -2.60
N ASP D 110 28.48 -33.52 -1.58
CA ASP D 110 27.85 -33.59 -0.26
C ASP D 110 26.39 -33.15 -0.30
N LYS D 111 26.05 -32.29 -1.27
CA LYS D 111 24.67 -31.96 -1.54
C LYS D 111 23.93 -33.15 -2.16
N MET D 112 24.60 -33.83 -3.09
CA MET D 112 24.00 -34.96 -3.80
C MET D 112 23.81 -36.11 -2.82
N THR D 113 24.74 -36.20 -1.87
CA THR D 113 24.67 -37.21 -0.82
C THR D 113 23.46 -36.97 0.07
N LYS D 114 23.24 -35.70 0.41
CA LYS D 114 22.14 -35.36 1.29
C LYS D 114 20.80 -35.56 0.58
N LYS D 115 20.62 -34.89 -0.56
CA LYS D 115 19.35 -34.96 -1.27
C LYS D 115 18.93 -36.42 -1.44
N THR D 116 19.92 -37.27 -1.65
CA THR D 116 19.69 -38.69 -1.82
C THR D 116 19.22 -39.31 -0.50
N ARG D 117 19.77 -38.82 0.60
CA ARG D 117 19.34 -39.16 1.94
C ARG D 117 17.89 -38.71 2.12
N ASP D 118 17.64 -37.46 1.73
CA ASP D 118 16.35 -36.83 1.84
C ASP D 118 15.30 -37.61 1.09
N LEU D 119 15.64 -38.07 -0.11
CA LEU D 119 14.75 -38.94 -0.86
C LEU D 119 14.44 -40.22 -0.08
N ARG D 120 15.48 -40.91 0.38
CA ARG D 120 15.26 -42.18 1.05
C ARG D 120 14.17 -41.97 2.08
N ARG D 121 14.31 -40.89 2.82
CA ARG D 121 13.45 -40.60 3.96
C ARG D 121 11.98 -40.62 3.52
N GLN D 122 11.64 -39.81 2.53
CA GLN D 122 10.25 -39.72 2.07
C GLN D 122 9.77 -41.06 1.51
N LEU D 123 10.69 -41.82 0.94
CA LEU D 123 10.39 -43.17 0.51
C LEU D 123 9.96 -44.03 1.70
N ARG D 124 10.74 -44.05 2.77
CA ARG D 124 10.35 -44.86 3.92
C ARG D 124 8.97 -44.41 4.47
N LYS D 125 8.71 -43.11 4.41
CA LYS D 125 7.46 -42.56 4.90
C LYS D 125 6.29 -43.04 4.02
N ALA D 126 6.53 -43.12 2.72
CA ALA D 126 5.49 -43.57 1.80
C ALA D 126 5.13 -45.01 2.11
N VAL D 127 6.15 -45.80 2.41
CA VAL D 127 5.91 -47.20 2.66
C VAL D 127 5.15 -47.35 3.96
N MET D 128 5.51 -46.56 4.97
CA MET D 128 4.79 -46.54 6.22
C MET D 128 3.31 -46.20 5.99
N ASP D 129 3.03 -45.29 5.07
CA ASP D 129 1.64 -45.03 4.68
C ASP D 129 0.93 -46.34 4.39
N HIS D 130 1.56 -47.19 3.58
CA HIS D 130 0.97 -48.47 3.23
C HIS D 130 0.89 -49.43 4.41
N ILE D 131 1.99 -49.61 5.12
CA ILE D 131 1.97 -50.51 6.27
C ILE D 131 0.83 -50.13 7.22
N SER D 132 0.70 -48.83 7.47
CA SER D 132 -0.22 -48.29 8.46
C SER D 132 -1.65 -48.61 8.10
N ASP D 133 -1.98 -48.47 6.81
CA ASP D 133 -3.34 -48.69 6.35
C ASP D 133 -3.61 -50.19 6.17
N SER D 134 -2.62 -50.95 5.70
CA SER D 134 -2.88 -52.28 5.11
C SER D 134 -2.78 -53.42 6.10
N PHE D 135 -2.27 -53.16 7.29
CA PHE D 135 -2.21 -54.18 8.33
C PHE D 135 -3.14 -53.81 9.47
N LEU D 136 -4.29 -53.26 9.13
CA LEU D 136 -5.42 -53.15 10.05
C LEU D 136 -6.44 -54.20 9.68
N GLU D 137 -7.22 -54.65 10.68
CA GLU D 137 -8.41 -55.43 10.39
C GLU D 137 -8.04 -56.56 9.45
N THR D 138 -6.87 -57.13 9.66
CA THR D 138 -6.29 -58.06 8.70
C THR D 138 -7.06 -59.40 8.65
N ASN D 139 -8.02 -59.54 9.55
CA ASN D 139 -8.77 -60.77 9.65
C ASN D 139 -10.08 -60.76 8.86
N VAL D 140 -10.67 -59.58 8.72
CA VAL D 140 -12.06 -59.46 8.28
C VAL D 140 -12.37 -60.21 6.98
N PRO D 141 -11.48 -60.10 5.97
CA PRO D 141 -11.75 -60.73 4.67
C PRO D 141 -11.74 -62.26 4.71
N LEU D 142 -10.91 -62.85 5.57
CA LEU D 142 -11.06 -64.27 5.82
C LEU D 142 -12.31 -64.54 6.64
N LEU D 143 -12.55 -63.68 7.62
CA LEU D 143 -13.63 -63.94 8.57
C LEU D 143 -14.95 -63.93 7.83
N VAL D 144 -14.99 -63.19 6.74
CA VAL D 144 -16.23 -63.00 6.02
C VAL D 144 -16.35 -64.00 4.89
N LEU D 145 -15.23 -64.33 4.25
CA LEU D 145 -15.25 -65.41 3.27
C LEU D 145 -15.62 -66.75 3.92
N ILE D 146 -15.38 -66.89 5.21
CA ILE D 146 -15.81 -68.08 5.94
C ILE D 146 -17.32 -68.10 6.22
N GLU D 147 -17.90 -66.94 6.56
CA GLU D 147 -19.34 -66.89 6.78
C GLU D 147 -20.12 -67.30 5.53
N ALA D 148 -19.71 -66.76 4.39
CA ALA D 148 -20.34 -67.05 3.10
C ALA D 148 -20.34 -68.56 2.80
N ALA D 149 -19.18 -69.18 2.95
CA ALA D 149 -19.09 -70.63 2.82
C ALA D 149 -20.12 -71.33 3.71
N LYS D 150 -20.18 -70.95 4.99
CA LYS D 150 -21.11 -71.52 5.96
C LYS D 150 -22.55 -71.01 5.75
N SER D 151 -22.84 -70.55 4.54
CA SER D 151 -24.21 -70.24 4.14
C SER D 151 -24.56 -71.08 2.92
N GLY D 152 -23.54 -71.60 2.26
CA GLY D 152 -23.72 -72.47 1.11
C GLY D 152 -23.64 -71.74 -0.23
N ASN D 153 -23.83 -70.43 -0.20
CA ASN D 153 -23.89 -69.65 -1.44
C ASN D 153 -22.58 -69.66 -2.21
N GLU D 154 -22.38 -70.70 -3.00
CA GLU D 154 -21.33 -70.71 -4.01
C GLU D 154 -21.42 -69.45 -4.88
N LYS D 155 -22.65 -68.94 -5.02
CA LYS D 155 -22.85 -67.56 -5.48
C LYS D 155 -21.90 -66.61 -4.76
N GLU D 156 -22.18 -66.34 -3.49
CA GLU D 156 -21.48 -65.30 -2.73
C GLU D 156 -20.03 -65.66 -2.44
N VAL D 157 -19.80 -66.92 -2.10
CA VAL D 157 -18.46 -67.40 -1.82
C VAL D 157 -17.52 -67.10 -2.98
N LYS D 158 -18.02 -67.19 -4.20
CA LYS D 158 -17.19 -66.98 -5.37
C LYS D 158 -16.54 -65.59 -5.33
N GLU D 159 -17.34 -64.55 -5.22
CA GLU D 159 -16.82 -63.17 -5.27
C GLU D 159 -15.97 -62.77 -4.06
N TYR D 160 -16.37 -63.23 -2.87
CA TYR D 160 -15.65 -62.89 -1.64
C TYR D 160 -14.23 -63.45 -1.62
N ALA D 161 -14.03 -64.57 -2.32
CA ALA D 161 -12.72 -65.13 -2.59
C ALA D 161 -11.83 -64.16 -3.35
N GLN D 162 -12.40 -63.49 -4.35
CA GLN D 162 -11.64 -62.51 -5.12
C GLN D 162 -11.28 -61.29 -4.28
N VAL D 163 -12.19 -60.87 -3.41
CA VAL D 163 -11.90 -59.89 -2.37
C VAL D 163 -10.72 -60.37 -1.54
N PHE D 164 -10.87 -61.58 -0.99
CA PHE D 164 -9.83 -62.19 -0.17
C PHE D 164 -8.48 -62.24 -0.90
N ARG D 165 -8.47 -62.72 -2.14
CA ARG D 165 -7.23 -62.84 -2.91
C ARG D 165 -6.62 -61.44 -3.13
N GLU D 166 -7.45 -60.50 -3.55
CA GLU D 166 -7.00 -59.12 -3.71
C GLU D 166 -6.35 -58.63 -2.42
N HIS D 167 -7.04 -58.81 -1.31
CA HIS D 167 -6.50 -58.41 -0.02
C HIS D 167 -5.13 -59.05 0.23
N ALA D 168 -5.08 -60.38 0.17
CA ALA D 168 -3.83 -61.08 0.36
C ALA D 168 -2.76 -60.57 -0.56
N ASN D 169 -3.15 -60.22 -1.79
CA ASN D 169 -2.17 -59.66 -2.72
C ASN D 169 -1.69 -58.31 -2.22
N LYS D 170 -2.55 -57.61 -1.48
CA LYS D 170 -2.23 -56.27 -0.98
C LYS D 170 -1.15 -56.39 0.08
N LEU D 171 -1.39 -57.29 1.03
CA LEU D 171 -0.39 -57.56 2.05
C LEU D 171 0.94 -57.88 1.40
N VAL D 172 0.92 -58.66 0.34
CA VAL D 172 2.18 -59.14 -0.19
C VAL D 172 2.89 -57.98 -0.85
N GLU D 173 2.12 -57.25 -1.65
CA GLU D 173 2.62 -56.08 -2.33
C GLU D 173 3.27 -55.12 -1.36
N VAL D 174 2.60 -54.85 -0.23
CA VAL D 174 3.15 -53.93 0.75
C VAL D 174 4.46 -54.47 1.30
N ALA D 175 4.45 -55.72 1.70
CA ALA D 175 5.68 -56.40 2.12
C ALA D 175 6.85 -56.16 1.13
N ASN D 176 6.59 -56.33 -0.16
CA ASN D 176 7.65 -56.17 -1.13
C ASN D 176 8.09 -54.73 -1.26
N LEU D 177 7.16 -53.80 -1.03
CA LEU D 177 7.50 -52.40 -0.92
C LEU D 177 8.45 -52.15 0.24
N ALA D 178 8.17 -52.75 1.39
CA ALA D 178 9.05 -52.60 2.55
C ALA D 178 10.43 -53.14 2.22
N CYS D 179 10.43 -54.22 1.43
CA CYS D 179 11.65 -54.86 1.03
C CYS D 179 12.41 -53.99 0.07
N SER D 180 11.69 -53.35 -0.85
CA SER D 180 12.34 -52.75 -1.99
C SER D 180 13.21 -51.58 -1.54
N ILE D 181 12.99 -51.12 -0.31
CA ILE D 181 13.76 -49.99 0.24
C ILE D 181 14.57 -50.30 1.49
N SER D 182 14.57 -51.56 1.93
CA SER D 182 15.27 -51.93 3.15
C SER D 182 16.76 -52.18 2.87
N ASN D 183 17.61 -51.82 3.82
CA ASN D 183 18.99 -52.24 3.73
C ASN D 183 19.30 -53.54 4.49
N ASN D 184 18.28 -54.15 5.10
CA ASN D 184 18.49 -55.29 6.02
C ASN D 184 18.42 -56.67 5.36
N GLU D 185 19.59 -57.28 5.10
CA GLU D 185 19.65 -58.47 4.26
C GLU D 185 18.85 -59.66 4.82
N GLU D 186 19.19 -60.06 6.03
CA GLU D 186 18.37 -60.97 6.83
C GLU D 186 16.88 -60.65 6.70
N GLY D 187 16.49 -59.49 7.22
CA GLY D 187 15.09 -59.16 7.39
C GLY D 187 14.35 -59.28 6.08
N VAL D 188 15.01 -58.82 5.02
CA VAL D 188 14.43 -58.93 3.70
C VAL D 188 14.18 -60.40 3.36
N LYS D 189 15.22 -61.22 3.44
CA LYS D 189 15.04 -62.65 3.28
C LYS D 189 13.84 -63.11 4.11
N LEU D 190 13.83 -62.73 5.37
CA LEU D 190 12.77 -63.19 6.26
C LEU D 190 11.39 -62.82 5.75
N VAL D 191 11.21 -61.59 5.30
CA VAL D 191 9.88 -61.18 4.84
C VAL D 191 9.49 -61.73 3.48
N ARG D 192 10.42 -61.78 2.54
CA ARG D 192 10.14 -62.41 1.26
C ARG D 192 9.77 -63.88 1.46
N MET D 193 10.36 -64.51 2.46
CA MET D 193 9.94 -65.87 2.83
C MET D 193 8.49 -65.87 3.34
N ALA D 194 8.25 -65.11 4.40
CA ALA D 194 6.94 -65.09 5.01
C ALA D 194 5.92 -64.78 3.92
N ALA D 195 6.34 -63.97 2.95
CA ALA D 195 5.44 -63.57 1.86
C ALA D 195 5.16 -64.76 0.93
N THR D 196 6.19 -65.52 0.59
CA THR D 196 5.96 -66.63 -0.31
C THR D 196 5.02 -67.66 0.32
N GLN D 197 5.04 -67.80 1.64
CA GLN D 197 4.15 -68.74 2.33
C GLN D 197 2.71 -68.32 2.14
N ILE D 198 2.48 -67.01 2.17
CA ILE D 198 1.16 -66.43 1.93
C ILE D 198 0.69 -66.66 0.49
N ASP D 199 1.61 -66.50 -0.46
CA ASP D 199 1.31 -66.61 -1.89
C ASP D 199 0.88 -68.04 -2.22
N SER D 200 1.51 -69.02 -1.57
CA SER D 200 1.16 -70.42 -1.79
C SER D 200 0.02 -70.88 -0.88
N LEU D 201 -0.08 -70.26 0.29
CA LEU D 201 -1.15 -70.57 1.23
C LEU D 201 -2.51 -70.09 0.73
N CYS D 202 -2.51 -69.03 -0.08
CA CYS D 202 -3.74 -68.33 -0.43
C CYS D 202 -4.75 -69.15 -1.25
N PRO D 203 -4.36 -69.59 -2.46
CA PRO D 203 -5.25 -70.48 -3.22
C PRO D 203 -5.71 -71.69 -2.40
N GLN D 204 -4.96 -72.04 -1.35
CA GLN D 204 -5.29 -73.21 -0.56
C GLN D 204 -6.35 -72.89 0.48
N VAL D 205 -6.34 -71.67 0.99
CA VAL D 205 -7.46 -71.19 1.80
C VAL D 205 -8.72 -71.07 0.94
N ILE D 206 -8.54 -70.59 -0.28
CA ILE D 206 -9.63 -70.41 -1.23
C ILE D 206 -10.29 -71.75 -1.53
N ASN D 207 -9.48 -72.80 -1.68
CA ASN D 207 -10.01 -74.10 -2.02
C ASN D 207 -10.78 -74.67 -0.84
N ALA D 208 -10.19 -74.55 0.35
CA ALA D 208 -10.87 -74.97 1.57
C ALA D 208 -12.25 -74.35 1.60
N ALA D 209 -12.30 -73.08 1.24
CA ALA D 209 -13.56 -72.35 1.19
C ALA D 209 -14.53 -72.90 0.13
N LEU D 210 -14.00 -73.23 -1.05
CA LEU D 210 -14.84 -73.61 -2.19
C LEU D 210 -15.51 -74.97 -2.00
N THR D 211 -14.84 -75.90 -1.31
CA THR D 211 -15.45 -77.20 -1.03
C THR D 211 -16.42 -77.13 0.16
N LEU D 212 -16.04 -76.41 1.21
CA LEU D 212 -16.96 -76.10 2.31
C LEU D 212 -18.25 -75.49 1.80
N ALA D 213 -18.13 -74.62 0.81
CA ALA D 213 -19.31 -73.98 0.20
C ALA D 213 -20.26 -74.99 -0.47
N ALA D 214 -19.68 -75.89 -1.27
CA ALA D 214 -20.46 -76.83 -2.07
C ALA D 214 -20.82 -78.08 -1.27
N ARG D 215 -20.53 -78.06 0.02
CA ARG D 215 -21.13 -79.02 0.96
C ARG D 215 -20.91 -78.60 2.41
N PRO D 216 -21.59 -77.51 2.82
CA PRO D 216 -21.34 -76.85 4.08
C PRO D 216 -21.69 -77.69 5.29
N GLN D 217 -22.19 -78.90 5.09
CA GLN D 217 -22.65 -79.69 6.21
C GLN D 217 -21.55 -80.63 6.67
N SER D 218 -20.47 -80.70 5.88
CA SER D 218 -19.52 -81.81 5.95
C SER D 218 -18.43 -81.56 6.98
N LYS D 219 -18.47 -82.29 8.09
CA LYS D 219 -17.56 -82.04 9.22
C LYS D 219 -16.10 -81.94 8.78
N VAL D 220 -15.71 -82.85 7.90
CA VAL D 220 -14.42 -82.80 7.22
C VAL D 220 -14.10 -81.39 6.70
N ALA D 221 -14.96 -80.89 5.83
CA ALA D 221 -14.74 -79.61 5.18
C ALA D 221 -14.51 -78.49 6.18
N GLN D 222 -15.22 -78.52 7.32
CA GLN D 222 -15.07 -77.53 8.38
C GLN D 222 -13.72 -77.59 9.09
N ASP D 223 -13.41 -78.77 9.62
CA ASP D 223 -12.11 -79.02 10.23
C ASP D 223 -11.05 -78.46 9.31
N ASN D 224 -11.14 -78.77 8.02
CA ASN D 224 -10.10 -78.40 7.07
C ASN D 224 -10.04 -76.87 6.85
N MET D 225 -11.22 -76.25 6.81
CA MET D 225 -11.32 -74.79 6.82
C MET D 225 -10.77 -74.19 8.11
N ASP D 226 -10.96 -74.88 9.23
CA ASP D 226 -10.42 -74.43 10.51
C ASP D 226 -8.90 -74.51 10.52
N VAL D 227 -8.37 -75.64 10.06
CA VAL D 227 -6.94 -75.81 9.87
C VAL D 227 -6.38 -74.63 9.07
N PHE D 228 -6.91 -74.41 7.88
CA PHE D 228 -6.33 -73.42 7.00
C PHE D 228 -6.55 -72.00 7.56
N LYS D 229 -7.71 -71.80 8.19
CA LYS D 229 -8.00 -70.57 8.92
C LYS D 229 -6.91 -70.24 9.94
N ASP D 230 -6.74 -71.13 10.92
CA ASP D 230 -5.75 -70.91 11.98
C ASP D 230 -4.33 -70.70 11.45
N GLN D 231 -3.97 -71.47 10.43
CA GLN D 231 -2.70 -71.30 9.73
C GLN D 231 -2.61 -69.93 9.04
N TRP D 232 -3.73 -69.46 8.52
CA TRP D 232 -3.75 -68.17 7.83
C TRP D 232 -3.47 -67.05 8.81
N GLU D 233 -4.34 -66.86 9.79
CA GLU D 233 -4.07 -65.88 10.83
C GLU D 233 -2.59 -65.94 11.21
N LYS D 234 -2.12 -67.14 11.56
CA LYS D 234 -0.75 -67.31 12.02
C LYS D 234 0.23 -66.66 11.07
N GLN D 235 0.07 -66.95 9.78
CA GLN D 235 1.11 -66.64 8.79
C GLN D 235 1.06 -65.18 8.42
N VAL D 236 -0.11 -64.59 8.65
CA VAL D 236 -0.29 -63.16 8.43
C VAL D 236 0.47 -62.38 9.51
N ARG D 237 0.42 -62.90 10.74
CA ARG D 237 1.11 -62.30 11.87
C ARG D 237 2.60 -62.50 11.73
N VAL D 238 3.00 -63.64 11.18
CA VAL D 238 4.42 -63.86 10.91
C VAL D 238 4.91 -62.76 9.96
N LEU D 239 4.13 -62.47 8.93
CA LEU D 239 4.52 -61.52 7.91
C LEU D 239 4.45 -60.08 8.44
N THR D 240 3.35 -59.76 9.11
CA THR D 240 3.26 -58.55 9.91
C THR D 240 4.54 -58.27 10.68
N GLU D 241 4.94 -59.23 11.50
CA GLU D 241 6.09 -59.05 12.36
C GLU D 241 7.34 -58.89 11.51
N ALA D 242 7.41 -59.63 10.41
CA ALA D 242 8.59 -59.58 9.56
C ALA D 242 8.72 -58.17 9.00
N VAL D 243 7.58 -57.60 8.64
CA VAL D 243 7.57 -56.29 8.03
C VAL D 243 7.95 -55.24 9.06
N ASP D 244 7.39 -55.38 10.27
CA ASP D 244 7.73 -54.49 11.35
C ASP D 244 9.25 -54.48 11.52
N ASP D 245 9.87 -55.65 11.33
CA ASP D 245 11.24 -55.91 11.73
C ASP D 245 12.20 -55.18 10.80
N ILE D 246 11.75 -54.84 9.59
CA ILE D 246 12.56 -54.03 8.67
C ILE D 246 12.04 -52.61 8.50
N THR D 247 11.18 -52.18 9.42
CA THR D 247 10.64 -50.81 9.42
C THR D 247 11.14 -50.06 10.65
N SER D 248 11.61 -48.83 10.45
CA SER D 248 12.14 -48.08 11.56
C SER D 248 10.96 -47.65 12.41
N VAL D 249 11.06 -47.84 13.72
CA VAL D 249 9.99 -47.40 14.62
C VAL D 249 9.79 -45.89 14.56
N ASP D 250 10.78 -45.20 14.01
CA ASP D 250 10.81 -43.76 13.93
C ASP D 250 9.85 -43.25 12.85
N ASP D 251 9.86 -43.91 11.71
CA ASP D 251 8.88 -43.65 10.70
C ASP D 251 7.53 -44.18 11.13
N PHE D 252 7.50 -45.33 11.77
CA PHE D 252 6.23 -45.87 12.20
C PHE D 252 5.50 -44.87 13.07
N LEU D 253 6.20 -44.35 14.07
CA LEU D 253 5.64 -43.37 14.98
C LEU D 253 5.12 -42.12 14.24
N SER D 254 5.92 -41.58 13.33
CA SER D 254 5.60 -40.28 12.80
C SER D 254 4.47 -40.36 11.78
N VAL D 255 4.40 -41.46 11.06
CA VAL D 255 3.29 -41.61 10.13
C VAL D 255 1.99 -41.94 10.87
N SER D 256 2.08 -42.72 11.93
CA SER D 256 0.90 -43.06 12.73
C SER D 256 0.32 -41.79 13.32
N GLU D 257 1.19 -40.94 13.85
CA GLU D 257 0.76 -39.61 14.27
C GLU D 257 -0.01 -38.87 13.17
N ASN D 258 0.56 -38.78 11.96
CA ASN D 258 -0.16 -38.10 10.87
C ASN D 258 -1.48 -38.77 10.58
N HIS D 259 -1.51 -40.10 10.64
CA HIS D 259 -2.71 -40.78 10.24
C HIS D 259 -3.81 -40.57 11.26
N ILE D 260 -3.46 -40.71 12.55
CA ILE D 260 -4.43 -40.48 13.61
C ILE D 260 -5.07 -39.09 13.58
N LEU D 261 -4.26 -38.05 13.35
CA LEU D 261 -4.82 -36.73 13.10
C LEU D 261 -5.77 -36.66 11.90
N GLU D 262 -5.42 -37.32 10.80
CA GLU D 262 -6.34 -37.44 9.66
C GLU D 262 -7.64 -38.14 10.08
N ASP D 263 -7.54 -39.24 10.81
CA ASP D 263 -8.73 -39.97 11.21
C ASP D 263 -9.60 -39.09 12.09
N VAL D 264 -8.96 -38.38 13.02
CA VAL D 264 -9.70 -37.48 13.89
C VAL D 264 -10.51 -36.49 13.05
N ASN D 265 -9.87 -35.87 12.06
CA ASN D 265 -10.56 -34.86 11.23
C ASN D 265 -11.81 -35.48 10.63
N LYS D 266 -11.72 -36.78 10.33
CA LYS D 266 -12.75 -37.44 9.59
C LYS D 266 -13.88 -37.78 10.53
N CYS D 267 -13.54 -38.17 11.75
CA CYS D 267 -14.55 -38.43 12.76
C CYS D 267 -15.34 -37.16 13.05
N VAL D 268 -14.62 -36.03 13.08
CA VAL D 268 -15.21 -34.76 13.40
C VAL D 268 -16.22 -34.45 12.30
N ILE D 269 -15.83 -34.71 11.05
CA ILE D 269 -16.76 -34.47 9.96
C ILE D 269 -17.93 -35.42 10.08
N ALA D 270 -17.63 -36.68 10.41
CA ALA D 270 -18.68 -37.68 10.60
C ALA D 270 -19.68 -37.19 11.61
N LEU D 271 -19.18 -36.49 12.60
CA LEU D 271 -20.00 -36.01 13.68
C LEU D 271 -20.84 -34.82 13.22
N GLN D 272 -20.19 -33.88 12.53
CA GLN D 272 -20.92 -32.82 11.85
C GLN D 272 -22.09 -33.35 11.05
N GLU D 273 -21.88 -34.49 10.39
CA GLU D 273 -22.86 -35.01 9.44
C GLU D 273 -23.83 -36.01 10.06
N GLY D 274 -23.71 -36.26 11.35
CA GLY D 274 -24.56 -37.26 12.01
C GLY D 274 -24.34 -38.69 11.53
N ASP D 275 -23.15 -39.00 11.03
CA ASP D 275 -22.93 -40.16 10.17
C ASP D 275 -22.28 -41.31 10.97
N VAL D 276 -23.07 -42.25 11.45
CA VAL D 276 -22.58 -43.16 12.48
C VAL D 276 -21.74 -44.26 11.91
N ASP D 277 -22.12 -44.78 10.75
CA ASP D 277 -21.27 -45.74 10.02
C ASP D 277 -19.81 -45.21 9.84
N THR D 278 -19.65 -43.97 9.34
CA THR D 278 -18.33 -43.47 9.05
C THR D 278 -17.60 -43.24 10.37
N LEU D 279 -18.34 -42.69 11.34
CA LEU D 279 -17.77 -42.45 12.65
C LEU D 279 -17.24 -43.77 13.24
N ASP D 280 -18.10 -44.76 13.33
CA ASP D 280 -17.75 -46.08 13.83
C ASP D 280 -16.52 -46.64 13.13
N ARG D 281 -16.54 -46.64 11.81
CA ARG D 281 -15.48 -47.26 11.03
C ARG D 281 -14.13 -46.51 11.22
N THR D 282 -14.20 -45.18 11.26
CA THR D 282 -13.01 -44.36 11.39
C THR D 282 -12.46 -44.39 12.81
N ALA D 283 -13.35 -44.36 13.80
CA ALA D 283 -12.96 -44.57 15.19
C ALA D 283 -12.24 -45.91 15.34
N GLY D 284 -12.80 -46.95 14.74
CA GLY D 284 -12.15 -48.26 14.72
C GLY D 284 -10.72 -48.21 14.18
N ALA D 285 -10.49 -47.36 13.17
CA ALA D 285 -9.20 -47.30 12.53
C ALA D 285 -8.21 -46.58 13.45
N ILE D 286 -8.66 -45.50 14.08
CA ILE D 286 -7.89 -44.90 15.16
C ILE D 286 -7.47 -45.95 16.22
N ARG D 287 -8.42 -46.73 16.72
CA ARG D 287 -8.07 -47.72 17.70
C ARG D 287 -7.09 -48.73 17.12
N GLY D 288 -7.31 -49.10 15.85
CA GLY D 288 -6.44 -50.08 15.23
C GLY D 288 -5.00 -49.60 15.24
N ARG D 289 -4.82 -48.34 14.86
CA ARG D 289 -3.51 -47.76 14.64
C ARG D 289 -2.78 -47.62 15.99
N ALA D 290 -3.50 -47.09 16.97
CA ALA D 290 -2.98 -47.01 18.31
C ALA D 290 -2.47 -48.41 18.74
N ALA D 291 -3.32 -49.40 18.59
CA ALA D 291 -2.96 -50.78 18.91
C ALA D 291 -1.68 -51.20 18.18
N ARG D 292 -1.56 -50.83 16.91
CA ARG D 292 -0.37 -51.19 16.15
C ARG D 292 0.92 -50.57 16.65
N VAL D 293 0.92 -49.29 17.01
CA VAL D 293 2.15 -48.68 17.55
C VAL D 293 2.52 -49.34 18.86
N ILE D 294 1.52 -49.61 19.70
CA ILE D 294 1.77 -50.31 20.95
C ILE D 294 2.37 -51.68 20.70
N HIS D 295 1.91 -52.35 19.64
CA HIS D 295 2.48 -53.64 19.27
C HIS D 295 3.96 -53.48 18.94
N ILE D 296 4.27 -52.56 18.03
CA ILE D 296 5.62 -52.49 17.47
C ILE D 296 6.60 -51.86 18.44
N ILE D 297 6.16 -50.85 19.16
CA ILE D 297 6.95 -50.28 20.23
C ILE D 297 7.27 -51.31 21.30
N ASN D 298 6.26 -52.02 21.80
CA ASN D 298 6.55 -53.07 22.76
C ASN D 298 7.60 -54.05 22.25
N ALA D 299 7.44 -54.49 21.01
CA ALA D 299 8.39 -55.42 20.41
C ALA D 299 9.80 -54.80 20.29
N GLU D 300 9.87 -53.51 19.96
CA GLU D 300 11.15 -52.83 19.86
C GLU D 300 11.85 -52.80 21.21
N MET D 301 11.10 -52.62 22.28
CA MET D 301 11.69 -52.50 23.60
C MET D 301 12.38 -53.77 24.12
N GLU D 302 12.06 -54.93 23.54
CA GLU D 302 12.73 -56.17 23.90
C GLU D 302 14.12 -56.25 23.31
N ASN D 303 14.43 -55.33 22.40
CA ASN D 303 15.79 -55.21 21.89
C ASN D 303 16.75 -54.53 22.87
N TYR D 304 16.24 -54.01 23.98
CA TYR D 304 17.04 -53.16 24.84
C TYR D 304 17.06 -53.71 26.25
N GLU D 305 18.20 -53.62 26.92
CA GLU D 305 18.28 -54.05 28.30
C GLU D 305 17.33 -53.22 29.14
N ALA D 306 16.62 -53.88 30.05
CA ALA D 306 15.59 -53.23 30.85
C ALA D 306 16.19 -52.19 31.79
N GLY D 307 15.62 -50.99 31.82
CA GLY D 307 16.14 -49.90 32.63
C GLY D 307 15.33 -48.64 32.37
N VAL D 308 15.85 -47.50 32.80
CA VAL D 308 15.09 -46.27 32.79
C VAL D 308 14.45 -45.98 31.44
N TYR D 309 15.20 -46.22 30.38
CA TYR D 309 14.68 -46.00 29.03
C TYR D 309 13.44 -46.86 28.77
N THR D 310 13.60 -48.19 28.86
CA THR D 310 12.48 -49.11 28.61
C THR D 310 11.29 -48.88 29.56
N GLU D 311 11.57 -48.39 30.76
CA GLU D 311 10.51 -48.20 31.73
C GLU D 311 9.60 -47.02 31.36
N LYS D 312 10.17 -45.95 30.86
CA LYS D 312 9.35 -44.81 30.57
C LYS D 312 8.57 -44.97 29.26
N VAL D 313 9.18 -45.69 28.30
CA VAL D 313 8.44 -46.11 27.11
C VAL D 313 7.28 -47.05 27.46
N LEU D 314 7.55 -48.05 28.28
CA LEU D 314 6.54 -49.05 28.58
C LEU D 314 5.43 -48.48 29.46
N GLU D 315 5.78 -47.49 30.27
CA GLU D 315 4.78 -46.85 31.10
C GLU D 315 3.85 -45.97 30.24
N ALA D 316 4.42 -45.24 29.29
CA ALA D 316 3.61 -44.45 28.38
C ALA D 316 2.74 -45.38 27.51
N THR D 317 3.29 -46.52 27.18
CA THR D 317 2.54 -47.49 26.40
C THR D 317 1.36 -48.07 27.19
N LYS D 318 1.58 -48.36 28.46
CA LYS D 318 0.53 -48.93 29.29
C LYS D 318 -0.59 -47.90 29.45
N LEU D 319 -0.20 -46.63 29.57
CA LEU D 319 -1.13 -45.52 29.77
C LEU D 319 -2.09 -45.36 28.61
N LEU D 320 -1.55 -45.19 27.40
CA LEU D 320 -2.36 -45.14 26.19
C LEU D 320 -3.29 -46.34 26.19
N SER D 321 -2.75 -47.49 26.62
CA SER D 321 -3.48 -48.73 26.51
C SER D 321 -4.57 -48.88 27.55
N GLU D 322 -4.30 -48.40 28.76
CA GLU D 322 -5.00 -48.91 29.94
C GLU D 322 -6.01 -47.88 30.37
N THR D 323 -5.85 -46.68 29.83
CA THR D 323 -6.63 -45.53 30.26
C THR D 323 -7.18 -44.75 29.06
N VAL D 324 -6.29 -44.25 28.21
CA VAL D 324 -6.64 -43.39 27.10
C VAL D 324 -7.52 -44.11 26.07
N MET D 325 -7.10 -45.28 25.59
CA MET D 325 -7.87 -45.96 24.54
C MET D 325 -9.32 -46.26 24.95
N PRO D 326 -9.54 -46.86 26.14
CA PRO D 326 -10.91 -47.15 26.57
C PRO D 326 -11.73 -45.87 26.73
N ARG D 327 -11.12 -44.85 27.33
CA ARG D 327 -11.77 -43.55 27.44
C ARG D 327 -12.18 -42.98 26.06
N PHE D 328 -11.40 -43.25 25.03
CA PHE D 328 -11.77 -42.90 23.67
C PHE D 328 -12.93 -43.76 23.18
N ALA D 329 -12.77 -45.08 23.27
CA ALA D 329 -13.84 -46.01 22.90
C ALA D 329 -15.18 -45.63 23.49
N GLU D 330 -15.21 -45.31 24.78
CA GLU D 330 -16.46 -44.97 25.43
C GLU D 330 -17.02 -43.72 24.76
N GLN D 331 -16.21 -42.69 24.62
CA GLN D 331 -16.70 -41.43 24.09
C GLN D 331 -17.29 -41.63 22.70
N VAL D 332 -16.83 -42.65 22.00
CA VAL D 332 -17.37 -42.95 20.69
C VAL D 332 -18.71 -43.65 20.80
N GLU D 333 -18.82 -44.58 21.73
CA GLU D 333 -20.12 -45.15 22.06
C GLU D 333 -21.16 -44.10 22.38
N VAL D 334 -20.75 -43.08 23.13
CA VAL D 334 -21.69 -42.09 23.63
C VAL D 334 -22.25 -41.28 22.45
N ALA D 335 -21.34 -40.83 21.60
CA ALA D 335 -21.72 -40.19 20.36
C ALA D 335 -22.56 -41.10 19.47
N ILE D 336 -22.12 -42.33 19.23
CA ILE D 336 -22.90 -43.25 18.39
C ILE D 336 -24.33 -43.44 18.89
N GLU D 337 -24.48 -43.52 20.21
CA GLU D 337 -25.78 -43.74 20.84
C GLU D 337 -26.65 -42.50 20.65
N ALA D 338 -26.05 -41.34 20.87
CA ALA D 338 -26.77 -40.07 20.80
C ALA D 338 -27.26 -39.75 19.39
N LEU D 339 -26.53 -40.21 18.37
CA LEU D 339 -26.99 -40.02 16.99
C LEU D 339 -27.91 -41.14 16.52
N SER D 340 -27.84 -42.30 17.17
CA SER D 340 -28.57 -43.45 16.70
C SER D 340 -30.05 -43.39 17.05
N ALA D 341 -30.45 -42.39 17.84
CA ALA D 341 -31.87 -42.11 18.04
C ALA D 341 -32.13 -40.61 18.18
N ASN D 342 -32.60 -39.99 17.11
CA ASN D 342 -32.88 -38.54 17.06
C ASN D 342 -31.65 -37.64 17.21
N GLU D 348 -22.18 -34.12 22.91
CA GLU D 348 -20.89 -34.16 23.61
C GLU D 348 -19.71 -34.03 22.63
N GLU D 349 -19.76 -33.01 21.79
CA GLU D 349 -18.65 -32.77 20.88
C GLU D 349 -17.31 -32.45 21.59
N ASN D 350 -17.39 -31.61 22.63
CA ASN D 350 -16.21 -31.27 23.42
C ASN D 350 -15.49 -32.50 23.96
N GLU D 351 -16.27 -33.47 24.45
CA GLU D 351 -15.70 -34.65 25.06
C GLU D 351 -15.03 -35.51 24.01
N PHE D 352 -15.65 -35.60 22.84
CA PHE D 352 -15.04 -36.38 21.77
C PHE D 352 -13.73 -35.77 21.29
N ILE D 353 -13.71 -34.45 21.13
CA ILE D 353 -12.50 -33.80 20.67
C ILE D 353 -11.40 -34.00 21.72
N ASP D 354 -11.76 -33.80 22.98
CA ASP D 354 -10.82 -34.02 24.07
C ASP D 354 -10.20 -35.43 24.10
N ALA D 355 -11.02 -36.44 23.95
CA ALA D 355 -10.53 -37.80 24.03
C ALA D 355 -9.67 -38.15 22.84
N SER D 356 -9.96 -37.54 21.69
CA SER D 356 -9.16 -37.77 20.50
C SER D 356 -7.80 -37.10 20.59
N ARG D 357 -7.77 -35.92 21.20
CA ARG D 357 -6.51 -35.26 21.45
C ARG D 357 -5.63 -36.10 22.38
N LEU D 358 -6.27 -36.76 23.34
CA LEU D 358 -5.56 -37.55 24.32
C LEU D 358 -4.97 -38.77 23.63
N VAL D 359 -5.68 -39.31 22.65
CA VAL D 359 -5.16 -40.48 21.93
C VAL D 359 -3.91 -40.06 21.19
N TYR D 360 -3.99 -38.92 20.50
CA TYR D 360 -2.85 -38.42 19.75
C TYR D 360 -1.72 -37.99 20.67
N ASP D 361 -2.05 -37.25 21.71
CA ASP D 361 -1.05 -36.87 22.69
C ASP D 361 -0.43 -38.14 23.31
N GLY D 362 -1.30 -39.07 23.70
CA GLY D 362 -0.87 -40.35 24.22
C GLY D 362 0.21 -40.95 23.33
N VAL D 363 -0.02 -40.90 22.02
CA VAL D 363 0.94 -41.43 21.07
C VAL D 363 2.21 -40.58 21.00
N ARG D 364 2.07 -39.26 21.11
CA ARG D 364 3.21 -38.35 21.11
C ARG D 364 4.12 -38.64 22.32
N ASP D 365 3.52 -38.97 23.44
CA ASP D 365 4.28 -39.31 24.64
C ASP D 365 5.08 -40.58 24.41
N ILE D 366 4.47 -41.56 23.76
CA ILE D 366 5.21 -42.76 23.47
C ILE D 366 6.44 -42.42 22.63
N ARG D 367 6.23 -41.60 21.61
CA ARG D 367 7.28 -41.33 20.67
C ARG D 367 8.38 -40.51 21.32
N LYS D 368 7.97 -39.55 22.12
CA LYS D 368 8.93 -38.78 22.91
C LYS D 368 9.79 -39.69 23.77
N ALA D 369 9.20 -40.73 24.36
CA ALA D 369 9.98 -41.63 25.20
C ALA D 369 10.88 -42.51 24.35
N VAL D 370 10.38 -42.92 23.19
CA VAL D 370 11.18 -43.77 22.31
C VAL D 370 12.44 -43.08 21.82
N LEU D 371 12.36 -41.76 21.67
CA LEU D 371 13.42 -40.98 21.03
C LEU D 371 14.25 -40.18 22.03
N MET D 372 13.90 -40.26 23.31
CA MET D 372 14.57 -39.46 24.32
C MET D 372 16.01 -39.92 24.45
N ILE D 373 16.91 -38.98 24.64
CA ILE D 373 18.30 -39.30 24.88
C ILE D 373 18.78 -38.48 26.07
N ARG D 374 20.08 -38.53 26.33
CA ARG D 374 20.76 -37.40 26.95
C ARG D 374 22.23 -37.40 26.55
#